data_3RPU
#
_entry.id   3RPU
#
_cell.length_a   149.890
_cell.length_b   149.890
_cell.length_c   738.551
_cell.angle_alpha   90.00
_cell.angle_beta   90.00
_cell.angle_gamma   120.00
#
_symmetry.space_group_name_H-M   'P 65 2 2'
#
loop_
_entity.id
_entity.type
_entity.pdbx_description
1 polymer 'Chromosome partition protein mukF'
2 polymer 'Chromosome partition protein mukE'
3 water water
#
loop_
_entity_poly.entity_id
_entity_poly.type
_entity_poly.pdbx_seq_one_letter_code
_entity_poly.pdbx_strand_id
1 'polypeptide(L)'
;MGSSHHHHHHSSGLVPRGSHMSEFSQTVPELVAWARKNDFSISLPVDRLSFLLAVATLNGERLDGEMSEGELVDAFRHVS
DAFEQTSETIGVRANNAINDMVRQRLLNRFTSEQAEGNAIYRLTPLGIGITDYYIRQREFSTLRLSMQLSIVAGELKRAA
DAAEEGGDEFHWHRNVYAPLKYSVAEIFDSIDLTQRLMDEQQQQVKDDIAQLLNKDWRAAISSCELLLSETSGTLRELQD
TLEAAGDKLQANLLRIQDATMTHDDLHFVDRLVFDLQSKLDRIISWGQQSIDLWIGYDRHVHKFIRTAIDMDKNRVFAQR
LRQSVQTYFDEPWALTYANADRLLDMRDEEMALRDEEVTGELPEDLEYEEFNEIREQLAAIIEEQLAVYKTRQVPLDLGL
VVREYLSQYPRARHFDVARIVIDQAVRLGVAQADFTGLPAKWQPINDYGAKVQAHVIDKY
;
A,B,X
2 'polypeptide(L)'
;MGSSHHHHHHSSGLVPRGSHMPVKLAQALANPLFPALDSALRSGRHIGLDELDNHAFLMDFQEYLEEFYARYNVELIRAP
EGFFYLRPRSTTLIPRSVLSELDMMVGKILCYLYLSPERLANEGIFTQQELYDELLTLADEAKLLKLVNNRSTGSDVDRQ
KLQEKVRSSLNRLRRLGMVWFMGHDSSKFRITESVFRFGADVRAGDDPREAQRRLIRDGEAMPIENHLQLNDETEENQPD
SGEEE
;
G,H,D,E,Y,Z
#
# COMPACT_ATOMS: atom_id res chain seq x y z
N THR A 27 10.06 -14.29 -3.04
CA THR A 27 10.15 -12.87 -3.33
C THR A 27 10.09 -12.00 -2.06
N VAL A 28 8.92 -11.90 -1.41
CA VAL A 28 8.73 -11.01 -0.25
C VAL A 28 9.54 -11.36 1.02
N PRO A 29 9.56 -12.63 1.43
CA PRO A 29 10.50 -13.10 2.45
C PRO A 29 11.97 -13.19 1.95
N GLU A 30 12.10 -13.60 0.69
CA GLU A 30 13.38 -13.84 0.03
C GLU A 30 14.32 -12.65 -0.06
N LEU A 31 13.80 -11.45 -0.32
CA LEU A 31 14.60 -10.23 -0.29
C LEU A 31 15.18 -10.06 1.12
N VAL A 32 14.33 -10.20 2.14
CA VAL A 32 14.81 -10.15 3.52
C VAL A 32 15.96 -11.14 3.66
N ALA A 33 15.83 -12.31 3.04
CA ALA A 33 16.93 -13.28 3.01
C ALA A 33 18.16 -12.72 2.26
N TRP A 34 17.93 -11.81 1.32
CA TRP A 34 19.03 -11.17 0.61
C TRP A 34 19.77 -10.18 1.52
N ALA A 35 19.06 -9.59 2.48
CA ALA A 35 19.60 -8.51 3.33
C ALA A 35 20.64 -8.95 4.37
N ARG A 36 20.33 -9.99 5.12
CA ARG A 36 21.19 -10.50 6.18
C ARG A 36 22.38 -11.27 5.58
N LYS A 37 22.28 -11.57 4.30
CA LYS A 37 23.33 -12.24 3.54
C LYS A 37 24.54 -11.32 3.34
N ASN A 38 24.27 -10.05 3.01
CA ASN A 38 25.33 -9.07 2.81
C ASN A 38 25.61 -8.20 4.06
N ASP A 39 24.95 -8.50 5.17
CA ASP A 39 25.17 -7.76 6.41
C ASP A 39 25.15 -6.27 6.11
N PHE A 40 24.12 -5.82 5.40
CA PHE A 40 23.93 -4.39 5.17
C PHE A 40 23.44 -3.79 6.45
N SER A 41 24.22 -2.87 6.97
CA SER A 41 23.89 -2.29 8.25
C SER A 41 24.31 -0.87 8.13
N ILE A 42 23.48 0.03 8.59
CA ILE A 42 23.86 1.41 8.58
C ILE A 42 23.91 1.90 10.02
N SER A 43 25.12 2.12 10.53
CA SER A 43 25.23 2.58 11.90
C SER A 43 25.75 4.00 11.90
N LEU A 44 24.91 4.93 12.31
CA LEU A 44 25.32 6.32 12.28
C LEU A 44 24.87 7.06 13.51
N PRO A 45 25.50 6.75 14.66
CA PRO A 45 25.11 7.46 15.87
C PRO A 45 25.37 8.95 15.64
N VAL A 46 25.09 9.81 16.61
CA VAL A 46 25.27 11.26 16.39
C VAL A 46 26.66 11.60 15.76
N ASP A 47 27.70 10.83 16.12
CA ASP A 47 29.08 11.11 15.70
C ASP A 47 29.43 10.88 14.22
N ARG A 48 29.39 9.61 13.79
CA ARG A 48 29.63 9.23 12.39
C ARG A 48 28.80 10.11 11.47
N LEU A 49 27.56 10.32 11.86
CA LEU A 49 26.64 11.17 11.14
C LEU A 49 27.20 12.59 10.99
N SER A 50 27.52 13.25 12.11
CA SER A 50 28.08 14.61 12.09
C SER A 50 29.29 14.69 11.15
N PHE A 51 30.06 13.60 11.18
CA PHE A 51 31.21 13.40 10.29
C PHE A 51 30.80 13.37 8.83
N LEU A 52 29.75 12.62 8.51
CA LEU A 52 29.30 12.50 7.13
C LEU A 52 28.82 13.87 6.65
N LEU A 53 28.13 14.59 7.53
CA LEU A 53 27.60 15.92 7.24
C LEU A 53 28.66 16.98 7.00
N ALA A 54 29.75 16.89 7.76
CA ALA A 54 30.93 17.71 7.52
C ALA A 54 31.54 17.38 6.14
N VAL A 55 31.86 16.09 5.94
CA VAL A 55 32.42 15.60 4.67
C VAL A 55 31.58 16.07 3.48
N ALA A 56 30.29 16.22 3.73
CA ALA A 56 29.34 16.66 2.73
C ALA A 56 29.40 18.18 2.58
N THR A 57 29.59 18.89 3.70
CA THR A 57 29.75 20.35 3.69
C THR A 57 30.94 20.87 2.83
N LEU A 58 32.07 20.13 2.84
CA LEU A 58 33.23 20.51 1.99
C LEU A 58 33.16 19.98 0.51
N ASN A 59 32.49 18.84 0.37
CA ASN A 59 32.27 18.11 -0.90
C ASN A 59 31.12 18.72 -1.71
N MET A 67 37.83 15.92 -4.27
CA MET A 67 38.37 15.59 -2.95
C MET A 67 39.25 14.32 -2.92
N SER A 68 39.70 13.90 -1.73
CA SER A 68 40.63 12.76 -1.52
C SER A 68 40.67 12.15 -0.09
N GLU A 69 41.58 11.18 0.12
CA GLU A 69 41.76 10.49 1.42
C GLU A 69 42.37 11.34 2.54
N GLY A 70 43.28 12.22 2.15
CA GLY A 70 43.91 13.11 3.10
C GLY A 70 42.87 14.08 3.62
N GLU A 71 42.19 14.73 2.70
CA GLU A 71 41.14 15.63 3.08
C GLU A 71 40.17 14.92 4.02
N LEU A 72 39.69 13.74 3.62
CA LEU A 72 38.80 12.85 4.43
C LEU A 72 39.26 12.69 5.88
N VAL A 73 40.60 12.53 6.04
CA VAL A 73 41.24 12.40 7.35
C VAL A 73 41.37 13.76 8.10
N ASP A 74 41.56 14.87 7.37
CA ASP A 74 41.55 16.20 7.98
C ASP A 74 40.19 16.43 8.59
N ALA A 75 39.18 16.11 7.79
CA ALA A 75 37.80 16.09 8.22
C ALA A 75 37.63 15.26 9.48
N PHE A 76 38.04 13.99 9.42
CA PHE A 76 37.87 13.16 10.59
C PHE A 76 38.63 13.75 11.78
N ARG A 77 39.59 14.63 11.51
CA ARG A 77 40.24 15.35 12.60
C ARG A 77 39.27 16.38 13.20
N HIS A 78 38.76 17.30 12.39
CA HIS A 78 37.83 18.29 12.91
C HIS A 78 36.66 17.67 13.68
N VAL A 79 36.24 16.49 13.24
CA VAL A 79 35.18 15.74 13.91
C VAL A 79 35.60 15.04 15.20
N SER A 80 36.69 14.28 15.18
CA SER A 80 37.10 13.63 16.40
C SER A 80 37.35 14.71 17.46
N ASP A 81 37.93 15.84 17.02
CA ASP A 81 38.24 16.98 17.90
C ASP A 81 37.00 17.71 18.46
N ALA A 82 36.02 18.02 17.62
CA ALA A 82 34.79 18.66 18.10
C ALA A 82 34.10 17.85 19.23
N PHE A 83 34.47 16.57 19.36
CA PHE A 83 34.04 15.75 20.49
C PHE A 83 35.07 15.78 21.62
N THR A 89 44.01 8.56 19.43
CA THR A 89 43.24 7.48 18.80
C THR A 89 42.54 7.97 17.55
N ILE A 90 43.00 9.10 17.02
CA ILE A 90 42.45 9.71 15.81
C ILE A 90 42.71 8.90 14.53
N GLY A 91 43.97 8.53 14.28
CA GLY A 91 44.32 7.76 13.09
C GLY A 91 43.56 6.46 12.90
N VAL A 92 43.62 5.59 13.91
CA VAL A 92 42.94 4.29 13.89
C VAL A 92 41.38 4.39 13.83
N ARG A 93 40.77 5.28 14.62
CA ARG A 93 39.31 5.49 14.59
C ARG A 93 38.88 6.14 13.28
N ALA A 94 39.81 6.83 12.61
CA ALA A 94 39.58 7.45 11.30
C ALA A 94 39.61 6.43 10.16
N ASN A 95 40.59 5.53 10.18
CA ASN A 95 40.61 4.43 9.22
C ASN A 95 39.45 3.46 9.49
N ASN A 96 39.07 3.29 10.75
CA ASN A 96 37.88 2.51 11.13
C ASN A 96 36.58 3.09 10.56
N ALA A 97 36.31 4.36 10.91
CA ALA A 97 35.22 5.11 10.30
C ALA A 97 35.30 4.88 8.80
N ILE A 98 36.35 5.37 8.14
CA ILE A 98 36.44 5.28 6.66
C ILE A 98 36.06 3.86 6.12
N ASN A 99 36.66 2.81 6.69
CA ASN A 99 36.38 1.42 6.29
C ASN A 99 34.90 0.97 6.44
N ASP A 100 34.29 1.22 7.60
CA ASP A 100 32.85 0.93 7.71
C ASP A 100 31.97 1.91 6.94
N MET A 101 32.59 2.97 6.41
CA MET A 101 31.92 3.83 5.44
C MET A 101 31.85 3.08 4.12
N VAL A 102 32.97 2.48 3.67
CA VAL A 102 32.96 1.77 2.37
C VAL A 102 32.33 0.35 2.35
N ARG A 103 32.28 -0.35 3.49
CA ARG A 103 31.51 -1.62 3.54
C ARG A 103 29.97 -1.39 3.43
N GLN A 104 29.45 -0.41 4.19
CA GLN A 104 28.04 0.02 4.21
C GLN A 104 27.59 0.76 2.94
N ARG A 105 28.51 0.93 2.00
CA ARG A 105 28.29 1.61 0.72
C ARG A 105 27.70 3.02 0.83
N LEU A 106 27.95 3.66 1.98
CA LEU A 106 27.82 5.11 2.14
C LEU A 106 28.78 5.88 1.22
N LEU A 107 29.95 5.26 0.99
CA LEU A 107 31.12 5.92 0.41
C LEU A 107 31.80 4.99 -0.61
N ASN A 108 31.87 5.46 -1.85
CA ASN A 108 32.62 4.80 -2.92
C ASN A 108 34.09 5.09 -2.67
N ARG A 109 35.00 4.34 -3.30
CA ARG A 109 36.42 4.64 -3.19
C ARG A 109 37.24 4.31 -4.43
N PHE A 110 38.18 5.20 -4.75
CA PHE A 110 39.15 4.93 -5.80
C PHE A 110 40.55 5.19 -5.24
N THR A 111 41.48 4.27 -5.44
CA THR A 111 42.85 4.48 -4.96
C THR A 111 43.62 5.28 -5.99
N SER A 112 44.06 6.47 -5.57
CA SER A 112 44.85 7.36 -6.41
C SER A 112 46.12 7.62 -5.63
N GLU A 113 47.26 7.26 -6.22
CA GLU A 113 48.56 7.38 -5.56
C GLU A 113 49.07 8.80 -5.66
N GLN A 114 48.71 9.43 -6.77
CA GLN A 114 49.06 10.81 -7.01
C GLN A 114 48.52 11.73 -5.92
N ALA A 115 47.65 11.17 -5.06
CA ALA A 115 46.88 11.95 -4.10
C ALA A 115 47.32 11.81 -2.65
N GLU A 116 47.19 12.91 -1.90
CA GLU A 116 47.56 12.93 -0.49
C GLU A 116 46.82 11.78 0.22
N GLY A 117 47.57 10.94 0.93
CA GLY A 117 47.03 9.74 1.55
C GLY A 117 47.04 8.49 0.68
N ASN A 118 47.25 8.69 -0.62
CA ASN A 118 47.19 7.67 -1.68
C ASN A 118 45.82 7.01 -1.98
N ALA A 119 44.78 7.85 -1.98
CA ALA A 119 43.42 7.41 -2.30
C ALA A 119 42.47 8.62 -2.27
N ILE A 120 41.31 8.47 -2.92
CA ILE A 120 40.29 9.52 -2.98
C ILE A 120 38.92 8.92 -2.71
N TYR A 121 38.05 9.71 -2.11
CA TYR A 121 36.79 9.19 -1.68
C TYR A 121 35.61 10.10 -2.11
N ARG A 122 34.74 9.59 -3.00
CA ARG A 122 33.46 10.24 -3.33
C ARG A 122 32.34 9.69 -2.44
N LEU A 123 31.14 10.26 -2.56
CA LEU A 123 29.99 9.75 -1.82
C LEU A 123 29.15 8.94 -2.78
N THR A 124 28.59 7.85 -2.27
CA THR A 124 27.72 7.04 -3.10
C THR A 124 26.36 7.68 -3.09
N PRO A 125 25.50 7.27 -4.04
CA PRO A 125 24.17 7.85 -4.01
C PRO A 125 23.62 7.88 -2.56
N LEU A 126 23.93 6.86 -1.76
CA LEU A 126 23.41 6.73 -0.40
C LEU A 126 23.91 7.82 0.57
N GLY A 127 25.18 8.13 0.46
CA GLY A 127 25.71 9.17 1.32
C GLY A 127 24.91 10.39 0.97
N ILE A 128 24.71 10.57 -0.33
CA ILE A 128 24.04 11.74 -0.85
C ILE A 128 22.63 11.88 -0.33
N GLY A 129 21.77 10.89 -0.53
CA GLY A 129 20.41 10.97 -0.05
C GLY A 129 20.41 11.34 1.42
N ILE A 130 21.12 10.55 2.24
CA ILE A 130 21.10 10.87 3.68
C ILE A 130 21.54 12.31 4.00
N THR A 131 22.59 12.78 3.31
CA THR A 131 23.17 14.10 3.58
C THR A 131 22.19 15.20 3.14
N ASP A 132 21.69 14.98 1.94
CA ASP A 132 20.68 15.81 1.35
C ASP A 132 19.57 16.02 2.38
N TYR A 133 19.00 14.96 2.96
CA TYR A 133 17.82 15.16 3.80
C TYR A 133 18.03 16.27 4.85
N TYR A 134 19.14 16.20 5.58
CA TYR A 134 19.45 17.13 6.68
C TYR A 134 19.97 18.49 6.24
N ILE A 135 20.54 18.56 5.03
CA ILE A 135 21.01 19.83 4.44
C ILE A 135 19.95 20.50 3.54
N ARG A 136 19.47 19.79 2.52
CA ARG A 136 18.62 20.41 1.49
C ARG A 136 17.53 21.29 2.12
N GLN A 137 17.36 22.47 1.55
CA GLN A 137 16.29 23.37 1.91
C GLN A 137 14.93 22.78 1.51
N ARG A 138 13.86 23.32 2.08
CA ARG A 138 12.52 22.90 1.71
C ARG A 138 12.23 23.26 0.25
N GLU A 139 11.57 22.39 -0.49
CA GLU A 139 11.07 22.80 -1.79
C GLU A 139 9.55 22.83 -1.71
N PHE A 140 9.00 24.01 -1.41
CA PHE A 140 7.53 24.14 -1.29
C PHE A 140 6.82 24.97 -2.35
N SER A 141 7.65 25.57 -3.21
CA SER A 141 7.25 26.60 -4.15
C SER A 141 6.31 26.01 -5.17
N THR A 142 5.12 26.60 -5.22
CA THR A 142 4.11 26.24 -6.18
C THR A 142 4.68 26.55 -7.55
N LEU A 143 5.63 27.46 -7.63
CA LEU A 143 6.25 27.75 -8.91
C LEU A 143 7.04 26.54 -9.39
N ARG A 144 7.69 25.85 -8.45
CA ARG A 144 8.53 24.71 -8.77
C ARG A 144 7.72 23.55 -9.29
N LEU A 145 6.65 23.22 -8.56
CA LEU A 145 5.69 22.21 -8.99
C LEU A 145 5.02 22.59 -10.32
N SER A 146 4.78 23.88 -10.53
CA SER A 146 4.25 24.35 -11.80
C SER A 146 5.23 23.98 -12.91
N MET A 147 6.48 24.40 -12.75
CA MET A 147 7.53 24.15 -13.73
C MET A 147 7.75 22.66 -14.02
N GLN A 148 7.79 21.84 -12.96
CA GLN A 148 7.89 20.39 -13.07
C GLN A 148 6.75 19.78 -13.86
N LEU A 149 5.50 20.06 -13.48
CA LEU A 149 4.33 19.60 -14.25
C LEU A 149 4.34 20.04 -15.74
N SER A 150 4.81 21.26 -16.02
CA SER A 150 4.99 21.73 -17.40
C SER A 150 6.01 20.84 -18.15
N ILE A 151 7.20 20.75 -17.59
CA ILE A 151 8.19 19.82 -18.09
C ILE A 151 7.64 18.38 -18.31
N VAL A 152 6.85 17.83 -17.39
CA VAL A 152 6.33 16.47 -17.63
C VAL A 152 5.33 16.51 -18.76
N ALA A 153 4.52 17.56 -18.81
CA ALA A 153 3.50 17.69 -19.85
C ALA A 153 4.17 17.54 -21.19
N GLY A 154 5.19 18.36 -21.44
CA GLY A 154 5.94 18.23 -22.66
C GLY A 154 6.45 16.80 -22.83
N GLU A 155 7.29 16.32 -21.92
CA GLU A 155 7.98 15.04 -22.14
C GLU A 155 7.01 13.93 -22.50
N LEU A 156 5.92 13.88 -21.75
CA LEU A 156 4.81 12.96 -21.96
C LEU A 156 4.12 13.12 -23.29
N LYS A 157 3.82 14.36 -23.67
CA LYS A 157 3.13 14.62 -24.93
C LYS A 157 3.96 14.11 -26.07
N ARG A 158 5.21 14.53 -26.11
CA ARG A 158 6.12 14.09 -27.15
C ARG A 158 6.19 12.58 -27.17
N ALA A 159 6.41 12.00 -26.00
CA ALA A 159 6.51 10.55 -25.92
C ALA A 159 5.33 9.93 -26.64
N ALA A 160 4.15 10.49 -26.43
CA ALA A 160 2.93 10.00 -27.06
C ALA A 160 2.89 10.20 -28.57
N ASP A 161 3.06 11.43 -29.05
CA ASP A 161 3.06 11.63 -30.49
C ASP A 161 3.97 10.57 -31.11
N ALA A 162 5.18 10.50 -30.57
CA ALA A 162 6.18 9.55 -31.04
C ALA A 162 5.85 8.09 -30.79
N ALA A 163 4.88 7.82 -29.94
CA ALA A 163 4.48 6.43 -29.69
C ALA A 163 3.52 6.06 -30.77
N GLU A 164 2.75 7.03 -31.21
CA GLU A 164 1.76 6.65 -32.19
C GLU A 164 2.22 6.88 -33.60
N GLU A 165 3.44 7.36 -33.80
CA GLU A 165 3.94 7.53 -35.16
C GLU A 165 4.77 6.37 -35.67
N GLY A 166 4.85 5.32 -34.86
CA GLY A 166 5.43 4.05 -35.27
C GLY A 166 6.93 4.18 -35.47
N GLY A 167 7.63 3.05 -35.56
CA GLY A 167 9.06 3.10 -35.86
C GLY A 167 9.82 1.84 -35.45
N ASP A 168 11.14 1.82 -35.67
CA ASP A 168 11.97 0.64 -35.36
C ASP A 168 12.18 0.45 -33.86
N GLU A 169 13.03 -0.47 -33.45
CA GLU A 169 13.39 -0.50 -32.03
C GLU A 169 13.87 0.84 -31.56
N PHE A 170 14.79 1.43 -32.31
CA PHE A 170 15.33 2.72 -31.95
C PHE A 170 14.19 3.72 -31.71
N HIS A 171 13.29 3.88 -32.67
CA HIS A 171 12.22 4.88 -32.49
C HIS A 171 11.57 4.79 -31.12
N TRP A 172 11.34 3.57 -30.64
CA TRP A 172 10.77 3.37 -29.30
C TRP A 172 11.73 3.55 -28.10
N HIS A 173 12.92 2.94 -28.09
CA HIS A 173 13.79 3.20 -26.93
C HIS A 173 14.17 4.65 -26.84
N ARG A 174 14.35 5.32 -27.95
CA ARG A 174 14.75 6.71 -27.88
C ARG A 174 13.60 7.67 -27.64
N ASN A 175 12.53 7.50 -28.40
CA ASN A 175 11.41 8.46 -28.41
C ASN A 175 10.26 8.30 -27.39
N VAL A 176 9.92 7.06 -27.10
CA VAL A 176 8.89 6.71 -26.13
C VAL A 176 9.57 6.36 -24.82
N TYR A 177 10.14 5.16 -24.81
CA TYR A 177 10.71 4.58 -23.62
C TYR A 177 11.66 5.46 -22.79
N ALA A 178 12.63 6.11 -23.42
CA ALA A 178 13.51 6.93 -22.63
C ALA A 178 12.68 8.02 -21.97
N PRO A 179 12.08 8.92 -22.75
CA PRO A 179 11.54 10.01 -21.95
C PRO A 179 10.53 9.51 -20.92
N LEU A 180 9.99 8.29 -21.05
CA LEU A 180 9.16 7.80 -19.93
C LEU A 180 10.03 7.40 -18.70
N LYS A 181 10.85 6.37 -18.86
CA LYS A 181 11.79 5.91 -17.82
C LYS A 181 12.79 6.93 -17.21
N TYR A 182 13.12 7.97 -17.95
CA TYR A 182 14.32 8.77 -17.71
C TYR A 182 13.93 10.19 -17.33
N SER A 183 13.07 10.83 -18.12
CA SER A 183 12.45 12.07 -17.66
C SER A 183 11.16 11.90 -16.79
N VAL A 184 10.10 11.33 -17.36
CA VAL A 184 8.80 11.35 -16.68
C VAL A 184 8.80 10.66 -15.32
N ALA A 185 9.16 9.39 -15.23
CA ALA A 185 9.10 8.71 -13.93
C ALA A 185 9.99 9.35 -12.86
N GLU A 186 11.06 10.01 -13.29
CA GLU A 186 11.92 10.60 -12.30
C GLU A 186 11.30 11.86 -11.79
N ILE A 187 10.81 12.70 -12.71
CA ILE A 187 9.98 13.83 -12.25
C ILE A 187 8.77 13.43 -11.36
N PHE A 188 8.11 12.31 -11.67
CA PHE A 188 7.08 11.84 -10.76
C PHE A 188 7.71 11.58 -9.42
N ASP A 189 8.86 10.93 -9.35
CA ASP A 189 9.38 10.63 -8.02
C ASP A 189 9.72 11.89 -7.27
N SER A 190 10.03 12.93 -8.03
CA SER A 190 10.31 14.26 -7.49
C SER A 190 9.08 14.97 -6.93
N ILE A 191 7.95 14.82 -7.61
CA ILE A 191 6.70 15.32 -7.10
C ILE A 191 6.41 14.49 -5.84
N ASP A 192 6.49 13.17 -5.92
CA ASP A 192 6.30 12.38 -4.71
C ASP A 192 7.15 12.84 -3.53
N LEU A 193 8.37 13.25 -3.81
CA LEU A 193 9.21 13.80 -2.76
C LEU A 193 8.62 15.10 -2.23
N THR A 194 8.30 16.05 -3.10
CA THR A 194 7.65 17.29 -2.69
C THR A 194 6.45 17.07 -1.74
N GLN A 195 5.64 16.04 -2.03
CA GLN A 195 4.62 15.66 -1.07
C GLN A 195 5.24 15.17 0.24
N ARG A 196 6.00 14.09 0.22
CA ARG A 196 6.47 13.55 1.49
C ARG A 196 7.31 14.55 2.30
N LEU A 197 7.73 15.64 1.68
CA LEU A 197 8.40 16.70 2.41
C LEU A 197 7.36 17.60 3.03
N MET A 198 6.37 17.95 2.21
CA MET A 198 5.20 18.68 2.67
C MET A 198 4.56 18.06 3.93
N ASP A 199 4.59 16.73 3.97
CA ASP A 199 4.12 15.97 5.12
C ASP A 199 4.88 16.27 6.38
N GLU A 200 6.20 16.23 6.25
CA GLU A 200 7.09 16.57 7.33
C GLU A 200 6.90 18.02 7.78
N GLN A 201 6.66 18.94 6.84
CA GLN A 201 6.27 20.32 7.22
C GLN A 201 5.01 20.36 8.05
N GLN A 202 3.96 19.63 7.64
CA GLN A 202 2.79 19.51 8.50
C GLN A 202 3.28 19.18 9.89
N GLN A 203 3.79 17.98 10.06
CA GLN A 203 4.21 17.56 11.37
C GLN A 203 4.97 18.66 12.12
N GLN A 204 5.81 19.42 11.43
CA GLN A 204 6.43 20.59 12.08
C GLN A 204 5.36 21.57 12.59
N VAL A 205 4.52 22.11 11.71
CA VAL A 205 3.43 23.00 12.16
C VAL A 205 2.61 22.41 13.35
N LYS A 206 2.21 21.14 13.28
CA LYS A 206 1.61 20.53 14.46
C LYS A 206 2.50 20.79 15.68
N ASP A 207 3.78 20.41 15.62
CA ASP A 207 4.64 20.60 16.79
C ASP A 207 4.81 22.07 17.23
N ASP A 208 4.81 22.99 16.27
CA ASP A 208 4.91 24.42 16.56
C ASP A 208 3.70 24.87 17.33
N ILE A 209 2.52 24.64 16.76
CA ILE A 209 1.28 24.90 17.47
C ILE A 209 1.27 24.31 18.89
N ALA A 210 1.61 23.03 19.03
CA ALA A 210 1.76 22.46 20.37
C ALA A 210 2.57 23.38 21.27
N GLN A 211 3.86 23.58 20.98
CA GLN A 211 4.66 24.34 21.93
C GLN A 211 4.30 25.81 22.13
N LEU A 212 3.76 26.44 21.08
CA LEU A 212 3.17 27.79 21.17
C LEU A 212 1.98 27.95 22.13
N LEU A 213 1.04 27.01 22.11
CA LEU A 213 0.01 27.02 23.15
C LEU A 213 0.66 26.67 24.51
N ASN A 214 1.67 25.80 24.51
CA ASN A 214 2.31 25.44 25.77
C ASN A 214 3.16 26.56 26.37
N LYS A 215 3.37 27.63 25.61
CA LYS A 215 4.12 28.76 26.15
C LYS A 215 3.16 29.86 26.57
N ASP A 216 2.47 30.41 25.58
CA ASP A 216 1.65 31.60 25.76
C ASP A 216 0.14 31.37 25.91
N TRP A 217 -0.28 30.12 26.01
CA TRP A 217 -1.71 29.80 26.22
C TRP A 217 -2.65 30.70 25.40
N ARG A 218 -3.63 31.34 26.04
CA ARG A 218 -4.62 32.12 25.28
C ARG A 218 -3.96 33.19 24.45
N ALA A 219 -2.67 33.42 24.72
CA ALA A 219 -1.86 34.37 23.97
C ALA A 219 -1.63 33.92 22.53
N ALA A 220 -1.20 32.66 22.40
CA ALA A 220 -0.65 32.10 21.17
C ALA A 220 -1.74 31.81 20.15
N ILE A 221 -2.98 32.19 20.46
CA ILE A 221 -4.11 31.90 19.57
C ILE A 221 -3.94 32.50 18.19
N SER A 222 -3.78 33.81 18.09
CA SER A 222 -3.64 34.43 16.77
C SER A 222 -2.61 33.66 15.93
N SER A 223 -1.41 33.49 16.46
CA SER A 223 -0.35 32.69 15.83
C SER A 223 -0.82 31.31 15.37
N CYS A 224 -1.40 30.52 16.27
CA CYS A 224 -1.82 29.16 15.90
C CYS A 224 -2.98 29.17 14.93
N GLU A 225 -3.65 30.32 14.81
CA GLU A 225 -4.65 30.49 13.78
C GLU A 225 -4.10 30.98 12.44
N LEU A 226 -2.88 31.51 12.46
CA LEU A 226 -2.16 31.78 11.22
C LEU A 226 -1.57 30.48 10.67
N LEU A 227 -0.81 29.78 11.51
CA LEU A 227 -0.10 28.59 11.11
C LEU A 227 -1.09 27.58 10.60
N LEU A 228 -2.31 27.69 11.11
CA LEU A 228 -3.37 26.75 10.75
C LEU A 228 -4.02 27.12 9.42
N SER A 229 -4.25 28.42 9.19
CA SER A 229 -4.93 28.82 7.95
C SER A 229 -3.97 29.08 6.78
N GLU A 230 -2.68 29.17 7.11
CA GLU A 230 -1.62 29.25 6.11
C GLU A 230 -1.35 27.89 5.45
N THR A 231 -1.11 26.88 6.29
CA THR A 231 -0.89 25.53 5.77
C THR A 231 -2.19 24.87 5.26
N SER A 232 -3.33 25.45 5.54
CA SER A 232 -4.51 24.98 4.85
C SER A 232 -4.60 25.61 3.44
N GLY A 233 -3.95 26.76 3.28
CA GLY A 233 -3.76 27.35 1.95
C GLY A 233 -2.76 26.62 1.05
N THR A 234 -1.55 26.41 1.56
CA THR A 234 -0.53 25.67 0.82
C THR A 234 -1.10 24.29 0.39
N LEU A 235 -1.50 23.48 1.37
CA LEU A 235 -2.11 22.19 1.08
C LEU A 235 -3.31 22.27 0.14
N ARG A 236 -3.93 23.44 -0.02
CA ARG A 236 -4.90 23.61 -1.12
C ARG A 236 -4.26 23.79 -2.54
N GLU A 237 -3.37 24.78 -2.71
CA GLU A 237 -2.78 24.99 -4.04
C GLU A 237 -2.04 23.79 -4.61
N LEU A 238 -1.22 23.13 -3.79
CA LEU A 238 -0.44 21.98 -4.26
C LEU A 238 -1.38 20.89 -4.75
N GLN A 239 -2.55 20.79 -4.15
CA GLN A 239 -3.52 19.81 -4.64
C GLN A 239 -4.43 20.31 -5.78
N ASP A 240 -4.50 21.62 -5.99
CA ASP A 240 -5.29 22.14 -7.11
C ASP A 240 -4.54 21.91 -8.39
N THR A 241 -3.24 22.10 -8.29
CA THR A 241 -2.34 21.95 -9.42
C THR A 241 -2.30 20.50 -9.86
N LEU A 242 -1.98 19.62 -8.94
CA LEU A 242 -1.96 18.21 -9.28
C LEU A 242 -3.23 17.76 -10.00
N GLU A 243 -4.44 18.00 -9.46
CA GLU A 243 -5.66 17.57 -10.18
C GLU A 243 -5.86 18.28 -11.52
N ALA A 244 -5.57 19.59 -11.54
CA ALA A 244 -5.64 20.39 -12.76
C ALA A 244 -4.92 19.70 -13.92
N ALA A 245 -3.59 19.56 -13.80
CA ALA A 245 -2.76 18.92 -14.82
C ALA A 245 -2.82 17.41 -14.69
N GLY A 246 -3.64 16.96 -13.75
CA GLY A 246 -3.78 15.55 -13.48
C GLY A 246 -4.33 14.77 -14.65
N ASP A 247 -5.41 15.23 -15.27
CA ASP A 247 -6.03 14.41 -16.30
C ASP A 247 -5.26 14.45 -17.61
N LYS A 248 -4.80 15.65 -17.98
CA LYS A 248 -4.04 15.83 -19.23
C LYS A 248 -2.96 14.77 -19.32
N LEU A 249 -2.12 14.76 -18.28
CA LEU A 249 -1.03 13.78 -18.12
C LEU A 249 -1.53 12.35 -18.29
N GLN A 250 -2.51 11.96 -17.51
CA GLN A 250 -3.11 10.64 -17.62
C GLN A 250 -3.51 10.27 -19.03
N ALA A 251 -4.18 11.23 -19.68
CA ALA A 251 -4.75 11.05 -21.01
C ALA A 251 -3.67 10.72 -21.98
N ASN A 252 -2.55 11.45 -21.90
CA ASN A 252 -1.42 11.19 -22.81
C ASN A 252 -0.73 9.91 -22.45
N LEU A 253 -0.63 9.64 -21.15
CA LEU A 253 -0.10 8.37 -20.72
C LEU A 253 -0.93 7.33 -21.45
N LEU A 254 -2.17 7.66 -21.77
CA LEU A 254 -3.03 6.64 -22.34
C LEU A 254 -2.80 6.47 -23.82
N ARG A 255 -2.59 7.56 -24.56
CA ARG A 255 -2.46 7.44 -26.01
C ARG A 255 -1.42 6.41 -26.31
N ILE A 256 -0.35 6.51 -25.50
CA ILE A 256 0.82 5.65 -25.52
C ILE A 256 0.39 4.22 -25.24
N GLN A 257 -0.24 3.98 -24.08
CA GLN A 257 -0.75 2.67 -23.75
C GLN A 257 -1.56 2.16 -24.94
N ASP A 258 -2.31 3.09 -25.54
CA ASP A 258 -3.21 2.81 -26.65
C ASP A 258 -2.40 2.25 -27.81
N ALA A 259 -1.39 3.03 -28.21
CA ALA A 259 -0.40 2.65 -29.24
C ALA A 259 0.36 1.35 -28.94
N THR A 260 0.49 0.94 -27.67
CA THR A 260 1.21 -0.29 -27.33
C THR A 260 0.42 -1.49 -27.77
N MET A 261 -0.85 -1.22 -28.08
CA MET A 261 -1.87 -2.25 -28.18
C MET A 261 -1.72 -3.08 -29.46
N THR A 262 -1.40 -2.38 -30.53
CA THR A 262 -1.10 -2.92 -31.84
C THR A 262 0.19 -3.77 -31.94
N HIS A 263 1.27 -3.44 -31.21
CA HIS A 263 2.56 -4.18 -31.29
C HIS A 263 2.79 -5.12 -30.11
N ASP A 264 3.41 -6.28 -30.35
CA ASP A 264 3.61 -7.26 -29.27
C ASP A 264 5.01 -7.26 -28.64
N ASP A 265 5.88 -6.42 -29.15
CA ASP A 265 7.24 -6.40 -28.67
C ASP A 265 7.41 -5.44 -27.50
N LEU A 266 6.39 -4.65 -27.20
CA LEU A 266 6.54 -3.42 -26.37
C LEU A 266 6.30 -3.56 -24.84
N HIS A 267 6.32 -4.80 -24.32
CA HIS A 267 6.09 -5.10 -22.90
C HIS A 267 6.75 -4.17 -21.91
N PHE A 268 7.97 -3.74 -22.22
CA PHE A 268 8.63 -2.71 -21.41
C PHE A 268 7.90 -1.35 -21.37
N VAL A 269 7.49 -0.80 -22.52
CA VAL A 269 6.63 0.41 -22.57
C VAL A 269 5.22 0.23 -21.92
N ASP A 270 4.73 -1.01 -21.92
CA ASP A 270 3.50 -1.28 -21.22
C ASP A 270 3.70 -1.26 -19.73
N ARG A 271 4.59 -2.10 -19.25
CA ARG A 271 4.81 -2.17 -17.81
C ARG A 271 5.06 -0.75 -17.32
N LEU A 272 5.92 0.02 -18.01
CA LEU A 272 6.27 1.40 -17.59
C LEU A 272 5.05 2.30 -17.57
N VAL A 273 4.29 2.38 -18.67
CA VAL A 273 3.15 3.32 -18.67
C VAL A 273 2.15 3.01 -17.59
N PHE A 274 1.86 1.74 -17.37
CA PHE A 274 1.08 1.37 -16.20
C PHE A 274 1.71 1.91 -14.92
N ASP A 275 2.94 1.52 -14.63
CA ASP A 275 3.53 1.88 -13.35
C ASP A 275 3.39 3.37 -13.16
N LEU A 276 3.76 4.11 -14.19
CA LEU A 276 3.60 5.58 -14.31
C LEU A 276 2.22 6.19 -13.96
N GLN A 277 1.15 5.57 -14.49
CA GLN A 277 -0.28 5.88 -14.17
C GLN A 277 -0.54 5.65 -12.73
N SER A 278 -0.10 4.51 -12.24
CA SER A 278 -0.24 4.24 -10.84
C SER A 278 0.39 5.34 -10.05
N LYS A 279 1.68 5.58 -10.25
CA LYS A 279 2.36 6.62 -9.51
C LYS A 279 1.53 7.91 -9.48
N LEU A 280 1.04 8.35 -10.64
CA LEU A 280 0.20 9.56 -10.66
C LEU A 280 -1.06 9.46 -9.78
N ASP A 281 -1.70 8.29 -9.75
CA ASP A 281 -2.87 8.11 -8.90
C ASP A 281 -2.50 8.14 -7.44
N ARG A 282 -1.57 7.29 -7.05
CA ARG A 282 -1.10 7.21 -5.68
C ARG A 282 -0.83 8.62 -5.17
N ILE A 283 -0.21 9.43 -6.03
CA ILE A 283 0.09 10.85 -5.74
C ILE A 283 -1.16 11.69 -5.51
N ILE A 284 -2.12 11.64 -6.45
CA ILE A 284 -3.26 12.53 -6.30
C ILE A 284 -4.16 12.08 -5.16
N SER A 285 -4.37 10.78 -5.02
CA SER A 285 -5.01 10.23 -3.84
C SER A 285 -4.42 10.77 -2.55
N TRP A 286 -3.21 10.35 -2.25
CA TRP A 286 -2.62 10.77 -0.99
C TRP A 286 -2.67 12.27 -0.88
N GLY A 287 -2.50 12.97 -1.98
CA GLY A 287 -2.52 14.43 -1.95
C GLY A 287 -3.87 15.03 -1.58
N GLN A 288 -4.95 14.30 -1.87
CA GLN A 288 -6.30 14.73 -1.54
C GLN A 288 -6.55 14.39 -0.10
N GLN A 289 -5.90 13.31 0.30
CA GLN A 289 -6.07 12.72 1.61
C GLN A 289 -5.34 13.46 2.72
N SER A 290 -4.15 13.97 2.45
CA SER A 290 -3.44 14.74 3.46
C SER A 290 -4.31 15.94 3.87
N ILE A 291 -5.08 16.48 2.92
CA ILE A 291 -6.06 17.54 3.16
C ILE A 291 -7.16 17.16 4.16
N ASP A 292 -7.70 15.97 4.03
CA ASP A 292 -8.81 15.58 4.88
C ASP A 292 -8.25 15.35 6.27
N LEU A 293 -7.06 14.78 6.36
CA LEU A 293 -6.43 14.65 7.67
C LEU A 293 -6.08 15.99 8.36
N TRP A 294 -5.67 16.96 7.55
CA TRP A 294 -5.35 18.29 8.06
C TRP A 294 -6.57 19.08 8.41
N ILE A 295 -7.68 18.78 7.76
CA ILE A 295 -8.94 19.40 8.18
C ILE A 295 -9.37 18.78 9.50
N GLY A 296 -9.10 17.49 9.69
CA GLY A 296 -9.36 16.89 10.97
C GLY A 296 -8.60 17.68 12.02
N TYR A 297 -7.28 17.72 11.86
CA TYR A 297 -6.44 18.44 12.81
C TYR A 297 -7.00 19.82 13.08
N ASP A 298 -7.06 20.68 12.06
CA ASP A 298 -7.55 22.03 12.22
C ASP A 298 -8.85 22.14 13.00
N ARG A 299 -9.87 21.36 12.61
CA ARG A 299 -11.15 21.36 13.33
C ARG A 299 -10.90 21.13 14.81
N HIS A 300 -10.25 20.01 15.13
CA HIS A 300 -10.01 19.64 16.53
C HIS A 300 -9.12 20.63 17.32
N VAL A 301 -8.35 21.47 16.63
CA VAL A 301 -7.62 22.53 17.33
C VAL A 301 -8.54 23.72 17.61
N HIS A 302 -9.45 24.03 16.70
CA HIS A 302 -10.46 25.02 17.08
C HIS A 302 -11.26 24.54 18.31
N LYS A 303 -11.62 23.25 18.33
CA LYS A 303 -12.30 22.63 19.49
C LYS A 303 -11.47 22.77 20.77
N PHE A 304 -10.20 22.38 20.75
CA PHE A 304 -9.34 22.64 21.91
C PHE A 304 -9.50 24.09 22.35
N ILE A 305 -9.34 25.03 21.41
CA ILE A 305 -9.43 26.44 21.81
C ILE A 305 -10.75 26.73 22.51
N ARG A 306 -11.87 26.27 21.92
CA ARG A 306 -13.19 26.47 22.49
C ARG A 306 -13.37 25.83 23.87
N THR A 307 -12.97 24.58 24.05
CA THR A 307 -13.05 23.94 25.39
C THR A 307 -11.84 24.27 26.34
N ALA A 308 -10.68 23.63 26.15
CA ALA A 308 -9.58 23.79 27.11
C ALA A 308 -9.18 25.25 27.46
N ILE A 309 -8.97 26.12 26.47
CA ILE A 309 -8.66 27.54 26.73
C ILE A 309 -9.78 28.56 26.94
N ASP A 310 -10.84 28.54 26.13
CA ASP A 310 -11.80 29.64 26.27
C ASP A 310 -12.36 29.70 27.69
N MET A 311 -12.46 28.54 28.32
CA MET A 311 -12.91 28.47 29.72
C MET A 311 -11.88 28.76 30.84
N ASP A 312 -10.63 28.39 30.66
CA ASP A 312 -9.61 28.74 31.62
C ASP A 312 -8.58 29.67 30.95
N LYS A 313 -8.84 30.98 31.05
CA LYS A 313 -8.17 31.93 30.16
C LYS A 313 -6.75 32.26 30.60
N ASN A 314 -6.50 32.14 31.88
CA ASN A 314 -5.20 32.43 32.48
C ASN A 314 -4.44 31.17 32.82
N ARG A 315 -5.01 30.05 32.39
CA ARG A 315 -4.32 28.79 32.50
C ARG A 315 -4.24 28.35 33.95
N VAL A 316 -4.70 29.22 34.85
CA VAL A 316 -4.63 28.96 36.27
C VAL A 316 -5.14 27.56 36.66
N PHE A 317 -6.38 27.28 36.27
CA PHE A 317 -7.07 26.06 36.67
C PHE A 317 -6.17 24.83 36.55
N ALA A 318 -5.41 24.80 35.47
CA ALA A 318 -4.57 23.67 35.15
C ALA A 318 -3.42 23.50 36.15
N GLN A 319 -2.76 24.61 36.44
CA GLN A 319 -1.60 24.63 37.31
C GLN A 319 -2.04 24.12 38.64
N ARG A 320 -3.17 24.68 39.06
CA ARG A 320 -3.77 24.35 40.35
C ARG A 320 -4.22 22.89 40.38
N LEU A 321 -4.64 22.40 39.22
CA LEU A 321 -4.96 21.00 39.06
C LEU A 321 -3.73 20.19 39.42
N ARG A 322 -2.58 20.55 38.84
CA ARG A 322 -1.33 19.86 39.10
C ARG A 322 -1.05 19.86 40.60
N GLN A 323 -0.99 21.07 41.15
CA GLN A 323 -0.66 21.22 42.57
C GLN A 323 -1.53 20.23 43.35
N SER A 324 -2.80 20.14 42.97
CA SER A 324 -3.77 19.25 43.64
C SER A 324 -3.53 17.78 43.36
N VAL A 325 -2.77 17.48 42.30
CA VAL A 325 -2.49 16.09 41.96
C VAL A 325 -1.34 15.54 42.76
N GLN A 326 -0.34 16.36 43.02
CA GLN A 326 0.75 15.87 43.86
C GLN A 326 0.37 15.95 45.33
N THR A 327 -0.45 16.94 45.66
CA THR A 327 -0.83 17.24 47.02
C THR A 327 -2.01 16.37 47.52
N TYR A 328 -2.65 15.66 46.59
CA TYR A 328 -3.88 14.95 46.89
C TYR A 328 -3.78 14.18 48.20
N PHE A 329 -2.77 13.36 48.38
CA PHE A 329 -2.81 12.41 49.50
C PHE A 329 -2.69 12.99 50.89
N ASP A 330 -2.35 14.28 50.95
CA ASP A 330 -2.25 14.99 52.21
C ASP A 330 -3.64 15.17 52.80
N GLU A 331 -4.59 15.59 51.96
CA GLU A 331 -6.01 15.55 52.31
C GLU A 331 -6.90 15.01 51.18
N PRO A 332 -7.15 13.69 51.16
CA PRO A 332 -7.94 13.02 50.12
C PRO A 332 -9.43 13.35 50.13
N TRP A 333 -10.09 13.28 48.97
CA TRP A 333 -11.53 13.35 48.94
C TRP A 333 -11.97 12.67 47.68
N ALA A 334 -13.20 12.19 47.70
CA ALA A 334 -13.74 11.41 46.60
C ALA A 334 -15.07 12.01 46.16
N LEU A 335 -15.32 11.97 44.86
CA LEU A 335 -16.58 12.44 44.29
C LEU A 335 -17.70 11.47 44.61
N THR A 336 -18.92 11.99 44.53
CA THR A 336 -20.13 11.23 44.81
C THR A 336 -20.89 11.14 43.52
N TYR A 337 -21.62 10.05 43.33
CA TYR A 337 -22.40 9.89 42.13
C TYR A 337 -23.62 9.07 42.36
N ALA A 338 -24.70 9.42 41.66
CA ALA A 338 -25.94 8.71 41.85
C ALA A 338 -25.73 7.25 41.46
N ASN A 339 -25.96 6.30 42.35
CA ASN A 339 -25.85 4.94 41.91
C ASN A 339 -26.94 4.00 42.43
N ALA A 340 -27.91 3.71 41.58
CA ALA A 340 -29.16 3.06 42.01
C ALA A 340 -28.96 1.59 42.35
N ASP A 341 -29.91 0.96 43.03
CA ASP A 341 -29.72 -0.43 43.34
C ASP A 341 -30.14 -1.24 42.15
N ARG A 342 -29.28 -2.13 41.71
CA ARG A 342 -29.61 -2.84 40.50
C ARG A 342 -30.85 -3.68 40.78
N LEU A 343 -31.62 -3.93 39.73
CA LEU A 343 -32.81 -4.73 39.88
C LEU A 343 -32.42 -6.19 39.94
N LEU A 344 -32.65 -6.81 41.10
CA LEU A 344 -32.43 -8.25 41.22
C LEU A 344 -33.51 -9.01 40.50
N ASP A 345 -33.08 -9.93 39.64
CA ASP A 345 -33.95 -10.80 38.90
C ASP A 345 -33.61 -12.22 39.40
N MET A 346 -34.25 -13.25 38.84
CA MET A 346 -34.09 -14.61 39.36
C MET A 346 -33.14 -15.53 38.56
N ARG A 347 -32.95 -16.74 39.10
CA ARG A 347 -31.92 -17.68 38.65
C ARG A 347 -30.47 -17.27 38.96
N MET B 21 -49.68 18.02 37.40
CA MET B 21 -48.36 18.00 36.74
C MET B 21 -48.28 18.95 35.53
N PRO B 22 -47.17 19.74 35.40
CA PRO B 22 -47.06 20.72 34.30
C PRO B 22 -46.91 20.07 32.96
N VAL B 23 -47.34 20.80 31.95
CA VAL B 23 -47.42 20.28 30.61
C VAL B 23 -46.05 19.89 30.12
N LYS B 24 -45.12 20.78 30.36
CA LYS B 24 -43.83 20.63 29.75
C LYS B 24 -43.08 19.46 30.38
N LEU B 25 -43.28 19.27 31.68
CA LEU B 25 -42.65 18.16 32.39
C LEU B 25 -43.10 16.86 31.77
N ALA B 26 -44.42 16.69 31.66
CA ALA B 26 -44.98 15.49 31.05
C ALA B 26 -44.44 15.26 29.63
N GLN B 27 -44.50 16.33 28.83
CA GLN B 27 -43.99 16.27 27.49
C GLN B 27 -42.51 15.80 27.47
N ALA B 28 -41.80 16.10 28.56
CA ALA B 28 -40.42 15.67 28.72
C ALA B 28 -40.32 14.17 28.99
N LEU B 29 -41.11 13.72 29.97
CA LEU B 29 -41.22 12.30 30.29
C LEU B 29 -41.65 11.45 29.09
N ALA B 30 -42.36 12.05 28.13
CA ALA B 30 -42.73 11.31 26.92
C ALA B 30 -41.62 11.12 25.84
N ASN B 31 -40.72 12.08 25.66
CA ASN B 31 -39.66 11.89 24.67
C ASN B 31 -39.06 10.45 24.79
N PRO B 32 -38.89 9.74 23.67
CA PRO B 32 -38.35 8.38 23.57
C PRO B 32 -37.00 8.22 24.25
N LEU B 33 -36.33 9.35 24.44
CA LEU B 33 -35.01 9.38 25.06
C LEU B 33 -35.08 9.01 26.52
N PHE B 34 -36.13 9.51 27.14
CA PHE B 34 -36.17 9.60 28.57
C PHE B 34 -35.86 8.28 29.24
N PRO B 35 -36.68 7.24 29.04
CA PRO B 35 -36.37 6.09 29.90
C PRO B 35 -34.89 5.73 29.98
N ALA B 36 -34.19 5.68 28.86
CA ALA B 36 -32.80 5.24 28.93
C ALA B 36 -31.87 6.26 29.61
N LEU B 37 -31.96 7.50 29.17
CA LEU B 37 -31.25 8.59 29.81
C LEU B 37 -31.49 8.59 31.31
N ASP B 38 -32.76 8.60 31.73
CA ASP B 38 -33.17 8.52 33.13
C ASP B 38 -32.45 7.38 33.83
N SER B 39 -32.40 6.20 33.21
CA SER B 39 -31.69 5.06 33.80
C SER B 39 -30.20 5.34 34.05
N ALA B 40 -29.57 5.90 33.03
CA ALA B 40 -28.18 6.29 33.08
C ALA B 40 -27.95 7.21 34.23
N LEU B 41 -28.76 8.26 34.23
CA LEU B 41 -28.68 9.33 35.17
C LEU B 41 -28.71 8.76 36.57
N ARG B 42 -29.66 7.87 36.83
CA ARG B 42 -29.75 7.22 38.14
C ARG B 42 -28.64 6.20 38.44
N SER B 43 -27.89 5.79 37.42
CA SER B 43 -26.66 5.01 37.69
C SER B 43 -25.37 5.82 37.69
N GLY B 44 -25.53 7.14 37.59
CA GLY B 44 -24.47 8.08 37.90
C GLY B 44 -23.76 8.57 36.67
N ARG B 45 -24.43 8.43 35.55
CA ARG B 45 -23.81 8.82 34.31
C ARG B 45 -23.84 10.33 34.19
N HIS B 46 -22.68 10.89 33.88
CA HIS B 46 -22.59 12.31 33.63
C HIS B 46 -22.83 12.50 32.18
N ILE B 47 -23.46 13.61 31.83
CA ILE B 47 -23.85 13.77 30.47
C ILE B 47 -23.28 14.99 29.76
N GLY B 48 -22.32 14.71 28.85
CA GLY B 48 -21.52 15.73 28.18
C GLY B 48 -22.07 16.15 26.83
N LEU B 49 -21.50 17.19 26.23
CA LEU B 49 -21.97 17.66 24.91
C LEU B 49 -21.87 16.56 23.89
N ASP B 50 -21.04 15.58 24.21
CA ASP B 50 -20.81 14.45 23.32
C ASP B 50 -22.04 13.56 23.01
N GLU B 51 -23.09 13.63 23.81
CA GLU B 51 -24.35 12.98 23.45
C GLU B 51 -25.36 14.05 23.06
N LEU B 52 -25.59 14.29 21.77
CA LEU B 52 -26.28 15.54 21.43
C LEU B 52 -27.70 15.38 21.77
N ASP B 53 -28.19 14.18 21.50
CA ASP B 53 -29.57 13.87 21.72
C ASP B 53 -29.90 14.11 23.18
N ASN B 54 -29.16 13.44 24.04
CA ASN B 54 -29.38 13.61 25.46
C ASN B 54 -29.13 15.03 25.97
N HIS B 55 -27.90 15.54 25.77
CA HIS B 55 -27.52 16.84 26.32
C HIS B 55 -28.54 17.86 25.89
N ALA B 56 -28.80 17.91 24.60
CA ALA B 56 -29.90 18.70 24.09
C ALA B 56 -31.19 18.47 24.89
N PHE B 57 -31.58 17.21 25.09
CA PHE B 57 -32.80 16.92 25.87
C PHE B 57 -32.82 17.66 27.20
N LEU B 58 -31.76 17.44 28.00
CA LEU B 58 -31.59 18.10 29.28
C LEU B 58 -31.58 19.63 29.13
N MET B 59 -31.03 20.13 28.04
CA MET B 59 -31.02 21.56 27.87
C MET B 59 -32.46 22.03 27.77
N ASP B 60 -33.27 21.26 27.05
CA ASP B 60 -34.63 21.69 26.73
C ASP B 60 -35.53 21.65 27.95
N PHE B 61 -35.54 20.50 28.59
CA PHE B 61 -36.49 20.18 29.63
C PHE B 61 -35.96 20.36 31.05
N GLN B 62 -34.82 21.01 31.15
CA GLN B 62 -34.11 21.15 32.40
C GLN B 62 -35.04 21.52 33.52
N GLU B 63 -35.55 22.74 33.46
CA GLU B 63 -36.11 23.34 34.64
C GLU B 63 -37.15 22.45 35.28
N TYR B 64 -37.81 21.68 34.44
CA TYR B 64 -38.78 20.68 34.88
C TYR B 64 -38.17 19.34 35.27
N LEU B 65 -37.22 18.85 34.48
CA LEU B 65 -36.51 17.59 34.79
C LEU B 65 -35.89 17.64 36.19
N GLU B 66 -35.41 18.84 36.53
CA GLU B 66 -34.96 19.21 37.86
C GLU B 66 -35.97 18.85 38.92
N GLU B 67 -37.20 19.34 38.78
CA GLU B 67 -38.22 19.06 39.78
C GLU B 67 -38.42 17.59 39.81
N PHE B 68 -38.59 17.05 38.61
CA PHE B 68 -38.95 15.67 38.52
C PHE B 68 -38.04 14.86 39.43
N TYR B 69 -36.74 15.21 39.40
CA TYR B 69 -35.74 14.44 40.17
C TYR B 69 -35.72 14.77 41.64
N ALA B 70 -35.89 16.07 41.90
CA ALA B 70 -35.98 16.58 43.26
C ALA B 70 -36.94 15.72 44.05
N ARG B 71 -38.05 15.30 43.45
CA ARG B 71 -38.98 14.43 44.16
C ARG B 71 -38.35 13.14 44.74
N TYR B 72 -37.18 12.75 44.20
CA TYR B 72 -36.40 11.57 44.65
C TYR B 72 -35.30 11.87 45.68
N ASN B 73 -35.24 13.15 46.04
CA ASN B 73 -34.24 13.73 46.93
C ASN B 73 -32.84 13.71 46.39
N VAL B 74 -32.70 14.21 45.17
CA VAL B 74 -31.46 14.18 44.43
C VAL B 74 -31.40 15.45 43.60
N GLU B 75 -30.29 16.15 43.51
CA GLU B 75 -30.37 17.28 42.59
C GLU B 75 -29.87 17.01 41.18
N LEU B 76 -30.55 17.60 40.21
CA LEU B 76 -30.10 17.54 38.84
C LEU B 76 -29.27 18.76 38.54
N ILE B 77 -27.98 18.51 38.25
CA ILE B 77 -27.00 19.57 38.16
C ILE B 77 -26.48 19.79 36.76
N ARG B 78 -26.32 21.05 36.39
CA ARG B 78 -25.54 21.36 35.20
C ARG B 78 -24.26 22.07 35.62
N ALA B 79 -23.14 21.34 35.56
CA ALA B 79 -21.85 21.88 35.93
C ALA B 79 -21.60 23.13 35.11
N PRO B 80 -20.74 24.04 35.60
CA PRO B 80 -20.54 25.29 34.86
C PRO B 80 -20.05 25.07 33.42
N GLU B 81 -19.40 23.91 33.21
CA GLU B 81 -18.83 23.51 31.95
C GLU B 81 -19.88 22.79 31.12
N GLY B 82 -21.12 22.81 31.58
CA GLY B 82 -22.25 22.48 30.74
C GLY B 82 -22.80 21.09 30.86
N PHE B 83 -22.05 20.17 31.46
CA PHE B 83 -22.55 18.80 31.59
C PHE B 83 -23.49 18.59 32.76
N PHE B 84 -24.34 17.56 32.67
CA PHE B 84 -25.35 17.23 33.68
C PHE B 84 -25.03 15.98 34.52
N TYR B 85 -25.40 15.97 35.80
CA TYR B 85 -25.36 14.73 36.62
C TYR B 85 -26.31 14.72 37.82
N LEU B 86 -26.49 13.53 38.39
CA LEU B 86 -27.31 13.44 39.60
C LEU B 86 -26.44 13.47 40.86
N ARG B 87 -26.80 14.42 41.73
CA ARG B 87 -26.09 14.68 42.98
C ARG B 87 -27.03 14.39 44.14
N PRO B 88 -27.06 13.11 44.56
CA PRO B 88 -27.92 12.58 45.62
C PRO B 88 -27.68 13.45 46.79
N ARG B 89 -28.66 13.43 47.66
CA ARG B 89 -28.80 14.42 48.69
C ARG B 89 -28.79 13.66 50.00
N SER B 90 -28.88 14.41 51.09
CA SER B 90 -28.81 13.97 52.48
C SER B 90 -29.84 12.88 52.75
N THR B 91 -30.99 13.08 52.12
CA THR B 91 -32.18 12.25 52.30
C THR B 91 -32.48 11.21 51.19
N THR B 92 -31.57 11.05 50.23
CA THR B 92 -31.87 10.45 48.92
C THR B 92 -32.54 9.11 48.81
N LEU B 93 -33.48 9.03 47.87
CA LEU B 93 -34.22 7.79 47.54
C LEU B 93 -33.44 6.78 46.68
N ILE B 94 -32.67 7.36 45.76
CA ILE B 94 -31.64 6.72 44.95
C ILE B 94 -30.29 6.67 45.66
N PRO B 95 -29.86 5.48 46.07
CA PRO B 95 -28.66 5.25 46.88
C PRO B 95 -27.44 6.01 46.35
N ARG B 96 -26.54 6.51 47.20
CA ARG B 96 -25.32 7.19 46.69
C ARG B 96 -24.03 6.48 47.01
N SER B 97 -23.15 6.48 46.00
CA SER B 97 -21.85 5.85 46.05
C SER B 97 -20.72 6.86 45.81
N VAL B 98 -19.53 6.48 46.29
CA VAL B 98 -18.32 7.27 46.07
C VAL B 98 -17.22 6.56 45.27
N LEU B 99 -16.40 7.36 44.58
CA LEU B 99 -15.24 6.91 43.80
C LEU B 99 -14.06 6.65 44.73
N SER B 100 -13.19 5.68 44.37
CA SER B 100 -11.95 5.39 45.12
C SER B 100 -10.81 6.35 44.82
N GLU B 101 -9.89 6.51 45.76
CA GLU B 101 -8.89 7.55 45.63
C GLU B 101 -8.18 7.38 44.31
N LEU B 102 -7.98 6.11 43.97
CA LEU B 102 -7.31 5.76 42.73
C LEU B 102 -8.06 6.34 41.52
N ASP B 103 -9.39 6.16 41.54
CA ASP B 103 -10.25 6.65 40.48
C ASP B 103 -10.09 8.14 40.38
N MET B 104 -9.87 8.76 41.54
CA MET B 104 -9.80 10.21 41.65
C MET B 104 -8.51 10.75 41.05
N MET B 105 -7.44 9.98 41.21
CA MET B 105 -6.18 10.35 40.61
C MET B 105 -6.34 10.24 39.11
N VAL B 106 -6.74 9.04 38.70
CA VAL B 106 -7.03 8.70 37.32
C VAL B 106 -7.85 9.82 36.67
N GLY B 107 -8.83 10.28 37.42
CA GLY B 107 -9.64 11.37 36.94
C GLY B 107 -8.91 12.69 36.87
N LYS B 108 -8.30 13.13 37.98
CA LYS B 108 -7.69 14.44 38.01
C LYS B 108 -6.79 14.61 36.79
N ILE B 109 -5.94 13.60 36.63
CA ILE B 109 -5.06 13.46 35.49
C ILE B 109 -5.83 13.61 34.21
N LEU B 110 -6.86 12.76 34.06
CA LEU B 110 -7.73 12.77 32.90
C LEU B 110 -8.14 14.18 32.52
N CYS B 111 -8.35 15.00 33.54
CA CYS B 111 -8.67 16.42 33.36
C CYS B 111 -7.45 17.20 32.92
N TYR B 112 -6.30 16.83 33.45
CA TYR B 112 -5.06 17.45 33.01
C TYR B 112 -4.82 17.21 31.50
N LEU B 113 -4.83 15.93 31.09
CA LEU B 113 -4.74 15.56 29.69
C LEU B 113 -5.74 16.41 28.95
N TYR B 114 -6.99 16.44 29.42
CA TYR B 114 -8.04 17.22 28.73
C TYR B 114 -7.58 18.65 28.51
N LEU B 115 -6.76 19.14 29.45
CA LEU B 115 -6.26 20.50 29.37
C LEU B 115 -4.83 20.71 28.80
N SER B 116 -4.11 19.62 28.49
CA SER B 116 -2.77 19.70 27.91
C SER B 116 -2.85 19.78 26.38
N PRO B 117 -1.81 20.38 25.73
CA PRO B 117 -1.43 20.33 24.30
C PRO B 117 -0.85 19.00 23.72
N GLU B 118 -0.54 18.07 24.61
CA GLU B 118 -0.33 16.67 24.26
C GLU B 118 -1.42 16.23 23.31
N ARG B 119 -2.66 16.50 23.73
CA ARG B 119 -3.86 16.11 22.98
C ARG B 119 -3.74 16.49 21.51
N LEU B 120 -3.19 17.67 21.24
CA LEU B 120 -3.35 18.33 19.94
C LEU B 120 -2.78 17.56 18.73
N ALA B 121 -1.69 16.84 18.98
CA ALA B 121 -1.19 15.89 18.02
C ALA B 121 -2.11 14.66 18.05
N ASN B 122 -2.57 14.30 19.26
CA ASN B 122 -3.38 13.09 19.49
C ASN B 122 -4.79 13.13 18.91
N GLU B 123 -5.19 14.32 18.47
CA GLU B 123 -6.50 14.57 17.88
C GLU B 123 -7.63 14.16 18.79
N GLY B 124 -7.33 14.09 20.07
CA GLY B 124 -8.33 13.82 21.08
C GLY B 124 -8.20 12.44 21.68
N ILE B 125 -7.42 11.58 21.05
CA ILE B 125 -7.36 10.18 21.49
C ILE B 125 -6.13 9.93 22.32
N PHE B 126 -6.33 9.28 23.47
CA PHE B 126 -5.22 8.99 24.36
C PHE B 126 -5.16 7.49 24.46
N THR B 127 -4.23 6.98 25.27
CA THR B 127 -3.99 5.53 25.36
C THR B 127 -4.04 5.00 26.80
N GLN B 128 -4.15 3.68 26.98
CA GLN B 128 -3.96 3.11 28.31
C GLN B 128 -2.61 3.53 28.88
N GLN B 129 -1.62 3.42 28.01
CA GLN B 129 -0.31 3.85 28.39
C GLN B 129 -0.23 5.36 28.67
N GLU B 130 -0.58 6.24 27.74
CA GLU B 130 -0.39 7.68 27.99
C GLU B 130 -0.88 8.11 29.37
N LEU B 131 -2.11 7.75 29.69
CA LEU B 131 -2.67 7.86 31.04
C LEU B 131 -1.67 7.32 32.04
N TYR B 132 -1.43 6.01 32.00
CA TYR B 132 -0.59 5.40 33.02
C TYR B 132 0.75 6.10 33.23
N ASP B 133 1.37 6.52 32.14
CA ASP B 133 2.61 7.28 32.19
C ASP B 133 2.41 8.62 32.93
N GLU B 134 1.54 9.49 32.41
CA GLU B 134 1.34 10.82 33.04
C GLU B 134 1.02 10.64 34.52
N LEU B 135 0.25 9.60 34.82
CA LEU B 135 -0.04 9.22 36.20
C LEU B 135 1.25 9.05 36.97
N LEU B 136 2.04 8.01 36.74
CA LEU B 136 3.23 7.85 37.61
C LEU B 136 4.20 9.07 37.63
N THR B 137 4.16 9.85 36.54
CA THR B 137 4.82 11.18 36.50
C THR B 137 4.43 12.01 37.71
N LEU B 138 3.15 12.47 37.65
CA LEU B 138 2.56 13.49 38.53
C LEU B 138 2.20 12.99 39.94
N ALA B 139 1.80 11.73 40.05
CA ALA B 139 1.54 11.17 41.36
C ALA B 139 2.82 10.74 42.09
N ASP B 140 2.59 10.13 43.24
CA ASP B 140 3.62 9.57 44.05
C ASP B 140 3.59 8.07 43.78
N GLU B 141 4.56 7.57 43.02
CA GLU B 141 4.56 6.18 42.57
C GLU B 141 4.44 5.26 43.77
N ALA B 142 5.05 5.69 44.88
CA ALA B 142 5.14 4.93 46.13
C ALA B 142 3.83 4.70 46.89
N LYS B 143 3.13 5.80 47.18
CA LYS B 143 1.85 5.71 47.90
C LYS B 143 0.81 5.16 46.95
N LEU B 144 0.85 5.64 45.71
CA LEU B 144 0.04 5.11 44.64
C LEU B 144 0.13 3.61 44.64
N LEU B 145 1.30 3.08 44.98
CA LEU B 145 1.38 1.65 45.18
C LEU B 145 0.75 1.26 46.51
N LYS B 146 1.00 2.03 47.57
CA LYS B 146 0.46 1.65 48.87
C LYS B 146 -1.06 1.45 48.83
N LEU B 147 -1.74 1.98 47.82
CA LEU B 147 -3.15 1.65 47.64
C LEU B 147 -3.32 0.20 47.23
N VAL B 148 -2.70 -0.15 46.10
CA VAL B 148 -2.72 -1.51 45.55
C VAL B 148 -2.36 -2.53 46.62
N ASN B 149 -1.09 -2.54 47.04
CA ASN B 149 -0.71 -3.36 48.19
C ASN B 149 -0.18 -2.57 49.39
N ASN B 150 -0.84 -2.76 50.54
CA ASN B 150 -0.64 -1.90 51.73
C ASN B 150 0.83 -1.62 52.11
N ARG B 151 1.68 -2.64 52.08
CA ARG B 151 3.12 -2.39 52.07
C ARG B 151 3.83 -3.27 51.04
N SER B 152 4.32 -2.64 49.98
CA SER B 152 5.17 -3.33 49.03
C SER B 152 6.14 -2.38 48.37
N THR B 153 7.38 -2.79 48.22
CA THR B 153 8.38 -1.87 47.73
C THR B 153 9.00 -2.31 46.43
N GLY B 154 8.91 -1.40 45.46
CA GLY B 154 9.54 -1.58 44.16
C GLY B 154 9.04 -2.80 43.41
N SER B 155 8.02 -3.46 43.95
CA SER B 155 7.66 -4.78 43.47
C SER B 155 7.33 -4.72 41.98
N ASP B 156 7.32 -5.87 41.32
CA ASP B 156 6.95 -5.89 39.90
C ASP B 156 5.52 -6.35 39.66
N VAL B 157 5.21 -7.55 40.15
CA VAL B 157 3.83 -8.02 40.18
C VAL B 157 2.90 -6.86 40.66
N ASP B 158 3.31 -6.18 41.74
CA ASP B 158 2.58 -5.03 42.32
C ASP B 158 2.48 -3.80 41.41
N ARG B 159 3.28 -3.77 40.34
CA ARG B 159 3.25 -2.70 39.35
C ARG B 159 2.32 -3.07 38.18
N GLN B 160 1.89 -4.33 38.15
CA GLN B 160 0.80 -4.79 37.27
C GLN B 160 -0.59 -4.56 37.89
N LYS B 161 -0.73 -4.86 39.18
CA LYS B 161 -1.96 -4.55 39.90
C LYS B 161 -2.25 -3.07 39.86
N LEU B 162 -1.20 -2.25 39.87
CA LEU B 162 -1.39 -0.81 39.74
C LEU B 162 -1.92 -0.51 38.33
N GLN B 163 -1.46 -1.25 37.33
CA GLN B 163 -1.96 -1.04 35.97
C GLN B 163 -3.38 -1.58 35.81
N GLU B 164 -3.59 -2.82 36.19
CA GLU B 164 -4.93 -3.41 36.12
C GLU B 164 -5.94 -2.58 36.88
N LYS B 165 -5.65 -2.28 38.14
CA LYS B 165 -6.49 -1.37 38.88
C LYS B 165 -6.69 -0.09 38.08
N VAL B 166 -5.61 0.51 37.61
CA VAL B 166 -5.77 1.75 36.83
C VAL B 166 -6.61 1.56 35.55
N ARG B 167 -6.72 0.33 35.06
CA ARG B 167 -7.57 0.03 33.91
C ARG B 167 -9.00 0.03 34.39
N SER B 168 -9.21 -0.72 35.47
CA SER B 168 -10.50 -0.85 36.11
C SER B 168 -11.08 0.53 36.36
N SER B 169 -10.35 1.38 37.05
CA SER B 169 -10.84 2.72 37.37
C SER B 169 -11.05 3.59 36.16
N LEU B 170 -10.40 3.24 35.05
CA LEU B 170 -10.66 3.92 33.79
C LEU B 170 -11.92 3.36 33.12
N ASN B 171 -12.16 2.07 33.31
CA ASN B 171 -13.41 1.46 32.85
C ASN B 171 -14.60 2.04 33.60
N ARG B 172 -14.50 2.10 34.92
CA ARG B 172 -15.56 2.61 35.76
C ARG B 172 -15.85 4.05 35.40
N LEU B 173 -14.80 4.85 35.29
CA LEU B 173 -14.97 6.23 34.87
C LEU B 173 -15.51 6.37 33.45
N ARG B 174 -15.60 5.27 32.71
CA ARG B 174 -16.36 5.22 31.44
C ARG B 174 -17.86 5.07 31.71
N ARG B 175 -18.23 4.13 32.57
CA ARG B 175 -19.62 4.01 32.91
C ARG B 175 -20.10 5.37 33.25
N LEU B 176 -19.36 6.02 34.12
CA LEU B 176 -19.77 7.32 34.64
C LEU B 176 -19.94 8.40 33.58
N GLY B 177 -19.50 8.14 32.35
CA GLY B 177 -19.63 9.12 31.29
C GLY B 177 -18.47 10.12 31.22
N MET B 178 -17.40 9.83 31.92
CA MET B 178 -16.24 10.70 31.85
C MET B 178 -15.53 10.53 30.48
N VAL B 179 -15.45 9.30 29.99
CA VAL B 179 -14.52 8.96 28.93
C VAL B 179 -15.12 7.95 27.91
N TRP B 180 -15.06 8.26 26.62
CA TRP B 180 -15.54 7.36 25.57
C TRP B 180 -14.42 6.47 25.04
N PHE B 181 -14.57 5.15 25.05
CA PHE B 181 -13.52 4.33 24.42
C PHE B 181 -13.57 4.44 22.90
N MET B 182 -12.59 3.85 22.22
CA MET B 182 -12.54 3.88 20.75
C MET B 182 -12.41 2.46 20.22
N GLY B 183 -13.34 2.06 19.34
CA GLY B 183 -13.25 0.76 18.70
C GLY B 183 -13.65 -0.42 19.58
N HIS B 184 -13.31 -1.63 19.12
CA HIS B 184 -13.71 -2.87 19.79
C HIS B 184 -12.85 -3.20 21.02
N ASP B 185 -11.72 -2.52 21.15
CA ASP B 185 -10.81 -2.76 22.28
C ASP B 185 -10.83 -1.64 23.32
N SER B 186 -10.12 -1.88 24.41
CA SER B 186 -10.06 -0.94 25.53
C SER B 186 -8.82 -0.04 25.47
N SER B 187 -8.03 -0.16 24.41
CA SER B 187 -6.69 0.42 24.41
C SER B 187 -6.64 1.93 24.21
N LYS B 188 -7.41 2.45 23.26
CA LYS B 188 -7.40 3.90 22.98
C LYS B 188 -8.79 4.52 23.31
N PHE B 189 -8.82 5.73 23.90
CA PHE B 189 -10.09 6.39 24.31
C PHE B 189 -10.12 7.90 24.14
N ARG B 190 -11.19 8.56 24.57
CA ARG B 190 -11.14 9.99 24.60
C ARG B 190 -11.98 10.61 25.74
N ILE B 191 -11.91 11.93 25.90
CA ILE B 191 -12.24 12.58 27.18
C ILE B 191 -13.38 13.62 27.15
N THR B 192 -14.35 13.50 28.07
CA THR B 192 -15.52 14.41 28.17
C THR B 192 -15.28 15.58 29.09
N GLU B 193 -15.89 16.73 28.82
CA GLU B 193 -15.77 17.87 29.74
C GLU B 193 -16.09 17.43 31.16
N SER B 194 -16.84 16.35 31.29
CA SER B 194 -17.27 15.80 32.58
C SER B 194 -16.17 15.57 33.58
N VAL B 195 -14.95 15.53 33.10
CA VAL B 195 -13.85 15.17 33.97
C VAL B 195 -13.47 16.34 34.85
N PHE B 196 -13.88 17.53 34.41
CA PHE B 196 -13.62 18.76 35.11
C PHE B 196 -14.06 18.70 36.56
N ARG B 197 -14.97 17.78 36.84
CA ARG B 197 -15.48 17.57 38.21
C ARG B 197 -14.35 17.12 39.17
N PHE B 198 -13.39 16.37 38.66
CA PHE B 198 -12.26 15.96 39.46
C PHE B 198 -11.50 17.19 39.90
N GLY B 199 -11.84 18.33 39.30
CA GLY B 199 -11.12 19.54 39.58
C GLY B 199 -11.89 20.50 40.44
N ALA B 200 -13.00 20.02 41.05
CA ALA B 200 -13.90 20.86 41.87
C ALA B 200 -13.19 21.55 43.03
N ASP B 201 -12.47 20.75 43.83
CA ASP B 201 -11.67 21.26 44.95
C ASP B 201 -10.86 22.49 44.56
N VAL B 202 -10.34 22.49 43.33
CA VAL B 202 -9.63 23.67 42.89
C VAL B 202 -10.31 24.66 41.94
N ARG B 203 -11.42 24.31 41.34
CA ARG B 203 -11.95 25.19 40.30
C ARG B 203 -12.08 26.64 40.77
N ALA B 204 -12.51 26.83 42.00
CA ALA B 204 -12.65 28.17 42.58
C ALA B 204 -11.37 28.48 43.28
N GLY B 205 -10.75 29.61 42.93
CA GLY B 205 -9.38 29.80 43.39
C GLY B 205 -9.36 29.94 44.88
N ASP B 206 -8.89 28.91 45.55
CA ASP B 206 -9.16 28.85 46.96
C ASP B 206 -8.33 27.87 47.70
N ASP B 207 -8.25 28.08 49.01
CA ASP B 207 -7.63 27.09 49.86
C ASP B 207 -8.40 25.77 49.68
N PRO B 208 -7.73 24.74 49.17
CA PRO B 208 -8.33 23.46 48.79
C PRO B 208 -9.05 22.84 49.97
N ARG B 209 -8.54 23.07 51.18
CA ARG B 209 -9.22 22.59 52.36
C ARG B 209 -10.59 23.23 52.45
N GLU B 210 -10.67 24.56 52.49
CA GLU B 210 -11.95 25.26 52.52
C GLU B 210 -12.90 24.67 51.49
N ALA B 211 -12.52 24.79 50.23
CA ALA B 211 -13.37 24.31 49.14
C ALA B 211 -13.72 22.82 49.24
N GLN B 212 -12.92 22.03 49.95
CA GLN B 212 -13.28 20.64 50.19
C GLN B 212 -14.35 20.51 51.25
N ARG B 213 -14.34 21.42 52.21
CA ARG B 213 -15.27 21.31 53.33
C ARG B 213 -16.56 21.76 52.77
N ARG B 214 -16.43 22.58 51.74
CA ARG B 214 -17.56 23.09 51.01
C ARG B 214 -18.18 21.97 50.23
N LEU B 215 -17.48 21.43 49.24
CA LEU B 215 -18.03 20.28 48.51
C LEU B 215 -18.53 19.17 49.41
N ILE B 216 -18.01 19.03 50.63
CA ILE B 216 -18.50 17.92 51.42
C ILE B 216 -19.89 18.22 51.92
N ARG B 217 -20.14 19.50 52.17
CA ARG B 217 -21.44 19.98 52.63
C ARG B 217 -22.50 19.93 51.54
N ASP B 218 -22.08 20.13 50.29
CA ASP B 218 -22.99 20.26 49.16
C ASP B 218 -23.26 18.96 48.43
N GLY B 219 -22.58 17.90 48.81
CA GLY B 219 -22.94 16.57 48.35
C GLY B 219 -22.18 16.09 47.14
N GLU B 220 -21.35 17.00 46.62
CA GLU B 220 -20.31 16.78 45.60
C GLU B 220 -19.23 15.79 46.00
N ALA B 221 -18.91 15.73 47.30
CA ALA B 221 -17.87 14.82 47.77
C ALA B 221 -18.06 14.27 49.17
N MET B 222 -17.15 13.37 49.52
CA MET B 222 -17.17 12.69 50.78
C MET B 222 -15.72 12.55 51.22
N PRO B 223 -15.45 12.58 52.53
CA PRO B 223 -14.07 12.38 52.97
C PRO B 223 -13.74 10.89 53.01
N ILE B 224 -12.45 10.52 53.00
CA ILE B 224 -12.12 9.10 53.02
C ILE B 224 -11.43 8.56 54.30
N HIS C 20 -48.04 11.95 23.80
CA HIS C 20 -48.88 12.46 24.88
C HIS C 20 -48.94 11.43 25.98
N MET C 21 -49.22 11.91 27.17
CA MET C 21 -49.24 11.08 28.35
C MET C 21 -50.61 11.15 28.96
N PRO C 22 -51.06 10.04 29.56
CA PRO C 22 -52.36 9.92 30.23
C PRO C 22 -52.54 10.86 31.42
N VAL C 23 -53.76 11.16 31.77
CA VAL C 23 -53.96 11.99 32.93
C VAL C 23 -53.89 11.14 34.18
N LYS C 24 -54.21 9.86 34.09
CA LYS C 24 -54.10 9.06 35.30
C LYS C 24 -52.69 8.59 35.58
N LEU C 25 -51.88 8.42 34.54
CA LEU C 25 -50.44 8.24 34.74
C LEU C 25 -49.82 9.48 35.38
N ALA C 26 -50.03 10.64 34.75
CA ALA C 26 -49.57 11.91 35.33
C ALA C 26 -49.99 11.97 36.76
N GLN C 27 -51.18 11.48 37.04
CA GLN C 27 -51.71 11.56 38.38
C GLN C 27 -50.99 10.62 39.33
N ALA C 28 -50.57 9.46 38.82
CA ALA C 28 -49.81 8.45 39.58
C ALA C 28 -48.42 8.93 39.94
N LEU C 29 -47.71 9.41 38.91
CA LEU C 29 -46.35 9.93 39.02
C LEU C 29 -46.22 11.02 40.09
N ALA C 30 -47.22 11.87 40.25
CA ALA C 30 -47.12 12.92 41.28
C ALA C 30 -47.63 12.51 42.68
N ASN C 31 -48.07 11.27 42.81
CA ASN C 31 -48.37 10.74 44.14
C ASN C 31 -47.11 10.85 44.99
N PRO C 32 -47.26 11.03 46.32
CA PRO C 32 -46.13 10.92 47.23
C PRO C 32 -45.49 9.55 47.19
N LEU C 33 -46.27 8.49 47.33
CA LEU C 33 -45.65 7.18 47.35
C LEU C 33 -44.73 6.92 46.15
N PHE C 34 -45.07 7.49 45.00
CA PHE C 34 -44.45 7.03 43.77
C PHE C 34 -42.92 7.05 43.78
N PRO C 35 -42.27 8.22 43.88
CA PRO C 35 -40.82 8.12 43.72
C PRO C 35 -40.19 6.98 44.51
N ALA C 36 -40.54 6.90 45.79
CA ALA C 36 -40.03 5.87 46.67
C ALA C 36 -40.27 4.47 46.10
N LEU C 37 -41.50 4.24 45.69
CA LEU C 37 -41.91 2.96 45.18
C LEU C 37 -41.19 2.65 43.88
N ASP C 38 -41.10 3.63 42.98
CA ASP C 38 -40.40 3.49 41.71
C ASP C 38 -39.07 2.87 42.05
N SER C 39 -38.35 3.53 42.96
CA SER C 39 -37.05 3.01 43.30
C SER C 39 -37.13 1.53 43.73
N ALA C 40 -37.94 1.23 44.73
CA ALA C 40 -38.01 -0.17 45.17
C ALA C 40 -38.41 -1.24 44.10
N LEU C 41 -39.27 -0.88 43.16
CA LEU C 41 -39.79 -1.86 42.21
C LEU C 41 -38.64 -2.20 41.34
N ARG C 42 -38.01 -1.10 40.91
CA ARG C 42 -36.86 -1.10 40.03
C ARG C 42 -35.68 -1.74 40.71
N SER C 43 -35.74 -1.88 42.03
CA SER C 43 -34.65 -2.59 42.72
C SER C 43 -34.95 -4.10 42.76
N GLY C 44 -36.06 -4.50 42.16
CA GLY C 44 -36.42 -5.90 42.12
C GLY C 44 -37.42 -6.22 43.21
N ARG C 45 -37.69 -5.26 44.09
CA ARG C 45 -38.57 -5.52 45.24
C ARG C 45 -39.88 -6.05 44.72
N HIS C 46 -40.50 -6.94 45.49
CA HIS C 46 -41.90 -7.27 45.28
C HIS C 46 -42.77 -6.53 46.30
N ILE C 47 -43.74 -5.76 45.81
CA ILE C 47 -44.72 -5.15 46.71
C ILE C 47 -45.89 -6.12 46.97
N GLY C 48 -45.97 -6.64 48.20
CA GLY C 48 -47.02 -7.56 48.61
C GLY C 48 -48.00 -6.85 49.52
N LEU C 49 -49.00 -7.56 50.03
CA LEU C 49 -50.00 -6.90 50.89
C LEU C 49 -49.43 -6.21 52.13
N ASP C 50 -48.30 -6.71 52.61
CA ASP C 50 -47.78 -6.25 53.89
C ASP C 50 -47.41 -4.77 53.87
N GLU C 51 -47.30 -4.22 52.67
CA GLU C 51 -47.02 -2.81 52.48
C GLU C 51 -48.28 -2.23 51.91
N LEU C 52 -49.07 -1.55 52.72
CA LEU C 52 -50.44 -1.26 52.29
C LEU C 52 -50.61 -0.06 51.40
N ASP C 53 -50.07 1.05 51.84
CA ASP C 53 -50.28 2.27 51.10
C ASP C 53 -49.82 2.01 49.69
N ASN C 54 -48.61 1.45 49.62
CA ASN C 54 -48.02 1.05 48.33
C ASN C 54 -48.87 0.09 47.53
N HIS C 55 -49.16 -1.06 48.10
CA HIS C 55 -49.88 -2.10 47.41
C HIS C 55 -51.23 -1.66 46.83
N ALA C 56 -52.03 -0.99 47.64
CA ALA C 56 -53.25 -0.36 47.14
C ALA C 56 -52.95 0.65 46.01
N PHE C 57 -52.01 1.58 46.23
CA PHE C 57 -51.62 2.54 45.18
C PHE C 57 -51.35 1.85 43.82
N LEU C 58 -50.54 0.78 43.85
CA LEU C 58 -50.33 -0.08 42.67
C LEU C 58 -51.64 -0.61 42.09
N MET C 59 -52.49 -1.24 42.90
CA MET C 59 -53.74 -1.71 42.28
C MET C 59 -54.47 -0.56 41.58
N ASP C 60 -54.55 0.58 42.23
CA ASP C 60 -55.21 1.74 41.67
C ASP C 60 -54.60 2.16 40.34
N PHE C 61 -53.31 2.02 40.15
CA PHE C 61 -52.74 2.38 38.85
C PHE C 61 -52.29 1.31 37.81
N GLN C 62 -52.52 0.02 38.06
CA GLN C 62 -51.88 -0.99 37.24
C GLN C 62 -52.00 -0.64 35.78
N GLU C 63 -53.17 -0.21 35.35
CA GLU C 63 -53.39 0.01 33.93
C GLU C 63 -52.28 0.87 33.34
N TYR C 64 -52.07 2.06 33.89
CA TYR C 64 -51.10 2.99 33.33
C TYR C 64 -49.67 2.71 33.75
N LEU C 65 -49.49 2.19 34.96
CA LEU C 65 -48.12 1.97 35.42
C LEU C 65 -47.49 0.87 34.57
N GLU C 66 -48.26 -0.19 34.36
CA GLU C 66 -47.88 -1.32 33.52
C GLU C 66 -47.40 -0.86 32.13
N GLU C 67 -47.94 0.26 31.67
CA GLU C 67 -47.54 0.93 30.41
C GLU C 67 -46.29 1.77 30.56
N PHE C 68 -46.15 2.37 31.74
CA PHE C 68 -45.00 3.23 32.03
C PHE C 68 -43.73 2.45 32.18
N TYR C 69 -43.82 1.31 32.84
CA TYR C 69 -42.63 0.51 33.02
C TYR C 69 -42.30 -0.29 31.77
N ALA C 70 -43.22 -0.35 30.81
CA ALA C 70 -42.86 -1.10 29.63
C ALA C 70 -42.10 -0.28 28.60
N ARG C 71 -41.91 1.01 28.91
CA ARG C 71 -41.06 1.88 28.10
C ARG C 71 -39.60 1.69 28.45
N TYR C 72 -39.40 1.15 29.64
CA TYR C 72 -38.11 0.66 30.07
C TYR C 72 -38.02 -0.80 29.66
N ASN C 73 -39.01 -1.28 28.91
CA ASN C 73 -38.97 -2.65 28.43
C ASN C 73 -38.88 -3.59 29.62
N VAL C 74 -39.75 -3.35 30.58
CA VAL C 74 -39.88 -4.19 31.75
C VAL C 74 -41.37 -4.26 32.08
N GLU C 75 -41.85 -5.40 32.55
CA GLU C 75 -43.28 -5.54 32.76
C GLU C 75 -43.59 -5.42 34.21
N LEU C 76 -44.54 -4.56 34.52
CA LEU C 76 -45.05 -4.54 35.88
C LEU C 76 -46.11 -5.63 35.97
N ILE C 77 -45.79 -6.66 36.74
CA ILE C 77 -46.54 -7.91 36.77
C ILE C 77 -47.23 -8.07 38.10
N ARG C 78 -48.45 -8.58 38.15
CA ARG C 78 -49.07 -8.87 39.47
C ARG C 78 -49.38 -10.36 39.53
N ALA C 79 -48.93 -11.02 40.59
CA ALA C 79 -49.05 -12.47 40.68
C ALA C 79 -50.50 -12.87 40.76
N PRO C 80 -50.76 -14.17 40.68
CA PRO C 80 -52.08 -14.68 41.06
C PRO C 80 -52.41 -14.42 42.56
N GLU C 81 -51.48 -14.68 43.47
CA GLU C 81 -51.69 -14.44 44.89
C GLU C 81 -51.68 -12.97 45.24
N GLY C 82 -51.48 -12.14 44.22
CA GLY C 82 -51.74 -10.72 44.30
C GLY C 82 -50.64 -9.77 44.71
N PHE C 83 -49.37 -10.12 44.47
CA PHE C 83 -48.26 -9.20 44.73
C PHE C 83 -47.54 -8.74 43.46
N PHE C 84 -47.25 -7.45 43.37
CA PHE C 84 -46.61 -6.83 42.21
C PHE C 84 -45.10 -6.98 42.17
N TYR C 85 -44.51 -6.86 40.96
CA TYR C 85 -43.04 -6.80 40.76
C TYR C 85 -42.66 -6.46 39.33
N LEU C 86 -41.44 -5.97 39.12
CA LEU C 86 -41.03 -5.54 37.80
C LEU C 86 -40.17 -6.62 37.18
N ARG C 87 -40.70 -7.33 36.20
CA ARG C 87 -39.93 -8.37 35.52
C ARG C 87 -39.26 -7.85 34.25
N PRO C 88 -37.93 -7.72 34.29
CA PRO C 88 -37.04 -7.18 33.27
C PRO C 88 -37.11 -8.06 32.08
N ARG C 89 -37.30 -7.46 30.90
CA ARG C 89 -37.25 -8.14 29.61
C ARG C 89 -35.80 -8.41 29.23
N SER C 90 -35.58 -9.00 28.06
CA SER C 90 -34.22 -9.20 27.59
C SER C 90 -33.58 -7.87 27.17
N THR C 91 -34.42 -6.98 26.68
CA THR C 91 -33.99 -5.68 26.17
C THR C 91 -34.02 -4.55 27.26
N THR C 92 -34.14 -4.94 28.53
CA THR C 92 -34.44 -4.01 29.62
C THR C 92 -33.54 -2.80 29.74
N LEU C 93 -34.17 -1.63 29.73
CA LEU C 93 -33.49 -0.34 29.86
C LEU C 93 -33.13 0.00 31.29
N ILE C 94 -33.47 -0.90 32.21
CA ILE C 94 -33.16 -0.76 33.63
C ILE C 94 -32.05 -1.74 33.93
N PRO C 95 -31.00 -1.27 34.60
CA PRO C 95 -29.90 -2.16 34.97
C PRO C 95 -30.40 -3.45 35.64
N ARG C 96 -29.82 -4.59 35.31
CA ARG C 96 -30.30 -5.87 35.80
C ARG C 96 -29.22 -6.50 36.64
N SER C 97 -29.63 -7.49 37.44
CA SER C 97 -28.68 -8.30 38.21
C SER C 97 -29.35 -9.62 38.52
N VAL C 98 -28.66 -10.54 39.19
CA VAL C 98 -29.22 -11.88 39.45
C VAL C 98 -28.87 -12.50 40.84
N LEU C 99 -29.73 -13.37 41.36
CA LEU C 99 -29.48 -14.01 42.65
C LEU C 99 -28.62 -15.29 42.55
N SER C 100 -27.81 -15.57 43.58
CA SER C 100 -26.89 -16.73 43.55
C SER C 100 -27.63 -18.06 43.55
N GLU C 101 -26.97 -19.15 43.18
CA GLU C 101 -27.66 -20.42 43.31
C GLU C 101 -28.19 -20.51 44.75
N LEU C 102 -27.41 -19.99 45.70
CA LEU C 102 -27.85 -19.98 47.11
C LEU C 102 -29.12 -19.12 47.31
N ASP C 103 -29.07 -17.86 46.91
CA ASP C 103 -30.21 -16.99 47.13
C ASP C 103 -31.45 -17.77 46.73
N MET C 104 -31.45 -18.40 45.57
CA MET C 104 -32.61 -19.21 45.14
C MET C 104 -32.92 -20.49 45.93
N MET C 105 -31.90 -21.21 46.38
CA MET C 105 -32.24 -22.30 47.31
C MET C 105 -32.99 -21.73 48.55
N VAL C 106 -32.40 -20.73 49.18
CA VAL C 106 -32.98 -20.02 50.31
C VAL C 106 -34.44 -19.63 50.05
N GLY C 107 -34.69 -18.90 48.97
CA GLY C 107 -36.03 -18.49 48.57
C GLY C 107 -36.98 -19.66 48.49
N LYS C 108 -36.61 -20.71 47.75
CA LYS C 108 -37.49 -21.88 47.67
C LYS C 108 -37.82 -22.49 49.04
N ILE C 109 -36.84 -22.43 49.93
CA ILE C 109 -37.00 -22.91 51.29
C ILE C 109 -37.97 -22.05 52.08
N LEU C 110 -37.76 -20.74 52.06
CA LEU C 110 -38.71 -19.76 52.56
C LEU C 110 -40.15 -20.01 52.08
N CYS C 111 -40.33 -20.38 50.82
CA CYS C 111 -41.63 -20.88 50.37
C CYS C 111 -42.06 -22.19 51.08
N TYR C 112 -41.16 -23.14 51.26
CA TYR C 112 -41.54 -24.36 52.01
C TYR C 112 -42.02 -24.07 53.43
N LEU C 113 -41.33 -23.18 54.12
CA LEU C 113 -41.76 -22.68 55.42
C LEU C 113 -43.15 -22.08 55.34
N TYR C 114 -43.31 -21.09 54.46
CA TYR C 114 -44.59 -20.43 54.29
C TYR C 114 -45.70 -21.44 54.06
N LEU C 115 -45.38 -22.59 53.50
CA LEU C 115 -46.42 -23.59 53.31
C LEU C 115 -46.57 -24.60 54.44
N SER C 116 -45.66 -24.59 55.40
CA SER C 116 -45.73 -25.59 56.46
C SER C 116 -46.68 -25.17 57.56
N PRO C 117 -47.18 -26.15 58.32
CA PRO C 117 -48.05 -25.90 59.48
C PRO C 117 -47.31 -25.14 60.60
N GLU C 118 -45.99 -25.32 60.60
CA GLU C 118 -45.11 -24.67 61.55
C GLU C 118 -45.31 -23.14 61.55
N ARG C 119 -45.79 -22.59 60.43
CA ARG C 119 -46.04 -21.15 60.31
C ARG C 119 -47.36 -20.75 60.95
N LEU C 120 -48.37 -21.60 60.88
CA LEU C 120 -49.64 -21.29 61.53
C LEU C 120 -49.52 -21.44 63.05
N ALA C 121 -48.79 -22.46 63.51
CA ALA C 121 -48.45 -22.55 64.93
C ALA C 121 -47.63 -21.32 65.41
N ASN C 122 -46.46 -21.08 64.81
CA ASN C 122 -45.60 -19.93 65.11
C ASN C 122 -46.22 -18.56 64.83
N GLU C 123 -47.43 -18.56 64.28
CA GLU C 123 -48.12 -17.33 63.92
C GLU C 123 -47.20 -16.42 63.10
N GLY C 124 -46.64 -17.01 62.05
CA GLY C 124 -45.91 -16.28 61.03
C GLY C 124 -44.42 -16.16 61.25
N ILE C 125 -43.97 -16.47 62.46
CA ILE C 125 -42.60 -16.11 62.84
C ILE C 125 -41.59 -17.26 62.78
N PHE C 126 -40.43 -16.98 62.19
CA PHE C 126 -39.34 -17.96 62.13
C PHE C 126 -38.03 -17.40 62.66
N THR C 127 -37.07 -18.29 62.90
CA THR C 127 -35.77 -17.91 63.43
C THR C 127 -34.72 -18.37 62.45
N GLN C 128 -33.58 -17.70 62.41
CA GLN C 128 -32.54 -18.01 61.43
C GLN C 128 -32.28 -19.50 61.39
N GLN C 129 -32.31 -20.08 62.59
CA GLN C 129 -31.99 -21.47 62.77
C GLN C 129 -32.94 -22.29 61.93
N GLU C 130 -34.24 -22.17 62.21
CA GLU C 130 -35.21 -23.02 61.54
C GLU C 130 -34.97 -23.03 60.02
N LEU C 131 -34.54 -21.89 59.47
CA LEU C 131 -34.20 -21.72 58.05
C LEU C 131 -33.04 -22.63 57.69
N TYR C 132 -31.95 -22.45 58.41
CA TYR C 132 -30.80 -23.29 58.17
C TYR C 132 -31.14 -24.80 58.21
N ASP C 133 -31.74 -25.24 59.31
CA ASP C 133 -32.16 -26.63 59.45
C ASP C 133 -32.94 -27.12 58.21
N GLU C 134 -34.02 -26.40 57.84
CA GLU C 134 -34.84 -26.80 56.69
C GLU C 134 -33.97 -26.90 55.44
N LEU C 135 -32.95 -26.03 55.39
CA LEU C 135 -31.99 -26.05 54.27
C LEU C 135 -31.23 -27.37 54.17
N LEU C 136 -30.60 -27.77 55.28
CA LEU C 136 -29.76 -28.97 55.21
C LEU C 136 -30.56 -30.25 54.91
N THR C 137 -31.89 -30.15 54.97
CA THR C 137 -32.74 -31.31 54.85
C THR C 137 -33.12 -31.63 53.40
N LEU C 138 -33.95 -30.76 52.83
CA LEU C 138 -34.58 -30.97 51.52
C LEU C 138 -33.63 -30.95 50.33
N ALA C 139 -32.49 -30.28 50.51
CA ALA C 139 -31.45 -30.34 49.50
C ALA C 139 -30.36 -31.29 49.99
N ASP C 140 -29.35 -31.50 49.15
CA ASP C 140 -28.20 -32.32 49.53
C ASP C 140 -27.09 -31.45 50.13
N GLU C 141 -26.53 -31.91 51.24
CA GLU C 141 -25.57 -31.14 52.01
C GLU C 141 -24.28 -30.98 51.23
N ALA C 142 -24.12 -31.76 50.15
CA ALA C 142 -22.83 -31.75 49.49
C ALA C 142 -22.62 -30.44 48.75
N LYS C 143 -23.36 -30.25 47.64
CA LYS C 143 -23.26 -29.02 46.85
C LYS C 143 -23.50 -27.77 47.69
N LEU C 144 -24.13 -27.92 48.84
CA LEU C 144 -24.39 -26.74 49.67
C LEU C 144 -23.06 -26.17 50.14
N LEU C 145 -22.27 -27.03 50.78
CA LEU C 145 -20.97 -26.67 51.28
C LEU C 145 -19.97 -26.43 50.12
N LYS C 146 -20.17 -27.20 49.05
CA LYS C 146 -19.36 -27.15 47.82
C LYS C 146 -19.30 -25.73 47.24
N LEU C 147 -20.26 -24.89 47.65
CA LEU C 147 -20.36 -23.48 47.25
C LEU C 147 -20.04 -22.62 48.47
N SER C 155 -15.77 -30.47 57.18
CA SER C 155 -15.14 -29.25 57.69
C SER C 155 -16.06 -28.44 58.63
N ASP C 156 -15.50 -27.85 59.70
CA ASP C 156 -16.28 -27.00 60.64
C ASP C 156 -16.21 -25.47 60.46
N VAL C 157 -15.23 -24.97 59.69
CA VAL C 157 -15.20 -23.54 59.33
C VAL C 157 -16.08 -23.29 58.10
N ASP C 158 -15.98 -24.24 57.18
CA ASP C 158 -16.84 -24.34 56.01
C ASP C 158 -18.37 -24.40 56.36
N ARG C 159 -18.71 -24.95 57.52
CA ARG C 159 -20.10 -24.95 57.99
C ARG C 159 -20.55 -23.61 58.60
N GLN C 160 -19.62 -22.84 59.16
CA GLN C 160 -19.97 -21.49 59.60
C GLN C 160 -20.12 -20.51 58.45
N LYS C 161 -19.22 -20.61 57.47
CA LYS C 161 -19.36 -19.80 56.24
C LYS C 161 -20.78 -19.95 55.69
N LEU C 162 -21.23 -21.19 55.55
CA LEU C 162 -22.55 -21.47 55.00
C LEU C 162 -23.61 -20.62 55.71
N GLN C 163 -23.67 -20.68 57.04
CA GLN C 163 -24.65 -19.89 57.78
C GLN C 163 -24.43 -18.39 57.62
N GLU C 164 -23.20 -17.96 57.34
CA GLU C 164 -22.99 -16.53 57.13
C GLU C 164 -23.47 -16.08 55.74
N LYS C 165 -23.39 -16.99 54.77
CA LYS C 165 -23.88 -16.72 53.43
C LYS C 165 -25.41 -16.94 53.24
N VAL C 166 -26.00 -17.92 53.96
CA VAL C 166 -27.46 -18.01 54.12
C VAL C 166 -28.01 -16.77 54.87
N ARG C 167 -27.34 -16.41 55.97
CA ARG C 167 -27.66 -15.18 56.68
C ARG C 167 -27.61 -13.96 55.76
N SER C 168 -26.69 -13.95 54.79
CA SER C 168 -26.65 -12.87 53.80
C SER C 168 -27.79 -13.00 52.78
N SER C 169 -28.16 -14.25 52.49
CA SER C 169 -29.28 -14.53 51.57
C SER C 169 -30.61 -13.97 52.09
N LEU C 170 -30.81 -14.10 53.40
CA LEU C 170 -32.02 -13.58 54.00
C LEU C 170 -32.08 -12.11 53.77
N ASN C 171 -30.97 -11.40 53.91
CA ASN C 171 -30.97 -9.97 53.63
C ASN C 171 -31.22 -9.61 52.19
N ARG C 172 -30.58 -10.32 51.27
CA ARG C 172 -30.79 -9.97 49.87
C ARG C 172 -32.25 -10.09 49.66
N LEU C 173 -32.80 -11.18 50.18
CA LEU C 173 -34.21 -11.48 50.02
C LEU C 173 -35.17 -10.57 50.82
N ARG C 174 -34.69 -9.92 51.86
CA ARG C 174 -35.54 -9.02 52.59
C ARG C 174 -35.60 -7.71 51.84
N ARG C 175 -34.51 -7.29 51.20
CA ARG C 175 -34.56 -6.01 50.45
C ARG C 175 -35.51 -6.15 49.28
N LEU C 176 -35.87 -7.39 48.99
CA LEU C 176 -36.73 -7.80 47.89
C LEU C 176 -38.19 -8.02 48.30
N GLY C 177 -38.45 -7.84 49.59
CA GLY C 177 -39.78 -7.95 50.19
C GLY C 177 -40.23 -9.38 50.33
N MET C 178 -39.30 -10.31 50.48
CA MET C 178 -39.69 -11.69 50.64
C MET C 178 -39.85 -12.02 52.11
N VAL C 179 -39.66 -10.99 52.94
CA VAL C 179 -39.53 -11.16 54.37
C VAL C 179 -39.32 -9.84 55.13
N TRP C 180 -39.65 -9.84 56.43
CA TRP C 180 -39.47 -8.68 57.32
C TRP C 180 -38.79 -9.06 58.66
N PHE C 181 -37.87 -8.21 59.11
CA PHE C 181 -37.18 -8.47 60.36
C PHE C 181 -37.94 -7.89 61.57
N MET C 182 -38.04 -8.72 62.62
CA MET C 182 -38.88 -8.44 63.78
C MET C 182 -38.13 -7.74 64.89
N GLY C 183 -38.41 -6.46 65.10
CA GLY C 183 -37.78 -5.69 66.16
C GLY C 183 -36.30 -5.36 66.00
N HIS C 184 -35.64 -5.22 67.14
CA HIS C 184 -34.26 -4.71 67.25
C HIS C 184 -33.16 -5.51 66.50
N ASP C 185 -33.48 -6.72 66.03
CA ASP C 185 -32.48 -7.61 65.39
C ASP C 185 -32.94 -8.38 64.15
N SER C 186 -31.99 -9.15 63.59
CA SER C 186 -32.25 -10.10 62.52
C SER C 186 -32.46 -11.55 63.02
N SER C 187 -32.58 -11.75 64.33
CA SER C 187 -32.79 -13.09 64.92
C SER C 187 -34.02 -13.82 64.35
N LYS C 188 -35.17 -13.15 64.46
CA LYS C 188 -36.46 -13.68 64.02
C LYS C 188 -37.04 -12.82 62.90
N PHE C 189 -37.76 -13.47 61.99
CA PHE C 189 -38.23 -12.84 60.77
C PHE C 189 -39.55 -13.45 60.27
N ARG C 190 -40.33 -12.62 59.59
CA ARG C 190 -41.61 -13.00 59.03
C ARG C 190 -41.48 -13.17 57.54
N ILE C 191 -42.22 -14.13 57.01
CA ILE C 191 -42.25 -14.40 55.55
C ILE C 191 -43.43 -13.75 54.83
N THR C 192 -43.18 -13.06 53.72
CA THR C 192 -44.26 -12.39 52.94
C THR C 192 -44.93 -13.37 51.96
N GLU C 193 -45.95 -12.94 51.22
CA GLU C 193 -46.66 -13.86 50.32
C GLU C 193 -45.96 -13.86 48.99
N SER C 194 -45.15 -12.82 48.79
CA SER C 194 -44.30 -12.67 47.62
C SER C 194 -43.38 -13.89 47.44
N VAL C 195 -43.12 -14.59 48.53
CA VAL C 195 -42.32 -15.80 48.49
C VAL C 195 -42.85 -16.82 47.50
N PHE C 196 -44.12 -16.71 47.13
CA PHE C 196 -44.70 -17.59 46.09
C PHE C 196 -43.98 -17.58 44.74
N ARG C 197 -43.17 -16.55 44.51
CA ARG C 197 -42.38 -16.48 43.30
C ARG C 197 -41.44 -17.66 43.21
N PHE C 198 -40.91 -18.07 44.36
CA PHE C 198 -40.00 -19.20 44.47
C PHE C 198 -40.81 -20.48 44.54
N GLY C 199 -42.11 -20.36 44.30
CA GLY C 199 -42.98 -21.51 44.48
C GLY C 199 -43.02 -22.45 43.29
N ALA C 200 -43.08 -23.75 43.59
CA ALA C 200 -42.99 -24.78 42.55
C ALA C 200 -44.26 -24.76 41.73
N ASP C 201 -44.35 -25.62 40.72
CA ASP C 201 -45.55 -25.61 39.92
C ASP C 201 -46.56 -26.58 40.52
N VAL C 202 -47.64 -25.99 41.03
CA VAL C 202 -48.62 -26.76 41.75
C VAL C 202 -49.63 -27.31 40.74
N ARG C 203 -50.07 -28.53 40.95
CA ARG C 203 -50.84 -29.21 39.96
C ARG C 203 -52.37 -29.01 40.03
N ALA C 204 -52.83 -28.06 40.84
CA ALA C 204 -54.26 -27.82 40.98
C ALA C 204 -55.04 -28.88 41.73
N GLY C 205 -54.97 -28.82 43.06
CA GLY C 205 -55.52 -29.86 43.88
C GLY C 205 -54.46 -30.73 44.49
N ASP C 206 -53.23 -30.23 44.60
CA ASP C 206 -52.22 -30.98 45.31
C ASP C 206 -51.63 -30.20 46.44
N ASP C 207 -50.97 -30.91 47.33
CA ASP C 207 -50.20 -30.33 48.41
C ASP C 207 -48.99 -29.57 47.85
N PRO C 208 -49.00 -28.23 48.00
CA PRO C 208 -47.88 -27.39 47.60
C PRO C 208 -46.57 -27.83 48.27
N ARG C 209 -46.65 -28.72 49.25
CA ARG C 209 -45.42 -29.23 49.89
C ARG C 209 -44.69 -30.14 48.94
N GLU C 210 -45.35 -31.24 48.54
CA GLU C 210 -44.68 -32.26 47.74
C GLU C 210 -43.99 -31.62 46.53
N ALA C 211 -44.77 -30.96 45.70
CA ALA C 211 -44.24 -30.31 44.51
C ALA C 211 -43.04 -29.40 44.86
N GLN C 212 -43.16 -28.72 46.00
CA GLN C 212 -42.18 -27.75 46.44
C GLN C 212 -40.89 -28.37 47.01
N ARG C 213 -40.93 -29.59 47.56
CA ARG C 213 -39.66 -30.22 47.90
C ARG C 213 -39.04 -30.94 46.72
N ARG C 214 -39.88 -31.32 45.77
CA ARG C 214 -39.41 -31.91 44.51
C ARG C 214 -38.65 -30.85 43.71
N LEU C 215 -39.19 -29.63 43.71
CA LEU C 215 -38.51 -28.47 43.12
C LEU C 215 -37.29 -28.07 43.95
N ILE C 216 -37.16 -28.60 45.16
CA ILE C 216 -35.96 -28.29 45.93
C ILE C 216 -34.86 -29.31 45.67
N ARG C 217 -35.25 -30.41 45.02
CA ARG C 217 -34.38 -31.55 44.73
C ARG C 217 -33.88 -31.46 43.27
N THR D 27 30.34 28.67 11.71
CA THR D 27 29.71 27.97 10.60
C THR D 27 30.22 26.53 10.47
N VAL D 28 31.44 26.36 9.92
CA VAL D 28 32.01 25.04 9.62
C VAL D 28 31.98 24.08 10.83
N PRO D 29 32.56 24.49 11.97
CA PRO D 29 32.46 23.68 13.20
C PRO D 29 31.08 23.76 13.88
N GLU D 30 30.29 24.78 13.54
CA GLU D 30 29.03 25.09 14.22
C GLU D 30 27.90 24.11 13.89
N LEU D 31 27.88 23.65 12.64
CA LEU D 31 26.92 22.64 12.17
C LEU D 31 26.91 21.42 13.07
N VAL D 32 28.10 20.87 13.33
CA VAL D 32 28.27 19.70 14.21
C VAL D 32 27.55 19.94 15.53
N ALA D 33 27.73 21.15 16.05
CA ALA D 33 27.06 21.62 17.27
C ALA D 33 25.54 21.76 17.11
N TRP D 34 25.06 21.96 15.89
CA TRP D 34 23.62 21.83 15.65
C TRP D 34 23.23 20.33 15.69
N ALA D 35 24.15 19.45 15.30
CA ALA D 35 23.87 18.00 15.15
C ALA D 35 23.81 17.25 16.47
N ARG D 36 24.65 17.65 17.42
CA ARG D 36 24.59 17.01 18.72
C ARG D 36 23.48 17.63 19.60
N LYS D 37 22.85 18.71 19.12
CA LYS D 37 21.77 19.37 19.87
C LYS D 37 20.40 18.67 19.77
N ASN D 38 20.08 18.17 18.57
CA ASN D 38 18.82 17.46 18.33
C ASN D 38 18.93 15.93 18.36
N ASP D 39 20.15 15.43 18.56
CA ASP D 39 20.37 13.97 18.66
C ASP D 39 19.90 13.19 17.42
N PHE D 40 20.37 13.56 16.22
CA PHE D 40 19.99 12.85 15.00
C PHE D 40 20.83 11.63 14.77
N SER D 41 20.20 10.48 14.83
CA SER D 41 20.92 9.24 14.87
C SER D 41 20.22 8.20 14.03
N ILE D 42 20.92 7.68 13.04
CA ILE D 42 20.35 6.62 12.21
C ILE D 42 20.93 5.27 12.65
N SER D 43 20.10 4.51 13.36
CA SER D 43 20.50 3.23 13.89
C SER D 43 19.78 2.15 13.11
N LEU D 44 20.51 1.50 12.23
CA LEU D 44 19.89 0.59 11.29
C LEU D 44 20.69 -0.70 11.21
N PRO D 45 20.53 -1.54 12.22
CA PRO D 45 21.09 -2.89 12.16
C PRO D 45 20.34 -3.64 11.07
N VAL D 46 20.72 -4.88 10.76
CA VAL D 46 20.07 -5.63 9.67
C VAL D 46 18.54 -5.80 9.89
N ASP D 47 18.11 -5.79 11.14
CA ASP D 47 16.68 -5.93 11.41
C ASP D 47 15.92 -4.67 11.00
N ARG D 48 16.16 -3.55 11.69
CA ARG D 48 15.46 -2.28 11.45
C ARG D 48 15.46 -1.86 9.98
N LEU D 49 16.56 -2.16 9.29
CA LEU D 49 16.65 -1.91 7.87
C LEU D 49 15.84 -2.92 7.02
N SER D 50 15.94 -4.23 7.28
CA SER D 50 15.11 -5.20 6.53
C SER D 50 13.62 -4.87 6.66
N PHE D 51 13.22 -4.46 7.88
CA PHE D 51 11.87 -3.99 8.21
C PHE D 51 11.54 -2.76 7.39
N LEU D 52 12.42 -1.76 7.43
CA LEU D 52 12.20 -0.59 6.61
C LEU D 52 11.99 -1.02 5.17
N LEU D 53 12.66 -2.09 4.77
CA LEU D 53 12.62 -2.57 3.38
C LEU D 53 11.35 -3.31 3.01
N ALA D 54 10.81 -4.03 3.98
CA ALA D 54 9.49 -4.58 3.86
C ALA D 54 8.48 -3.44 3.72
N VAL D 55 8.58 -2.44 4.59
CA VAL D 55 7.71 -1.27 4.57
C VAL D 55 7.69 -0.54 3.23
N ALA D 56 8.86 -0.36 2.66
CA ALA D 56 8.95 0.28 1.37
C ALA D 56 8.59 -0.71 0.26
N THR D 57 8.55 -2.01 0.56
CA THR D 57 7.99 -2.98 -0.41
C THR D 57 6.45 -2.93 -0.46
N LEU D 58 5.84 -2.65 0.69
CA LEU D 58 4.38 -2.53 0.76
C LEU D 58 3.89 -1.16 0.29
N ASN D 59 4.70 -0.12 0.49
CA ASN D 59 4.39 1.22 -0.04
C ASN D 59 4.05 1.20 -1.54
N GLY D 60 4.74 0.33 -2.30
CA GLY D 60 4.40 0.04 -3.68
C GLY D 60 3.92 -1.40 -3.88
N MET D 67 -1.24 3.53 3.63
CA MET D 67 -0.92 2.60 4.71
C MET D 67 -1.27 3.10 6.14
N SER D 68 -1.30 2.17 7.12
CA SER D 68 -1.72 2.46 8.51
C SER D 68 -0.96 1.65 9.55
N GLU D 69 -1.32 1.84 10.83
CA GLU D 69 -0.55 1.33 11.99
C GLU D 69 -0.60 -0.20 12.17
N GLY D 70 -1.78 -0.74 11.94
CA GLY D 70 -1.94 -2.17 11.99
C GLY D 70 -1.06 -2.75 10.91
N GLU D 71 -1.13 -2.16 9.72
CA GLU D 71 -0.30 -2.59 8.62
C GLU D 71 1.14 -2.71 9.07
N LEU D 72 1.61 -1.69 9.80
CA LEU D 72 2.98 -1.63 10.30
C LEU D 72 3.28 -2.79 11.25
N VAL D 73 2.29 -3.09 12.09
CA VAL D 73 2.43 -4.20 13.03
C VAL D 73 2.48 -5.55 12.29
N ASP D 74 1.68 -5.72 11.23
CA ASP D 74 1.67 -6.96 10.43
C ASP D 74 3.01 -7.10 9.78
N ALA D 75 3.50 -5.98 9.28
CA ALA D 75 4.82 -5.92 8.69
C ALA D 75 5.82 -6.44 9.70
N PHE D 76 5.88 -5.79 10.86
CA PHE D 76 6.87 -6.14 11.86
C PHE D 76 6.73 -7.61 12.24
N ARG D 77 5.50 -8.11 12.15
CA ARG D 77 5.25 -9.52 12.40
C ARG D 77 6.03 -10.33 11.37
N HIS D 78 5.86 -10.01 10.10
CA HIS D 78 6.55 -10.77 9.07
C HIS D 78 8.07 -10.65 9.27
N VAL D 79 8.50 -9.53 9.85
CA VAL D 79 9.91 -9.27 10.14
C VAL D 79 10.46 -10.17 11.25
N SER D 80 9.87 -10.07 12.44
CA SER D 80 10.24 -10.86 13.59
C SER D 80 10.22 -12.34 13.23
N ASP D 81 9.17 -12.75 12.51
CA ASP D 81 9.03 -14.11 12.00
C ASP D 81 10.21 -14.50 11.07
N ALA D 82 10.53 -13.66 10.09
CA ALA D 82 11.63 -13.98 9.16
C ALA D 82 12.93 -14.33 9.92
N PHE D 83 13.07 -13.79 11.13
CA PHE D 83 14.21 -14.06 12.01
C PHE D 83 14.04 -15.38 12.75
N GLY D 91 5.42 -8.31 19.54
CA GLY D 91 4.47 -7.22 19.41
C GLY D 91 4.96 -5.99 20.16
N VAL D 92 5.60 -6.24 21.30
CA VAL D 92 6.21 -5.17 22.07
C VAL D 92 7.40 -4.62 21.27
N ARG D 93 8.11 -5.54 20.62
CA ARG D 93 9.22 -5.17 19.75
C ARG D 93 8.78 -4.45 18.47
N ALA D 94 7.54 -4.71 18.05
CA ALA D 94 6.95 -3.98 16.92
C ALA D 94 6.78 -2.50 17.26
N ASN D 95 6.22 -2.20 18.43
CA ASN D 95 6.02 -0.82 18.91
C ASN D 95 7.35 -0.14 19.28
N ASN D 96 8.32 -0.92 19.79
CA ASN D 96 9.68 -0.43 19.95
C ASN D 96 10.25 0.08 18.62
N ALA D 97 10.29 -0.84 17.63
CA ALA D 97 10.68 -0.49 16.27
C ALA D 97 9.95 0.77 15.81
N ILE D 98 8.64 0.70 15.61
CA ILE D 98 7.89 1.87 15.07
C ILE D 98 8.25 3.17 15.80
N ASN D 99 8.15 3.16 17.12
CA ASN D 99 8.54 4.31 17.92
C ASN D 99 9.87 4.87 17.45
N ASP D 100 10.93 4.08 17.61
CA ASP D 100 12.27 4.59 17.26
C ASP D 100 12.44 4.90 15.77
N MET D 101 11.59 4.34 14.92
CA MET D 101 11.68 4.65 13.51
C MET D 101 11.18 6.08 13.37
N VAL D 102 10.18 6.51 14.17
CA VAL D 102 9.74 7.95 14.15
C VAL D 102 10.67 8.91 14.90
N ARG D 103 11.36 8.42 15.93
CA ARG D 103 12.29 9.28 16.63
C ARG D 103 13.45 9.64 15.70
N GLN D 104 13.86 8.68 14.87
CA GLN D 104 15.00 8.83 13.95
C GLN D 104 14.57 9.49 12.64
N ARG D 105 13.32 9.95 12.63
CA ARG D 105 12.73 10.66 11.50
C ARG D 105 12.92 9.96 10.17
N LEU D 106 12.93 8.63 10.22
CA LEU D 106 12.75 7.80 9.04
C LEU D 106 11.27 7.79 8.55
N LEU D 107 10.35 8.18 9.47
CA LEU D 107 8.89 7.94 9.35
C LEU D 107 7.98 9.11 9.76
N ASN D 108 6.98 9.40 8.95
CA ASN D 108 6.02 10.46 9.23
C ASN D 108 4.69 9.82 9.61
N ARG D 109 4.05 10.36 10.64
CA ARG D 109 2.90 9.70 11.22
C ARG D 109 1.75 10.67 11.45
N PHE D 110 0.54 10.20 11.20
CA PHE D 110 -0.66 11.03 11.36
C PHE D 110 -1.76 10.25 12.13
N THR D 111 -2.50 10.93 13.03
CA THR D 111 -3.65 10.31 13.69
C THR D 111 -4.81 10.33 12.72
N SER D 112 -5.29 9.15 12.36
CA SER D 112 -6.51 9.05 11.58
C SER D 112 -7.49 8.15 12.28
N GLU D 113 -8.73 8.60 12.35
CA GLU D 113 -9.75 7.94 13.14
C GLU D 113 -10.25 6.67 12.48
N GLN D 114 -10.85 6.83 11.31
CA GLN D 114 -11.41 5.74 10.54
C GLN D 114 -10.41 4.62 10.34
N ALA D 115 -9.14 5.00 10.35
CA ALA D 115 -8.04 4.09 10.05
C ALA D 115 -7.88 3.01 11.10
N GLU D 116 -7.38 1.85 10.67
CA GLU D 116 -7.23 0.72 11.58
C GLU D 116 -6.06 1.00 12.53
N GLY D 117 -6.36 1.03 13.83
CA GLY D 117 -5.36 1.33 14.84
C GLY D 117 -5.23 2.80 15.21
N ASN D 118 -5.93 3.67 14.48
CA ASN D 118 -5.91 5.15 14.65
C ASN D 118 -4.63 5.90 14.28
N ALA D 119 -3.84 5.29 13.40
CA ALA D 119 -2.59 5.86 12.96
C ALA D 119 -2.27 5.39 11.55
N ILE D 120 -1.57 6.26 10.82
CA ILE D 120 -0.99 5.93 9.51
C ILE D 120 0.49 6.32 9.38
N TYR D 121 1.18 5.60 8.50
CA TYR D 121 2.62 5.72 8.35
C TYR D 121 3.14 5.85 6.89
N ARG D 122 3.76 6.98 6.59
CA ARG D 122 4.44 7.21 5.29
C ARG D 122 5.94 7.31 5.55
N LEU D 123 6.79 6.83 4.62
CA LEU D 123 8.24 7.02 4.78
C LEU D 123 8.57 8.47 4.51
N THR D 124 9.58 9.01 5.20
CA THR D 124 9.96 10.42 5.00
C THR D 124 10.96 10.52 3.84
N PRO D 125 11.18 11.75 3.34
CA PRO D 125 12.18 11.88 2.29
C PRO D 125 13.44 11.06 2.63
N LEU D 126 13.76 10.99 3.92
CA LEU D 126 14.90 10.22 4.38
C LEU D 126 14.70 8.72 4.20
N GLY D 127 13.61 8.24 4.77
CA GLY D 127 13.27 6.85 4.66
C GLY D 127 13.26 6.55 3.20
N ILE D 128 12.69 7.47 2.42
CA ILE D 128 12.61 7.28 0.98
C ILE D 128 14.00 7.03 0.40
N GLY D 129 14.96 7.89 0.72
CA GLY D 129 16.29 7.79 0.16
C GLY D 129 16.93 6.45 0.48
N ILE D 130 16.98 6.14 1.76
CA ILE D 130 17.67 4.93 2.19
C ILE D 130 17.04 3.72 1.53
N THR D 131 15.72 3.59 1.67
CA THR D 131 14.98 2.47 1.12
C THR D 131 15.31 2.34 -0.35
N ASP D 132 15.14 3.46 -1.07
CA ASP D 132 15.40 3.57 -2.51
C ASP D 132 16.72 2.96 -2.92
N TYR D 133 17.81 3.47 -2.37
CA TYR D 133 19.10 2.99 -2.81
C TYR D 133 19.12 1.45 -2.93
N TYR D 134 18.63 0.75 -1.91
CA TYR D 134 18.62 -0.73 -1.91
C TYR D 134 17.52 -1.32 -2.79
N ILE D 135 16.27 -1.07 -2.40
CA ILE D 135 15.07 -1.60 -3.05
C ILE D 135 14.94 -1.23 -4.53
N ARG D 136 15.65 -0.17 -4.93
CA ARG D 136 15.52 0.40 -6.27
C ARG D 136 16.55 -0.19 -7.22
N GLN D 137 16.13 -0.42 -8.45
CA GLN D 137 17.08 -0.82 -9.47
C GLN D 137 17.57 0.51 -9.98
N ARG D 138 18.84 0.84 -9.73
CA ARG D 138 19.42 1.98 -10.40
C ARG D 138 20.25 1.43 -11.53
N GLU D 139 19.72 1.56 -12.73
CA GLU D 139 20.34 0.97 -13.90
C GLU D 139 20.78 2.11 -14.78
N PHE D 140 22.09 2.17 -14.98
CA PHE D 140 22.67 3.29 -15.68
C PHE D 140 22.67 3.09 -17.19
N SER D 141 22.44 4.18 -17.90
CA SER D 141 22.53 4.22 -19.33
C SER D 141 22.96 5.59 -19.74
N THR D 142 23.78 5.60 -20.77
CA THR D 142 24.17 6.81 -21.45
C THR D 142 22.95 7.59 -21.96
N LEU D 143 22.01 6.85 -22.52
CA LEU D 143 20.78 7.44 -23.03
C LEU D 143 20.20 8.37 -21.97
N ARG D 144 20.07 7.85 -20.75
CA ARG D 144 19.62 8.60 -19.59
C ARG D 144 20.33 9.93 -19.42
N LEU D 145 21.65 9.88 -19.47
CA LEU D 145 22.44 11.08 -19.34
C LEU D 145 22.11 12.08 -20.47
N SER D 146 22.14 11.63 -21.72
CA SER D 146 21.82 12.51 -22.83
C SER D 146 20.44 13.16 -22.65
N MET D 147 19.46 12.30 -22.38
CA MET D 147 18.09 12.69 -22.14
C MET D 147 18.08 13.86 -21.17
N GLN D 148 18.80 13.72 -20.06
CA GLN D 148 18.90 14.80 -19.07
C GLN D 148 19.52 16.05 -19.66
N LEU D 149 20.65 15.87 -20.34
CA LEU D 149 21.34 16.99 -20.97
C LEU D 149 20.42 17.84 -21.86
N SER D 150 19.65 17.18 -22.72
CA SER D 150 18.67 17.84 -23.60
C SER D 150 17.78 18.82 -22.84
N ILE D 151 16.97 18.27 -21.93
CA ILE D 151 16.09 19.05 -21.07
C ILE D 151 16.90 20.23 -20.55
N VAL D 152 18.10 19.98 -20.03
CA VAL D 152 18.84 21.10 -19.44
C VAL D 152 19.25 22.17 -20.48
N ALA D 153 19.68 21.77 -21.67
CA ALA D 153 20.02 22.74 -22.70
C ALA D 153 18.78 23.56 -23.07
N GLY D 154 17.63 22.91 -23.13
CA GLY D 154 16.38 23.61 -23.35
C GLY D 154 16.05 24.64 -22.27
N GLU D 155 15.98 24.22 -21.01
CA GLU D 155 15.59 25.13 -19.93
C GLU D 155 16.56 26.29 -19.77
N LEU D 156 17.84 25.98 -19.96
CA LEU D 156 18.90 26.97 -19.85
C LEU D 156 18.94 27.92 -21.05
N LYS D 157 18.53 27.44 -22.22
CA LYS D 157 18.37 28.35 -23.36
C LYS D 157 17.20 29.30 -23.07
N ARG D 158 16.04 28.74 -22.75
CA ARG D 158 14.86 29.55 -22.44
C ARG D 158 15.27 30.64 -21.45
N ALA D 159 15.92 30.20 -20.37
CA ALA D 159 16.40 31.05 -19.29
C ALA D 159 17.46 32.06 -19.71
N ALA D 160 18.30 31.74 -20.70
CA ALA D 160 19.25 32.75 -21.18
C ALA D 160 18.60 33.80 -22.09
N ASP D 161 18.00 33.36 -23.21
CA ASP D 161 17.26 34.27 -24.08
C ASP D 161 16.37 35.21 -23.26
N ALA D 162 15.41 34.65 -22.54
CA ALA D 162 14.56 35.43 -21.63
C ALA D 162 15.42 36.29 -20.70
N ALA D 163 16.51 35.72 -20.21
CA ALA D 163 17.42 36.46 -19.32
C ALA D 163 17.84 37.83 -19.85
N GLU D 164 18.15 37.90 -21.14
CA GLU D 164 18.59 39.19 -21.69
C GLU D 164 17.48 40.22 -21.90
N GLU D 165 16.38 39.79 -22.50
CA GLU D 165 15.44 40.67 -23.16
C GLU D 165 14.85 41.71 -22.23
N GLY D 166 15.20 41.60 -20.95
CA GLY D 166 14.90 42.61 -19.94
C GLY D 166 13.49 42.43 -19.44
N GLY D 167 13.24 42.80 -18.19
CA GLY D 167 11.91 42.65 -17.61
C GLY D 167 11.61 43.44 -16.33
N ASP D 168 10.34 43.40 -15.94
CA ASP D 168 9.89 43.80 -14.63
C ASP D 168 10.52 42.69 -13.81
N GLU D 169 10.26 42.54 -12.51
CA GLU D 169 10.75 41.30 -11.86
C GLU D 169 9.89 40.04 -11.91
N PHE D 170 8.77 40.06 -12.61
CA PHE D 170 8.24 38.79 -13.08
C PHE D 170 9.16 38.18 -14.20
N HIS D 171 9.42 38.94 -15.27
CA HIS D 171 10.25 38.48 -16.39
C HIS D 171 11.64 38.11 -15.88
N TRP D 172 12.05 38.71 -14.75
CA TRP D 172 13.28 38.33 -14.05
C TRP D 172 13.19 37.14 -13.07
N HIS D 173 12.12 37.01 -12.30
CA HIS D 173 12.02 35.84 -11.42
C HIS D 173 11.48 34.60 -12.07
N ARG D 174 10.41 34.72 -12.83
CA ARG D 174 9.78 33.55 -13.42
C ARG D 174 10.59 33.02 -14.59
N ASN D 175 10.95 33.90 -15.51
CA ASN D 175 11.70 33.44 -16.70
C ASN D 175 13.24 33.26 -16.54
N VAL D 176 13.86 34.02 -15.65
CA VAL D 176 15.32 33.94 -15.53
C VAL D 176 15.76 33.05 -14.39
N TYR D 177 15.37 33.42 -13.18
CA TYR D 177 15.80 32.78 -11.95
C TYR D 177 15.22 31.38 -11.72
N ALA D 178 13.90 31.25 -11.79
CA ALA D 178 13.24 30.01 -11.42
C ALA D 178 13.71 28.79 -12.20
N PRO D 179 13.93 28.95 -13.51
CA PRO D 179 14.40 27.79 -14.26
C PRO D 179 15.82 27.41 -13.85
N LEU D 180 16.62 28.39 -13.45
CA LEU D 180 17.95 28.09 -12.93
C LEU D 180 17.84 27.34 -11.62
N LYS D 181 17.18 27.93 -10.62
CA LYS D 181 17.20 27.35 -9.27
C LYS D 181 16.50 26.00 -9.19
N TYR D 182 15.35 25.93 -9.85
CA TYR D 182 14.44 24.79 -9.71
C TYR D 182 14.69 23.73 -10.75
N SER D 183 14.62 24.12 -12.00
CA SER D 183 14.82 23.18 -13.10
C SER D 183 16.29 22.75 -13.26
N VAL D 184 17.15 23.67 -13.70
CA VAL D 184 18.54 23.36 -14.09
C VAL D 184 19.45 22.81 -13.00
N ALA D 185 19.54 23.50 -11.86
CA ALA D 185 20.30 22.97 -10.75
C ALA D 185 19.80 21.57 -10.43
N GLU D 186 18.49 21.40 -10.32
CA GLU D 186 17.94 20.11 -9.93
C GLU D 186 18.42 19.00 -10.84
N ILE D 187 18.23 19.17 -12.14
CA ILE D 187 18.70 18.18 -13.10
C ILE D 187 20.20 17.98 -13.02
N PHE D 188 20.94 19.06 -12.74
CA PHE D 188 22.36 18.93 -12.51
C PHE D 188 22.67 17.96 -11.38
N ASP D 189 21.88 18.00 -10.31
CA ASP D 189 22.11 17.05 -9.21
C ASP D 189 21.60 15.67 -9.58
N SER D 190 20.76 15.63 -10.61
CA SER D 190 20.36 14.37 -11.21
C SER D 190 21.52 13.74 -11.97
N ILE D 191 22.35 14.60 -12.57
CA ILE D 191 23.56 14.18 -13.29
C ILE D 191 24.70 13.81 -12.33
N ASP D 192 24.84 14.55 -11.24
CA ASP D 192 25.71 14.18 -10.12
C ASP D 192 25.26 12.85 -9.48
N LEU D 193 23.96 12.62 -9.42
CA LEU D 193 23.50 11.34 -8.94
C LEU D 193 23.89 10.25 -9.94
N THR D 194 23.46 10.43 -11.20
CA THR D 194 23.77 9.45 -12.25
C THR D 194 25.26 9.02 -12.24
N GLN D 195 26.16 10.01 -12.27
CA GLN D 195 27.58 9.75 -12.06
C GLN D 195 27.83 8.92 -10.80
N ARG D 196 27.37 9.40 -9.65
CA ARG D 196 27.72 8.69 -8.42
C ARG D 196 27.21 7.24 -8.42
N LEU D 197 26.28 6.94 -9.33
CA LEU D 197 25.78 5.57 -9.57
C LEU D 197 26.73 4.75 -10.43
N MET D 198 27.16 5.36 -11.53
CA MET D 198 28.25 4.84 -12.35
C MET D 198 29.45 4.38 -11.48
N ASP D 199 29.81 5.22 -10.52
CA ASP D 199 30.82 4.87 -9.53
C ASP D 199 30.52 3.54 -8.86
N GLU D 200 29.29 3.40 -8.38
CA GLU D 200 28.83 2.13 -7.81
C GLU D 200 29.06 0.96 -8.77
N GLN D 201 28.78 1.19 -10.04
CA GLN D 201 29.11 0.19 -11.06
C GLN D 201 30.59 -0.17 -11.12
N GLN D 202 31.48 0.82 -11.25
CA GLN D 202 32.94 0.57 -11.22
C GLN D 202 33.29 -0.31 -10.04
N GLN D 203 33.08 0.18 -8.82
CA GLN D 203 33.35 -0.62 -7.63
C GLN D 203 32.84 -2.06 -7.78
N GLN D 204 31.67 -2.20 -8.38
CA GLN D 204 31.20 -3.55 -8.70
C GLN D 204 32.20 -4.25 -9.60
N VAL D 205 32.49 -3.67 -10.77
CA VAL D 205 33.40 -4.28 -11.75
C VAL D 205 34.66 -4.79 -11.08
N LYS D 206 35.17 -4.01 -10.13
CA LYS D 206 36.34 -4.40 -9.34
C LYS D 206 36.12 -5.63 -8.46
N ASP D 207 34.99 -5.71 -7.76
CA ASP D 207 34.75 -6.93 -7.02
C ASP D 207 34.56 -8.14 -7.91
N ASP D 208 33.78 -7.96 -8.95
CA ASP D 208 33.56 -9.04 -9.88
C ASP D 208 34.91 -9.57 -10.37
N ILE D 209 35.78 -8.68 -10.87
CA ILE D 209 37.13 -9.09 -11.30
C ILE D 209 37.94 -9.81 -10.18
N ALA D 210 37.98 -9.23 -8.97
CA ALA D 210 38.54 -9.93 -7.79
C ALA D 210 38.07 -11.39 -7.51
N GLN D 211 36.77 -11.67 -7.50
CA GLN D 211 36.33 -13.04 -7.24
C GLN D 211 36.41 -13.97 -8.44
N LEU D 212 36.16 -13.45 -9.63
CA LEU D 212 36.43 -14.18 -10.87
C LEU D 212 37.84 -14.75 -10.91
N LEU D 213 38.83 -13.85 -10.72
CA LEU D 213 40.23 -14.25 -10.64
C LEU D 213 40.44 -15.22 -9.50
N ASN D 214 39.99 -14.83 -8.30
CA ASN D 214 40.15 -15.70 -7.15
C ASN D 214 39.66 -17.14 -7.35
N LYS D 215 38.63 -17.34 -8.18
CA LYS D 215 38.10 -18.71 -8.43
C LYS D 215 38.68 -19.43 -9.63
N ASP D 216 38.55 -18.87 -10.82
CA ASP D 216 39.00 -19.57 -12.03
C ASP D 216 40.49 -19.38 -12.36
N TRP D 217 41.15 -18.56 -11.57
CA TRP D 217 42.54 -18.22 -11.83
C TRP D 217 42.80 -17.92 -13.32
N ARG D 218 43.73 -18.62 -13.97
CA ARG D 218 44.13 -18.17 -15.29
C ARG D 218 42.95 -18.11 -16.25
N ALA D 219 41.88 -18.81 -15.91
CA ALA D 219 40.71 -18.92 -16.76
C ALA D 219 39.98 -17.60 -16.93
N ALA D 220 39.72 -16.96 -15.80
CA ALA D 220 38.88 -15.77 -15.76
C ALA D 220 39.42 -14.60 -16.60
N ILE D 221 40.64 -14.75 -17.11
CA ILE D 221 41.35 -13.65 -17.78
C ILE D 221 40.55 -12.97 -18.87
N SER D 222 40.09 -13.75 -19.84
CA SER D 222 39.36 -13.20 -20.98
C SER D 222 38.15 -12.44 -20.48
N SER D 223 37.46 -13.03 -19.50
CA SER D 223 36.29 -12.41 -18.89
C SER D 223 36.65 -11.04 -18.32
N CYS D 224 37.67 -10.99 -17.45
CA CYS D 224 38.09 -9.75 -16.79
C CYS D 224 38.64 -8.70 -17.76
N GLU D 225 39.26 -9.17 -18.84
CA GLU D 225 39.74 -8.31 -19.92
C GLU D 225 38.53 -7.72 -20.63
N LEU D 226 37.45 -8.50 -20.66
CA LEU D 226 36.19 -8.01 -21.20
C LEU D 226 35.54 -6.97 -20.28
N LEU D 227 35.31 -7.30 -19.00
CA LEU D 227 34.74 -6.33 -18.06
C LEU D 227 35.48 -5.03 -18.15
N LEU D 228 36.81 -5.13 -18.19
CA LEU D 228 37.70 -3.97 -18.27
C LEU D 228 37.49 -3.15 -19.53
N SER D 229 37.65 -3.80 -20.68
CA SER D 229 37.53 -3.10 -21.95
C SER D 229 36.22 -2.35 -21.95
N GLU D 230 35.18 -3.08 -21.58
CA GLU D 230 33.83 -2.57 -21.60
C GLU D 230 33.64 -1.33 -20.73
N THR D 231 33.89 -1.43 -19.42
CA THR D 231 33.68 -0.24 -18.56
C THR D 231 34.58 0.95 -19.01
N SER D 232 35.71 0.65 -19.66
CA SER D 232 36.47 1.73 -20.28
C SER D 232 35.64 2.40 -21.39
N GLY D 233 35.11 1.62 -22.33
CA GLY D 233 34.18 2.17 -23.31
C GLY D 233 33.04 2.99 -22.70
N THR D 234 32.30 2.40 -21.76
CA THR D 234 31.20 3.08 -21.04
C THR D 234 31.63 4.47 -20.48
N LEU D 235 32.75 4.51 -19.75
CA LEU D 235 33.26 5.78 -19.23
C LEU D 235 33.61 6.75 -20.37
N ARG D 236 34.17 6.23 -21.45
CA ARG D 236 34.43 7.06 -22.62
C ARG D 236 33.19 7.77 -23.12
N GLU D 237 32.13 7.02 -23.43
CA GLU D 237 30.94 7.68 -23.96
C GLU D 237 30.37 8.70 -22.95
N LEU D 238 30.25 8.30 -21.68
CA LEU D 238 29.78 9.25 -20.66
C LEU D 238 30.50 10.60 -20.75
N GLN D 239 31.84 10.53 -20.88
CA GLN D 239 32.64 11.74 -21.09
C GLN D 239 32.40 12.46 -22.44
N ASP D 240 32.39 11.72 -23.53
CA ASP D 240 32.15 12.33 -24.83
C ASP D 240 30.90 13.18 -24.77
N THR D 241 29.85 12.60 -24.21
CA THR D 241 28.58 13.30 -24.10
C THR D 241 28.63 14.52 -23.16
N LEU D 242 29.19 14.35 -21.96
CA LEU D 242 29.34 15.47 -21.03
C LEU D 242 30.05 16.66 -21.67
N GLU D 243 31.21 16.41 -22.29
CA GLU D 243 31.97 17.47 -22.97
C GLU D 243 31.19 18.06 -24.15
N ALA D 244 30.45 17.20 -24.85
CA ALA D 244 29.62 17.58 -25.99
C ALA D 244 28.76 18.78 -25.67
N ALA D 245 27.95 18.64 -24.62
CA ALA D 245 27.04 19.67 -24.17
C ALA D 245 27.67 20.57 -23.11
N GLY D 246 28.94 20.33 -22.78
CA GLY D 246 29.59 21.03 -21.68
C GLY D 246 29.76 22.51 -21.91
N ASP D 247 30.41 22.83 -23.01
CA ASP D 247 30.66 24.22 -23.33
C ASP D 247 29.40 24.95 -23.79
N LYS D 248 28.43 24.25 -24.38
CA LYS D 248 27.18 24.92 -24.77
C LYS D 248 26.44 25.48 -23.55
N LEU D 249 26.13 24.57 -22.62
CA LEU D 249 25.61 24.93 -21.30
C LEU D 249 26.46 26.01 -20.58
N GLN D 250 27.79 25.88 -20.67
CA GLN D 250 28.68 26.87 -20.05
C GLN D 250 28.53 28.26 -20.66
N ALA D 251 28.30 28.30 -21.98
CA ALA D 251 28.29 29.54 -22.76
C ALA D 251 26.98 30.28 -22.63
N ASN D 252 25.87 29.54 -22.56
CA ASN D 252 24.57 30.15 -22.24
C ASN D 252 24.50 30.61 -20.77
N LEU D 253 25.01 29.77 -19.88
CA LEU D 253 25.31 30.20 -18.53
C LEU D 253 26.07 31.53 -18.53
N LEU D 254 27.04 31.66 -19.45
CA LEU D 254 27.86 32.87 -19.56
C LEU D 254 27.05 34.10 -20.02
N ARG D 255 26.29 33.93 -21.10
CA ARG D 255 25.39 34.98 -21.56
C ARG D 255 24.54 35.49 -20.43
N ILE D 256 24.07 34.57 -19.59
CA ILE D 256 23.36 35.02 -18.38
C ILE D 256 24.31 35.78 -17.43
N GLN D 257 25.51 35.23 -17.18
CA GLN D 257 26.47 35.85 -16.25
C GLN D 257 26.72 37.32 -16.53
N ASP D 258 26.89 37.63 -17.82
CA ASP D 258 27.16 38.98 -18.27
C ASP D 258 25.99 39.89 -18.01
N ALA D 259 24.83 39.41 -18.41
CA ALA D 259 23.63 40.20 -18.41
C ALA D 259 23.09 40.23 -16.99
N THR D 260 23.86 39.68 -16.04
CA THR D 260 23.58 39.88 -14.61
C THR D 260 24.78 40.50 -13.91
N HIS D 267 21.83 40.25 -8.03
CA HIS D 267 23.03 39.55 -7.56
C HIS D 267 22.75 38.08 -7.32
N PHE D 268 21.67 37.79 -6.60
CA PHE D 268 21.31 36.43 -6.24
C PHE D 268 21.20 35.53 -7.46
N VAL D 269 21.01 36.16 -8.63
CA VAL D 269 20.97 35.42 -9.90
C VAL D 269 22.37 35.08 -10.42
N ASP D 270 23.33 35.97 -10.19
CA ASP D 270 24.69 35.66 -10.58
C ASP D 270 25.29 34.63 -9.63
N ARG D 271 25.04 34.75 -8.33
CA ARG D 271 25.56 33.76 -7.37
C ARG D 271 24.98 32.39 -7.65
N LEU D 272 23.85 32.36 -8.34
CA LEU D 272 23.30 31.11 -8.83
C LEU D 272 24.16 30.62 -9.97
N VAL D 273 24.31 31.46 -11.00
CA VAL D 273 25.03 31.11 -12.22
C VAL D 273 26.44 30.60 -11.93
N PHE D 274 27.07 31.20 -10.94
CA PHE D 274 28.41 30.80 -10.55
C PHE D 274 28.36 29.36 -10.09
N ASP D 275 27.50 29.07 -9.13
CA ASP D 275 27.46 27.75 -8.52
C ASP D 275 27.05 26.68 -9.50
N LEU D 276 26.21 27.04 -10.46
CA LEU D 276 25.88 26.14 -11.56
C LEU D 276 27.10 25.92 -12.46
N GLN D 277 27.92 26.96 -12.59
CA GLN D 277 29.15 26.84 -13.36
C GLN D 277 30.08 25.88 -12.69
N SER D 278 30.39 26.17 -11.43
CA SER D 278 31.16 25.31 -10.54
C SER D 278 30.68 23.87 -10.50
N LYS D 279 29.36 23.65 -10.49
CA LYS D 279 28.87 22.28 -10.46
C LYS D 279 29.07 21.61 -11.83
N LEU D 280 28.96 22.38 -12.91
CA LEU D 280 29.23 21.82 -14.25
C LEU D 280 30.73 21.52 -14.44
N ASP D 281 31.58 22.30 -13.80
CA ASP D 281 33.01 22.12 -13.91
C ASP D 281 33.43 20.95 -13.04
N ARG D 282 32.96 20.93 -11.79
CA ARG D 282 33.27 19.89 -10.83
C ARG D 282 32.87 18.58 -11.49
N ILE D 283 31.69 18.60 -12.10
CA ILE D 283 31.17 17.43 -12.82
C ILE D 283 32.09 17.01 -13.96
N ILE D 284 32.37 17.89 -14.91
CA ILE D 284 33.20 17.46 -16.04
C ILE D 284 34.56 16.95 -15.55
N SER D 285 35.07 17.65 -14.55
CA SER D 285 36.33 17.35 -13.87
C SER D 285 36.43 15.94 -13.33
N TRP D 286 35.65 15.63 -12.29
CA TRP D 286 35.72 14.27 -11.78
C TRP D 286 35.36 13.29 -12.91
N GLY D 287 34.65 13.79 -13.92
CA GLY D 287 34.29 13.01 -15.09
C GLY D 287 35.45 12.50 -15.96
N GLN D 288 36.49 13.33 -16.14
CA GLN D 288 37.73 12.86 -16.80
C GLN D 288 38.64 12.13 -15.80
N GLN D 289 38.73 12.70 -14.60
CA GLN D 289 39.54 12.10 -13.55
C GLN D 289 39.26 10.61 -13.44
N SER D 290 37.98 10.25 -13.52
CA SER D 290 37.55 8.84 -13.41
C SER D 290 38.06 7.96 -14.56
N ILE D 291 38.17 8.51 -15.77
CA ILE D 291 38.82 7.78 -16.86
C ILE D 291 40.25 7.49 -16.49
N ASP D 292 40.96 8.54 -16.07
CA ASP D 292 42.36 8.33 -15.80
C ASP D 292 42.51 7.22 -14.75
N LEU D 293 41.88 7.41 -13.60
CA LEU D 293 41.89 6.42 -12.51
C LEU D 293 41.47 5.00 -12.92
N TRP D 294 40.49 4.91 -13.81
CA TRP D 294 40.12 3.61 -14.35
C TRP D 294 41.30 3.02 -15.16
N ILE D 295 42.03 3.82 -15.94
CA ILE D 295 43.17 3.23 -16.64
C ILE D 295 44.19 2.75 -15.62
N GLY D 296 44.33 3.53 -14.55
CA GLY D 296 45.11 3.12 -13.40
C GLY D 296 44.70 1.78 -12.76
N TYR D 297 43.44 1.38 -12.95
CA TYR D 297 43.05 -0.01 -12.66
C TYR D 297 43.44 -0.94 -13.81
N ASP D 298 43.07 -0.57 -15.03
CA ASP D 298 43.28 -1.38 -16.24
C ASP D 298 44.69 -1.93 -16.26
N ARG D 299 45.62 -0.99 -16.36
CA ARG D 299 47.04 -1.25 -16.44
C ARG D 299 47.47 -2.20 -15.33
N HIS D 300 47.19 -1.82 -14.10
CA HIS D 300 47.62 -2.61 -12.95
C HIS D 300 47.05 -4.02 -12.95
N VAL D 301 45.80 -4.21 -13.37
CA VAL D 301 45.20 -5.54 -13.39
C VAL D 301 45.87 -6.40 -14.45
N HIS D 302 46.14 -5.84 -15.62
CA HIS D 302 47.05 -6.51 -16.56
C HIS D 302 48.42 -6.88 -15.92
N LYS D 303 49.01 -5.98 -15.13
CA LYS D 303 50.21 -6.31 -14.36
C LYS D 303 49.98 -7.43 -13.33
N PHE D 304 48.74 -7.65 -12.86
CA PHE D 304 48.48 -8.76 -11.93
C PHE D 304 48.40 -10.02 -12.70
N ILE D 305 47.76 -9.97 -13.86
CA ILE D 305 47.76 -11.14 -14.72
C ILE D 305 49.21 -11.52 -15.02
N ARG D 306 49.98 -10.58 -15.61
CA ARG D 306 51.34 -10.85 -16.07
C ARG D 306 52.26 -11.30 -14.95
N THR D 307 52.33 -10.48 -13.92
CA THR D 307 53.04 -10.82 -12.72
C THR D 307 52.54 -12.10 -12.03
N ALA D 308 51.38 -12.04 -11.37
CA ALA D 308 51.07 -13.05 -10.34
C ALA D 308 50.49 -14.37 -10.84
N ILE D 309 49.95 -14.34 -12.06
CA ILE D 309 49.23 -15.45 -12.64
C ILE D 309 50.09 -16.09 -13.75
N ASP D 310 50.40 -15.32 -14.79
CA ASP D 310 51.16 -15.88 -15.88
C ASP D 310 52.32 -16.68 -15.33
N MET D 311 52.79 -16.33 -14.14
CA MET D 311 53.93 -17.07 -13.56
C MET D 311 53.69 -18.17 -12.50
N ASP D 312 52.46 -18.37 -12.04
CA ASP D 312 52.11 -19.58 -11.30
C ASP D 312 50.74 -19.94 -11.85
N LYS D 313 50.62 -20.94 -12.70
CA LYS D 313 49.31 -21.15 -13.29
C LYS D 313 48.43 -21.99 -12.38
N ASN D 314 49.03 -23.03 -11.84
CA ASN D 314 48.31 -23.94 -10.99
C ASN D 314 48.09 -23.34 -9.63
N ARG D 315 48.64 -22.17 -9.44
CA ARG D 315 48.52 -21.53 -8.15
C ARG D 315 48.98 -22.52 -7.09
N VAL D 316 49.95 -23.34 -7.46
CA VAL D 316 50.65 -24.23 -6.52
C VAL D 316 51.64 -23.41 -5.69
N PHE D 317 52.40 -22.58 -6.39
CA PHE D 317 53.45 -21.78 -5.76
C PHE D 317 52.92 -21.00 -4.57
N ALA D 318 51.71 -20.49 -4.69
CA ALA D 318 51.02 -19.75 -3.63
C ALA D 318 50.78 -20.65 -2.38
N GLN D 319 50.19 -21.82 -2.61
CA GLN D 319 49.94 -22.72 -1.50
C GLN D 319 51.27 -23.05 -0.84
N ARG D 320 52.19 -23.59 -1.62
CA ARG D 320 53.46 -24.06 -1.12
C ARG D 320 54.05 -22.97 -0.28
N LEU D 321 54.13 -21.78 -0.85
CA LEU D 321 54.61 -20.57 -0.19
C LEU D 321 53.99 -20.40 1.20
N ARG D 322 52.69 -20.63 1.30
CA ARG D 322 52.08 -20.51 2.61
C ARG D 322 52.44 -21.66 3.56
N GLN D 323 52.35 -22.90 3.07
CA GLN D 323 52.69 -24.04 3.89
C GLN D 323 54.07 -23.79 4.49
N SER D 324 54.94 -23.20 3.67
CA SER D 324 56.31 -22.87 4.02
C SER D 324 56.32 -21.75 5.02
N VAL D 325 55.37 -20.83 4.93
CA VAL D 325 55.30 -19.75 5.94
C VAL D 325 55.00 -20.29 7.34
N GLN D 326 54.18 -21.32 7.46
CA GLN D 326 54.08 -21.87 8.82
C GLN D 326 55.16 -22.89 9.19
N THR D 327 55.62 -23.62 8.18
CA THR D 327 56.56 -24.68 8.40
C THR D 327 57.97 -24.07 8.50
N TYR D 328 58.05 -22.75 8.37
CA TYR D 328 59.33 -22.06 8.28
C TYR D 328 60.23 -22.41 9.44
N PHE D 329 59.73 -22.20 10.63
CA PHE D 329 60.54 -22.36 11.83
C PHE D 329 60.88 -23.80 12.17
N ASP D 330 60.39 -24.74 11.37
CA ASP D 330 60.81 -26.14 11.56
C ASP D 330 62.24 -26.36 11.05
N GLU D 331 62.51 -25.91 9.83
CA GLU D 331 63.86 -25.83 9.28
C GLU D 331 64.11 -24.45 8.63
N PRO D 332 64.65 -23.49 9.42
CA PRO D 332 64.91 -22.09 9.03
C PRO D 332 66.05 -21.86 8.04
N TRP D 333 65.83 -20.88 7.17
CA TRP D 333 66.82 -20.46 6.20
C TRP D 333 66.68 -18.97 5.87
N ALA D 334 67.82 -18.37 5.50
CA ALA D 334 67.94 -16.96 5.19
C ALA D 334 68.46 -16.75 3.77
N LEU D 335 67.96 -15.73 3.07
CA LEU D 335 68.55 -15.29 1.80
C LEU D 335 69.82 -14.49 2.01
N THR D 336 70.64 -14.41 0.98
CA THR D 336 71.90 -13.68 1.05
C THR D 336 71.87 -12.50 0.09
N TYR D 337 72.67 -11.47 0.39
CA TYR D 337 72.78 -10.32 -0.50
C TYR D 337 74.16 -9.69 -0.52
N ALA D 338 74.43 -9.02 -1.63
CA ALA D 338 75.69 -8.33 -1.75
C ALA D 338 75.58 -7.23 -0.73
N ASN D 339 76.39 -7.27 0.31
CA ASN D 339 76.36 -6.12 1.17
C ASN D 339 77.73 -5.46 1.31
N ALA D 340 77.91 -4.42 0.51
CA ALA D 340 79.21 -3.79 0.34
C ALA D 340 79.52 -3.03 1.59
N ASP D 341 80.78 -2.62 1.74
CA ASP D 341 81.09 -1.78 2.88
C ASP D 341 80.92 -0.35 2.45
N ARG D 342 80.24 0.44 3.26
CA ARG D 342 80.02 1.81 2.87
C ARG D 342 81.37 2.44 3.00
N LEU D 343 81.54 3.59 2.37
CA LEU D 343 82.82 4.30 2.38
C LEU D 343 82.91 5.20 3.62
N LEU D 344 83.63 4.74 4.64
CA LEU D 344 83.79 5.49 5.88
C LEU D 344 84.34 6.89 5.59
N ASP D 345 83.88 7.90 6.35
CA ASP D 345 84.37 9.27 6.16
C ASP D 345 84.64 10.01 7.48
N MET D 346 85.10 11.27 7.36
CA MET D 346 85.59 12.09 8.47
C MET D 346 84.55 13.08 9.08
N ARG D 347 84.60 13.23 10.41
CA ARG D 347 83.62 13.97 11.25
C ARG D 347 82.54 13.05 11.92
N MET E 21 89.80 -5.89 -23.31
CA MET E 21 88.41 -5.57 -22.94
C MET E 21 87.40 -5.40 -24.08
N PRO E 22 86.28 -6.17 -24.01
CA PRO E 22 85.14 -6.19 -24.94
C PRO E 22 84.55 -4.83 -25.24
N VAL E 23 84.26 -4.60 -26.50
CA VAL E 23 83.79 -3.28 -26.91
C VAL E 23 82.51 -2.90 -26.19
N LYS E 24 81.55 -3.83 -26.20
CA LYS E 24 80.27 -3.63 -25.55
C LYS E 24 80.35 -3.33 -24.04
N LEU E 25 81.19 -4.07 -23.31
CA LEU E 25 81.36 -3.86 -21.87
C LEU E 25 81.71 -2.42 -21.63
N ALA E 26 82.81 -2.01 -22.26
CA ALA E 26 83.24 -0.63 -22.21
C ALA E 26 82.09 0.31 -22.53
N GLN E 27 81.28 -0.06 -23.51
CA GLN E 27 80.06 0.70 -23.79
C GLN E 27 79.13 0.84 -22.57
N ALA E 28 79.00 -0.22 -21.79
CA ALA E 28 78.12 -0.16 -20.61
C ALA E 28 78.73 0.49 -19.37
N LEU E 29 80.07 0.44 -19.25
CA LEU E 29 80.73 1.11 -18.15
C LEU E 29 80.60 2.60 -18.41
N ALA E 30 80.47 2.96 -19.68
CA ALA E 30 80.37 4.37 -20.10
C ALA E 30 78.94 4.89 -20.25
N ASN E 31 77.96 4.06 -19.92
CA ASN E 31 76.58 4.52 -19.81
C ASN E 31 76.35 5.32 -18.51
N PRO E 32 75.53 6.41 -18.58
CA PRO E 32 75.17 7.31 -17.48
C PRO E 32 74.45 6.69 -16.29
N LEU E 33 73.94 5.48 -16.44
CA LEU E 33 73.34 4.74 -15.31
C LEU E 33 74.37 4.01 -14.45
N PHE E 34 75.35 3.43 -15.15
CA PHE E 34 76.09 2.33 -14.63
C PHE E 34 76.44 2.57 -13.17
N PRO E 35 77.16 3.67 -12.87
CA PRO E 35 77.71 3.84 -11.53
C PRO E 35 76.66 3.77 -10.43
N ALA E 36 75.58 4.48 -10.62
CA ALA E 36 74.59 4.56 -9.57
C ALA E 36 74.15 3.12 -9.26
N LEU E 37 73.82 2.45 -10.38
CA LEU E 37 73.23 1.13 -10.45
C LEU E 37 74.10 0.11 -9.80
N ASP E 38 75.40 0.30 -10.07
CA ASP E 38 76.44 -0.56 -9.61
C ASP E 38 76.41 -0.45 -8.10
N SER E 39 76.47 0.78 -7.57
CA SER E 39 76.51 0.90 -6.11
C SER E 39 75.30 0.23 -5.50
N ALA E 40 74.19 0.33 -6.23
CA ALA E 40 72.92 -0.24 -5.80
C ALA E 40 73.03 -1.76 -5.67
N LEU E 41 73.37 -2.36 -6.81
CA LEU E 41 73.64 -3.79 -6.97
C LEU E 41 74.57 -4.33 -5.91
N ARG E 42 75.63 -3.56 -5.69
CA ARG E 42 76.71 -3.96 -4.81
C ARG E 42 76.19 -3.84 -3.42
N SER E 43 75.08 -3.13 -3.28
CA SER E 43 74.52 -3.02 -1.96
C SER E 43 73.40 -3.99 -1.68
N GLY E 44 73.04 -4.76 -2.70
CA GLY E 44 72.03 -5.81 -2.57
C GLY E 44 70.66 -5.49 -3.12
N ARG E 45 70.57 -4.46 -3.95
CA ARG E 45 69.29 -4.04 -4.46
C ARG E 45 68.93 -4.96 -5.60
N HIS E 46 67.83 -5.68 -5.45
CA HIS E 46 67.35 -6.53 -6.52
C HIS E 46 66.55 -5.70 -7.54
N ILE E 47 66.98 -5.78 -8.80
CA ILE E 47 66.47 -4.85 -9.78
C ILE E 47 65.37 -5.35 -10.71
N GLY E 48 64.15 -4.90 -10.44
CA GLY E 48 62.95 -5.43 -11.06
C GLY E 48 62.51 -4.74 -12.33
N LEU E 49 61.29 -5.05 -12.76
CA LEU E 49 60.73 -4.51 -13.99
C LEU E 49 60.32 -3.12 -13.71
N ASP E 50 60.24 -2.85 -12.42
CA ASP E 50 59.82 -1.58 -11.93
C ASP E 50 60.72 -0.40 -12.34
N GLU E 51 62.03 -0.60 -12.45
CA GLU E 51 62.88 0.51 -12.87
C GLU E 51 63.18 0.31 -14.32
N LEU E 52 62.54 1.08 -15.18
CA LEU E 52 62.63 0.73 -16.58
C LEU E 52 64.02 0.97 -17.07
N ASP E 53 64.54 2.16 -16.81
CA ASP E 53 65.82 2.50 -17.39
C ASP E 53 66.88 1.49 -16.95
N ASN E 54 66.96 1.25 -15.64
CA ASN E 54 67.88 0.24 -15.13
C ASN E 54 67.73 -1.15 -15.73
N HIS E 55 66.52 -1.70 -15.66
CA HIS E 55 66.27 -3.06 -16.11
C HIS E 55 66.62 -3.18 -17.57
N ALA E 56 66.18 -2.25 -18.40
CA ALA E 56 66.50 -2.31 -19.83
C ALA E 56 68.00 -2.28 -20.02
N PHE E 57 68.67 -1.50 -19.16
CA PHE E 57 70.13 -1.48 -19.16
C PHE E 57 70.75 -2.87 -18.87
N LEU E 58 70.44 -3.44 -17.72
CA LEU E 58 70.94 -4.77 -17.40
C LEU E 58 70.55 -5.80 -18.47
N MET E 59 69.38 -5.65 -19.09
CA MET E 59 69.03 -6.53 -20.20
C MET E 59 70.05 -6.40 -21.33
N ASP E 60 70.24 -5.18 -21.82
CA ASP E 60 71.05 -4.97 -23.01
C ASP E 60 72.51 -5.42 -22.84
N PHE E 61 73.08 -5.15 -21.69
CA PHE E 61 74.48 -5.53 -21.46
C PHE E 61 74.72 -6.79 -20.62
N GLN E 62 73.64 -7.50 -20.29
CA GLN E 62 73.63 -8.54 -19.27
C GLN E 62 74.84 -9.46 -19.35
N GLU E 63 75.09 -9.94 -20.55
CA GLU E 63 76.15 -10.90 -20.79
C GLU E 63 77.46 -10.41 -20.21
N TYR E 64 77.77 -9.15 -20.51
CA TYR E 64 79.05 -8.55 -20.18
C TYR E 64 79.14 -8.17 -18.74
N LEU E 65 78.12 -7.47 -18.25
CA LEU E 65 78.10 -7.10 -16.85
C LEU E 65 78.23 -8.36 -16.03
N GLU E 66 77.79 -9.49 -16.58
CA GLU E 66 77.99 -10.77 -15.91
C GLU E 66 79.46 -10.92 -15.56
N GLU E 67 80.31 -10.66 -16.54
CA GLU E 67 81.74 -10.85 -16.41
C GLU E 67 82.39 -9.81 -15.56
N PHE E 68 82.10 -8.56 -15.87
CA PHE E 68 82.58 -7.51 -15.02
C PHE E 68 82.35 -7.88 -13.54
N TYR E 69 81.14 -8.26 -13.12
CA TYR E 69 81.01 -8.63 -11.70
C TYR E 69 81.75 -9.89 -11.36
N ALA E 70 81.85 -10.80 -12.33
CA ALA E 70 82.55 -12.05 -12.11
C ALA E 70 83.89 -11.71 -11.47
N ARG E 71 84.55 -10.69 -12.05
CA ARG E 71 85.88 -10.26 -11.60
C ARG E 71 85.98 -10.04 -10.08
N TYR E 72 84.85 -9.70 -9.44
CA TYR E 72 84.82 -9.56 -7.98
C TYR E 72 84.39 -10.81 -7.29
N ASN E 73 84.31 -11.92 -8.01
CA ASN E 73 83.84 -13.15 -7.39
C ASN E 73 82.39 -13.17 -6.96
N VAL E 74 81.51 -12.75 -7.83
CA VAL E 74 80.15 -12.57 -7.45
C VAL E 74 79.51 -12.81 -8.78
N GLU E 75 78.32 -13.41 -8.80
CA GLU E 75 77.66 -13.66 -10.08
C GLU E 75 76.52 -12.72 -10.25
N LEU E 76 76.32 -12.27 -11.48
CA LEU E 76 75.13 -11.46 -11.73
C LEU E 76 73.96 -12.36 -12.11
N ILE E 77 72.99 -12.45 -11.23
CA ILE E 77 71.96 -13.44 -11.37
C ILE E 77 70.64 -12.86 -11.92
N ARG E 78 70.04 -13.57 -12.86
CA ARG E 78 68.70 -13.22 -13.22
C ARG E 78 67.80 -14.37 -12.84
N ALA E 79 66.96 -14.14 -11.83
CA ALA E 79 65.99 -15.15 -11.47
C ALA E 79 65.06 -15.35 -12.67
N PRO E 80 64.30 -16.45 -12.67
CA PRO E 80 63.50 -16.81 -13.83
C PRO E 80 62.36 -15.83 -14.03
N GLU E 81 61.99 -15.18 -12.93
CA GLU E 81 60.87 -14.25 -12.85
C GLU E 81 61.25 -12.85 -13.33
N GLY E 82 62.47 -12.72 -13.86
CA GLY E 82 62.88 -11.56 -14.62
C GLY E 82 63.81 -10.55 -13.96
N PHE E 83 63.86 -10.53 -12.63
CA PHE E 83 64.69 -9.57 -11.88
C PHE E 83 66.18 -9.94 -11.75
N PHE E 84 67.03 -8.93 -11.47
CA PHE E 84 68.48 -9.08 -11.26
C PHE E 84 68.97 -8.87 -9.83
N TYR E 85 70.11 -9.47 -9.53
CA TYR E 85 70.78 -9.23 -8.25
C TYR E 85 72.18 -9.87 -8.16
N LEU E 86 72.97 -9.44 -7.19
CA LEU E 86 74.33 -9.92 -7.12
C LEU E 86 74.37 -11.01 -6.09
N ARG E 87 74.89 -12.15 -6.50
CA ARG E 87 75.02 -13.23 -5.55
C ARG E 87 76.45 -13.44 -5.21
N PRO E 88 76.79 -13.16 -3.96
CA PRO E 88 78.16 -13.34 -3.50
C PRO E 88 78.59 -14.79 -3.65
N ARG E 89 79.77 -14.95 -4.26
CA ARG E 89 80.45 -16.21 -4.31
C ARG E 89 81.02 -16.61 -2.96
N SER E 90 81.75 -17.69 -2.97
CA SER E 90 82.25 -18.35 -1.78
C SER E 90 83.47 -17.59 -1.31
N THR E 91 84.07 -17.01 -2.35
CA THR E 91 85.27 -16.18 -2.35
C THR E 91 85.07 -14.60 -2.52
N THR E 92 83.85 -14.06 -2.52
CA THR E 92 83.69 -12.64 -2.99
C THR E 92 84.53 -11.59 -2.32
N LEU E 93 85.05 -10.73 -3.18
CA LEU E 93 85.61 -9.41 -2.86
C LEU E 93 84.62 -8.46 -2.17
N ILE E 94 83.37 -8.45 -2.67
CA ILE E 94 82.24 -7.71 -2.07
C ILE E 94 81.56 -8.43 -0.91
N PRO E 95 81.62 -7.90 0.31
CA PRO E 95 81.25 -8.76 1.44
C PRO E 95 79.79 -9.19 1.39
N ARG E 96 79.40 -10.29 2.02
CA ARG E 96 78.01 -10.73 1.93
C ARG E 96 77.28 -10.85 3.28
N SER E 97 76.02 -10.42 3.27
CA SER E 97 75.22 -10.49 4.48
C SER E 97 73.93 -11.31 4.31
N VAL E 98 73.36 -11.69 5.46
CA VAL E 98 72.23 -12.60 5.53
C VAL E 98 71.07 -12.03 6.34
N LEU E 99 69.86 -12.05 5.77
CA LEU E 99 68.64 -11.64 6.46
C LEU E 99 68.30 -12.43 7.75
N SER E 100 67.59 -11.79 8.69
CA SER E 100 67.08 -12.44 9.92
C SER E 100 65.77 -13.17 9.66
N GLU E 101 65.44 -14.15 10.49
CA GLU E 101 64.21 -14.89 10.25
C GLU E 101 63.03 -13.94 10.10
N LEU E 102 62.92 -12.95 10.96
CA LEU E 102 61.83 -12.00 10.84
C LEU E 102 61.73 -11.36 9.44
N ASP E 103 62.89 -11.01 8.88
CA ASP E 103 62.94 -10.40 7.55
C ASP E 103 62.47 -11.42 6.56
N MET E 104 62.82 -12.66 6.84
CA MET E 104 62.40 -13.76 6.00
C MET E 104 60.85 -13.83 6.00
N MET E 105 60.20 -14.04 7.14
CA MET E 105 58.74 -14.10 7.23
C MET E 105 58.12 -13.01 6.43
N VAL E 106 58.40 -11.79 6.90
CA VAL E 106 57.88 -10.58 6.31
C VAL E 106 58.06 -10.55 4.78
N GLY E 107 59.13 -11.17 4.33
CA GLY E 107 59.32 -11.31 2.91
C GLY E 107 58.37 -12.32 2.31
N LYS E 108 58.29 -13.49 2.93
CA LYS E 108 57.51 -14.59 2.41
C LYS E 108 56.10 -14.04 2.20
N ILE E 109 55.65 -13.29 3.21
CA ILE E 109 54.34 -12.70 3.21
C ILE E 109 54.24 -11.53 2.23
N LEU E 110 55.33 -10.79 2.06
CA LEU E 110 55.36 -9.84 0.96
C LEU E 110 54.99 -10.56 -0.35
N CYS E 111 55.50 -11.79 -0.49
CA CYS E 111 55.26 -12.54 -1.70
C CYS E 111 53.83 -12.96 -1.72
N TYR E 112 53.38 -13.53 -0.62
CA TYR E 112 52.04 -14.04 -0.57
C TYR E 112 51.10 -12.96 -1.12
N LEU E 113 51.17 -11.80 -0.52
CA LEU E 113 50.37 -10.66 -0.93
C LEU E 113 50.69 -10.22 -2.36
N TYR E 114 51.83 -10.63 -2.87
CA TYR E 114 52.16 -10.26 -4.24
C TYR E 114 51.28 -11.09 -5.15
N LEU E 115 51.01 -12.32 -4.69
CA LEU E 115 50.23 -13.31 -5.40
C LEU E 115 48.73 -13.35 -5.07
N SER E 116 48.33 -12.63 -4.01
CA SER E 116 46.93 -12.63 -3.54
C SER E 116 45.99 -11.81 -4.45
N PRO E 117 44.68 -12.13 -4.41
CA PRO E 117 43.59 -11.33 -5.00
C PRO E 117 43.41 -10.09 -4.15
N GLU E 118 43.89 -10.20 -2.92
CA GLU E 118 43.88 -9.13 -1.96
C GLU E 118 44.56 -7.91 -2.55
N ARG E 119 45.45 -8.13 -3.52
CA ARG E 119 46.23 -7.08 -4.20
C ARG E 119 45.39 -6.35 -5.24
N LEU E 120 44.49 -7.09 -5.86
CA LEU E 120 43.75 -6.61 -7.01
C LEU E 120 42.86 -5.44 -6.66
N ALA E 121 42.34 -5.47 -5.44
CA ALA E 121 41.55 -4.38 -4.93
C ALA E 121 42.45 -3.21 -4.51
N ASN E 122 43.61 -3.52 -3.95
CA ASN E 122 44.51 -2.47 -3.45
C ASN E 122 45.17 -1.62 -4.54
N GLU E 123 45.11 -2.10 -5.77
CA GLU E 123 45.71 -1.42 -6.92
C GLU E 123 47.25 -1.37 -6.86
N GLY E 124 47.83 -2.32 -6.14
CA GLY E 124 49.27 -2.46 -6.06
C GLY E 124 49.87 -1.98 -4.75
N ILE E 125 49.05 -1.30 -3.96
CA ILE E 125 49.43 -0.53 -2.76
C ILE E 125 48.96 -1.22 -1.48
N PHE E 126 49.85 -1.40 -0.52
CA PHE E 126 49.47 -2.03 0.73
C PHE E 126 49.72 -1.07 1.86
N THR E 127 49.49 -1.51 3.09
CA THR E 127 49.75 -0.66 4.24
C THR E 127 50.36 -1.48 5.35
N GLN E 128 51.12 -0.82 6.22
CA GLN E 128 51.81 -1.49 7.33
C GLN E 128 50.89 -2.42 8.11
N GLN E 129 49.68 -1.93 8.38
CA GLN E 129 48.69 -2.68 9.12
C GLN E 129 48.49 -4.03 8.42
N GLU E 130 48.06 -3.97 7.15
CA GLU E 130 47.70 -5.16 6.39
C GLU E 130 48.75 -6.25 6.59
N LEU E 131 49.97 -5.92 6.17
CA LEU E 131 51.14 -6.79 6.27
C LEU E 131 51.21 -7.42 7.66
N TYR E 132 51.12 -6.57 8.69
CA TYR E 132 51.19 -7.07 10.04
C TYR E 132 50.07 -8.08 10.34
N ASP E 133 48.88 -7.80 9.84
CA ASP E 133 47.76 -8.69 10.07
C ASP E 133 48.05 -10.04 9.45
N GLU E 134 48.22 -10.05 8.12
CA GLU E 134 48.47 -11.28 7.36
C GLU E 134 49.53 -12.11 8.05
N LEU E 135 50.56 -11.40 8.47
CA LEU E 135 51.66 -12.01 9.17
C LEU E 135 51.22 -12.70 10.46
N LEU E 136 50.43 -12.05 11.32
CA LEU E 136 50.06 -12.76 12.56
C LEU E 136 49.10 -13.95 12.27
N THR E 137 48.28 -13.81 11.22
CA THR E 137 47.45 -14.91 10.69
C THR E 137 48.32 -16.15 10.54
N LEU E 138 49.14 -16.12 9.46
CA LEU E 138 49.91 -17.27 8.92
C LEU E 138 51.00 -17.77 9.86
N ALA E 139 51.76 -16.83 10.39
CA ALA E 139 52.81 -17.11 11.36
C ALA E 139 52.27 -17.60 12.71
N ASP E 140 53.19 -18.15 13.48
CA ASP E 140 52.91 -18.57 14.82
C ASP E 140 53.12 -17.35 15.73
N GLU E 141 52.03 -16.78 16.24
CA GLU E 141 52.13 -15.53 16.96
C GLU E 141 53.06 -15.69 18.17
N ALA E 142 53.20 -16.94 18.62
CA ALA E 142 53.91 -17.24 19.87
C ALA E 142 55.43 -17.31 19.74
N LYS E 143 55.92 -17.92 18.66
CA LYS E 143 57.35 -17.96 18.37
C LYS E 143 57.83 -16.69 17.65
N LEU E 144 56.97 -16.18 16.79
CA LEU E 144 57.16 -14.88 16.16
C LEU E 144 57.44 -13.83 17.23
N LEU E 145 56.91 -14.03 18.43
CA LEU E 145 57.25 -13.17 19.54
C LEU E 145 58.55 -13.64 20.18
N LYS E 146 58.78 -14.94 20.19
CA LYS E 146 60.05 -15.43 20.71
C LYS E 146 61.21 -14.73 20.02
N LEU E 147 61.04 -14.39 18.75
CA LEU E 147 62.07 -13.59 18.09
C LEU E 147 62.31 -12.32 18.90
N VAL E 148 61.30 -11.45 18.98
CA VAL E 148 61.46 -10.17 19.67
C VAL E 148 62.10 -10.38 21.06
N ASN E 149 61.41 -11.07 21.95
CA ASN E 149 61.98 -11.36 23.28
C ASN E 149 62.04 -12.87 23.55
N ASN E 150 63.18 -13.35 24.06
CA ASN E 150 63.43 -14.80 24.15
C ASN E 150 62.26 -15.59 24.75
N ARG E 151 61.66 -15.07 25.81
CA ARG E 151 60.45 -15.66 26.35
C ARG E 151 59.43 -14.60 26.74
N SER E 152 58.26 -14.67 26.13
CA SER E 152 57.19 -13.72 26.45
C SER E 152 55.82 -14.29 26.13
N GLY E 154 52.84 -13.22 26.01
CA GLY E 154 51.84 -12.53 25.21
C GLY E 154 51.86 -11.03 25.45
N SER E 155 52.94 -10.57 26.10
CA SER E 155 53.11 -9.22 26.67
C SER E 155 52.71 -8.13 25.69
N ASP E 156 52.16 -7.02 26.19
CA ASP E 156 51.70 -5.99 25.27
C ASP E 156 52.84 -5.11 24.73
N VAL E 157 53.88 -4.89 25.55
CA VAL E 157 55.03 -4.13 25.09
C VAL E 157 55.73 -4.87 23.94
N ASP E 158 55.84 -6.19 24.14
CA ASP E 158 56.48 -7.10 23.19
C ASP E 158 55.75 -7.14 21.85
N ARG E 159 54.44 -6.96 21.90
CA ARG E 159 53.63 -6.83 20.69
C ARG E 159 53.81 -5.50 19.95
N GLN E 160 54.32 -4.47 20.63
CA GLN E 160 54.74 -3.29 19.91
C GLN E 160 56.11 -3.55 19.32
N LYS E 161 57.02 -4.11 20.11
CA LYS E 161 58.36 -4.35 19.59
C LYS E 161 58.28 -5.20 18.32
N LEU E 162 57.42 -6.23 18.31
CA LEU E 162 57.27 -7.05 17.11
C LEU E 162 56.83 -6.17 15.96
N GLN E 163 56.07 -5.14 16.27
CA GLN E 163 55.62 -4.24 15.22
C GLN E 163 56.72 -3.33 14.72
N GLU E 164 57.52 -2.82 15.64
CA GLU E 164 58.62 -1.94 15.28
C GLU E 164 59.59 -2.71 14.41
N LYS E 165 59.93 -3.91 14.87
CA LYS E 165 60.76 -4.84 14.09
C LYS E 165 60.22 -5.13 12.69
N VAL E 166 58.96 -5.57 12.57
CA VAL E 166 58.38 -5.77 11.22
C VAL E 166 58.53 -4.49 10.39
N ARG E 167 58.44 -3.35 11.06
CA ARG E 167 58.58 -2.10 10.36
C ARG E 167 59.98 -2.04 9.79
N SER E 168 60.94 -2.40 10.62
CA SER E 168 62.35 -2.28 10.29
C SER E 168 62.68 -3.20 9.17
N SER E 169 62.42 -4.46 9.40
CA SER E 169 62.62 -5.51 8.44
C SER E 169 62.03 -5.06 7.13
N LEU E 170 60.88 -4.39 7.19
CA LEU E 170 60.24 -3.88 5.98
C LEU E 170 61.04 -2.73 5.31
N ASN E 171 61.68 -1.90 6.12
CA ASN E 171 62.56 -0.86 5.60
C ASN E 171 63.72 -1.50 4.85
N ARG E 172 64.38 -2.40 5.56
CA ARG E 172 65.51 -3.10 5.00
C ARG E 172 65.07 -3.63 3.66
N LEU E 173 64.04 -4.45 3.67
CA LEU E 173 63.59 -5.07 2.44
C LEU E 173 63.18 -4.03 1.39
N ARG E 174 63.06 -2.75 1.80
CA ARG E 174 62.91 -1.69 0.77
C ARG E 174 64.23 -1.38 0.15
N ARG E 175 65.27 -1.38 0.99
CA ARG E 175 66.60 -1.09 0.48
C ARG E 175 66.97 -2.17 -0.51
N LEU E 176 66.68 -3.40 -0.11
CA LEU E 176 66.93 -4.59 -0.91
C LEU E 176 66.18 -4.64 -2.26
N GLY E 177 65.20 -3.75 -2.46
CA GLY E 177 64.51 -3.65 -3.74
C GLY E 177 63.26 -4.51 -3.77
N MET E 178 62.82 -4.93 -2.59
CA MET E 178 61.63 -5.77 -2.50
C MET E 178 60.34 -4.97 -2.71
N VAL E 179 60.33 -3.71 -2.28
CA VAL E 179 59.15 -2.96 -1.88
C VAL E 179 59.28 -1.48 -2.35
N TRP E 180 58.31 -0.86 -2.97
CA TRP E 180 58.45 0.59 -3.12
C TRP E 180 57.62 1.30 -2.07
N PHE E 181 58.19 2.21 -1.31
CA PHE E 181 57.38 3.05 -0.42
C PHE E 181 56.72 4.20 -1.18
N MET E 182 55.50 4.54 -0.74
CA MET E 182 54.68 5.52 -1.41
C MET E 182 54.81 6.86 -0.72
N GLY E 183 54.84 7.94 -1.50
CA GLY E 183 54.75 9.27 -0.93
C GLY E 183 55.84 9.60 0.08
N HIS E 184 55.57 10.56 0.96
CA HIS E 184 56.53 11.02 1.96
C HIS E 184 56.50 10.21 3.26
N ASP E 185 55.55 9.28 3.36
CA ASP E 185 55.41 8.45 4.57
C ASP E 185 55.70 6.97 4.32
N SER E 186 55.78 6.22 5.42
CA SER E 186 56.17 4.82 5.38
C SER E 186 54.96 3.91 5.40
N SER E 187 53.79 4.50 5.53
CA SER E 187 52.61 3.71 5.77
C SER E 187 52.21 2.87 4.57
N LYS E 188 52.20 3.50 3.38
CA LYS E 188 51.72 2.88 2.12
C LYS E 188 52.86 2.55 1.12
N PHE E 189 52.84 1.32 0.59
CA PHE E 189 53.93 0.74 -0.24
C PHE E 189 53.56 -0.34 -1.31
N ARG E 190 54.20 -0.33 -2.48
CA ARG E 190 54.06 -1.44 -3.45
C ARG E 190 54.80 -2.74 -3.04
N ILE E 191 54.86 -3.70 -3.95
CA ILE E 191 55.64 -4.92 -3.70
C ILE E 191 56.25 -5.20 -5.07
N THR E 192 57.25 -6.06 -5.17
CA THR E 192 57.96 -6.27 -6.44
C THR E 192 58.24 -7.74 -6.70
N GLU E 193 58.43 -8.09 -7.97
CA GLU E 193 58.80 -9.43 -8.33
C GLU E 193 59.94 -9.91 -7.50
N SER E 194 60.85 -9.01 -7.15
CA SER E 194 62.05 -9.42 -6.44
C SER E 194 61.67 -10.39 -5.34
N VAL E 195 60.55 -10.08 -4.68
CA VAL E 195 60.08 -10.88 -3.55
C VAL E 195 59.98 -12.40 -3.75
N PHE E 196 59.82 -12.87 -4.99
CA PHE E 196 59.73 -14.30 -5.29
C PHE E 196 60.89 -15.05 -4.67
N ARG E 197 61.97 -14.31 -4.56
CA ARG E 197 63.20 -14.85 -4.04
C ARG E 197 62.95 -15.46 -2.65
N PHE E 198 61.84 -15.09 -2.01
CA PHE E 198 61.63 -15.53 -0.65
C PHE E 198 61.02 -16.90 -0.66
N GLY E 199 60.67 -17.34 -1.85
CA GLY E 199 60.04 -18.63 -1.93
C GLY E 199 60.84 -19.69 -2.60
N ALA E 200 62.09 -19.42 -2.99
CA ALA E 200 62.86 -20.41 -3.74
C ALA E 200 62.88 -21.79 -3.09
N ASP E 201 62.98 -21.85 -1.75
CA ASP E 201 63.01 -23.16 -1.07
C ASP E 201 61.92 -24.09 -1.62
N VAL E 202 60.76 -23.46 -1.83
CA VAL E 202 59.56 -23.99 -2.47
C VAL E 202 59.42 -24.02 -4.02
N ARG E 203 59.83 -22.95 -4.71
CA ARG E 203 59.34 -22.66 -6.07
C ARG E 203 59.45 -23.80 -7.08
N ALA E 204 60.49 -24.61 -6.96
CA ALA E 204 60.55 -25.86 -7.72
C ALA E 204 59.98 -26.89 -6.82
N GLY E 205 58.92 -27.55 -7.26
CA GLY E 205 58.21 -28.42 -6.32
C GLY E 205 59.04 -29.59 -5.87
N ASP E 206 59.32 -29.65 -4.58
CA ASP E 206 60.41 -30.50 -4.12
C ASP E 206 60.32 -30.63 -2.65
N ASP E 207 61.14 -31.49 -2.06
CA ASP E 207 61.17 -31.54 -0.60
C ASP E 207 61.58 -30.12 -0.18
N PRO E 208 61.08 -29.60 0.96
CA PRO E 208 61.66 -28.32 1.34
C PRO E 208 63.11 -28.56 1.71
N ARG E 209 63.40 -29.71 2.29
CA ARG E 209 64.72 -30.01 2.83
C ARG E 209 65.79 -30.12 1.76
N GLU E 210 65.47 -30.82 0.66
CA GLU E 210 66.36 -30.87 -0.49
C GLU E 210 66.61 -29.50 -1.12
N ALA E 211 65.54 -28.74 -1.32
CA ALA E 211 65.69 -27.41 -1.93
C ALA E 211 66.47 -26.45 -1.04
N GLN E 212 66.25 -26.49 0.26
CA GLN E 212 67.11 -25.73 1.15
C GLN E 212 68.54 -26.15 0.94
N ARG E 213 68.83 -27.44 1.08
CA ARG E 213 70.23 -27.88 0.90
C ARG E 213 70.90 -27.44 -0.40
N ARG E 214 70.10 -27.28 -1.44
CA ARG E 214 70.59 -26.74 -2.71
C ARG E 214 70.67 -25.21 -2.74
N LEU E 215 69.90 -24.57 -1.88
CA LEU E 215 69.92 -23.14 -1.89
C LEU E 215 71.12 -22.65 -1.12
N ILE E 216 71.52 -23.42 -0.11
CA ILE E 216 72.75 -23.18 0.63
C ILE E 216 74.00 -23.43 -0.24
N ARG E 217 73.89 -24.42 -1.13
CA ARG E 217 74.97 -24.77 -2.02
C ARG E 217 75.23 -23.65 -2.98
N ASP E 218 74.17 -23.14 -3.59
CA ASP E 218 74.35 -22.21 -4.69
C ASP E 218 74.56 -20.80 -4.16
N GLY E 219 74.58 -20.66 -2.84
CA GLY E 219 74.80 -19.36 -2.22
C GLY E 219 73.66 -18.40 -2.40
N GLU E 220 72.46 -18.97 -2.47
CA GLU E 220 71.20 -18.26 -2.46
C GLU E 220 70.94 -17.95 -1.03
N ALA E 221 71.36 -18.86 -0.17
CA ALA E 221 71.02 -18.77 1.24
C ALA E 221 72.05 -19.24 2.26
N MET E 222 71.61 -19.34 3.50
CA MET E 222 72.44 -19.83 4.58
C MET E 222 71.54 -20.46 5.62
N PRO E 223 72.09 -21.35 6.46
CA PRO E 223 71.35 -21.87 7.61
C PRO E 223 71.42 -20.94 8.82
N ILE E 224 70.44 -21.06 9.71
CA ILE E 224 70.34 -20.22 10.90
C ILE E 224 70.30 -21.02 12.21
N HIS F 20 82.78 7.38 -24.68
CA HIS F 20 83.85 6.39 -24.82
C HIS F 20 84.70 6.28 -23.55
N MET F 21 85.60 5.29 -23.57
CA MET F 21 86.58 5.13 -22.51
C MET F 21 87.93 4.83 -23.15
N PRO F 22 89.02 5.42 -22.59
CA PRO F 22 90.41 5.43 -23.05
C PRO F 22 91.17 4.12 -22.85
N VAL F 23 92.18 3.90 -23.68
CA VAL F 23 92.89 2.61 -23.69
C VAL F 23 93.51 2.23 -22.36
N LYS F 24 94.24 3.15 -21.76
CA LYS F 24 94.95 2.82 -20.55
C LYS F 24 93.94 2.54 -19.46
N LEU F 25 92.81 3.25 -19.48
CA LEU F 25 91.78 3.03 -18.45
C LEU F 25 91.32 1.57 -18.39
N ALA F 26 90.85 1.10 -19.55
CA ALA F 26 90.49 -0.28 -19.75
C ALA F 26 91.63 -1.12 -19.21
N GLN F 27 92.85 -0.79 -19.62
CA GLN F 27 93.99 -1.56 -19.19
C GLN F 27 94.09 -1.64 -17.66
N ALA F 28 93.59 -0.61 -16.98
CA ALA F 28 93.64 -0.52 -15.52
C ALA F 28 92.66 -1.46 -14.91
N LEU F 29 91.42 -1.32 -15.37
CA LEU F 29 90.27 -2.11 -14.93
C LEU F 29 90.49 -3.60 -15.14
N ALA F 30 91.25 -3.93 -16.18
CA ALA F 30 91.68 -5.31 -16.41
C ALA F 30 92.86 -5.79 -15.52
N ASN F 31 93.61 -4.87 -14.92
CA ASN F 31 94.64 -5.29 -13.97
C ASN F 31 94.06 -6.24 -12.92
N PRO F 32 94.75 -7.34 -12.69
CA PRO F 32 94.49 -8.37 -11.70
C PRO F 32 94.22 -7.81 -10.35
N LEU F 33 94.79 -6.65 -10.08
CA LEU F 33 94.62 -6.00 -8.79
C LEU F 33 93.33 -5.23 -8.65
N PHE F 34 92.87 -4.69 -9.77
CA PHE F 34 91.80 -3.73 -9.72
C PHE F 34 90.61 -4.10 -8.85
N PRO F 35 90.05 -5.32 -8.99
CA PRO F 35 88.84 -5.54 -8.21
C PRO F 35 88.98 -5.38 -6.73
N ALA F 36 89.92 -6.06 -6.11
CA ALA F 36 89.93 -6.08 -4.65
C ALA F 36 90.27 -4.70 -4.08
N LEU F 37 90.95 -3.92 -4.93
CA LEU F 37 91.35 -2.56 -4.61
C LEU F 37 90.17 -1.65 -4.75
N ASP F 38 89.41 -1.81 -5.82
CA ASP F 38 88.20 -1.04 -6.04
C ASP F 38 87.33 -1.21 -4.82
N SER F 39 87.12 -2.46 -4.44
CA SER F 39 86.37 -2.74 -3.24
C SER F 39 86.94 -1.95 -2.08
N ALA F 40 88.23 -2.12 -1.78
CA ALA F 40 88.80 -1.44 -0.60
C ALA F 40 88.83 0.12 -0.63
N LEU F 41 89.01 0.73 -1.81
CA LEU F 41 88.92 2.19 -1.97
C LEU F 41 87.56 2.64 -1.54
N ARG F 42 86.56 2.00 -2.16
CA ARG F 42 85.16 2.33 -1.96
C ARG F 42 84.76 2.02 -0.53
N SER F 43 85.62 1.36 0.22
CA SER F 43 85.31 1.05 1.60
C SER F 43 85.81 2.12 2.57
N GLY F 44 86.39 3.18 2.02
CA GLY F 44 87.07 4.18 2.82
C GLY F 44 88.48 3.77 3.24
N ARG F 45 89.09 2.83 2.52
CA ARG F 45 90.49 2.52 2.84
C ARG F 45 91.37 3.52 2.17
N HIS F 46 92.53 3.71 2.80
CA HIS F 46 93.61 4.50 2.27
C HIS F 46 94.72 3.56 1.88
N ILE F 47 95.13 3.66 0.62
CA ILE F 47 96.20 2.80 0.14
C ILE F 47 97.54 3.46 0.31
N GLY F 48 98.30 2.88 1.25
CA GLY F 48 99.59 3.40 1.66
C GLY F 48 100.77 2.94 0.82
N LEU F 49 101.95 2.96 1.42
CA LEU F 49 103.09 2.35 0.80
C LEU F 49 103.21 0.98 1.37
N ASP F 50 102.37 0.64 2.33
CA ASP F 50 102.51 -0.67 2.91
C ASP F 50 101.84 -1.71 2.05
N GLU F 51 101.03 -1.24 1.11
CA GLU F 51 100.47 -2.06 0.06
C GLU F 51 101.21 -1.65 -1.16
N LEU F 52 102.11 -2.50 -1.63
CA LEU F 52 103.01 -2.09 -2.70
C LEU F 52 102.41 -2.25 -4.06
N ASP F 53 102.10 -3.48 -4.41
CA ASP F 53 101.51 -3.76 -5.69
C ASP F 53 100.41 -2.73 -5.96
N ASN F 54 99.55 -2.51 -4.98
CA ASN F 54 98.42 -1.58 -5.12
C ASN F 54 98.86 -0.16 -5.33
N HIS F 55 99.75 0.30 -4.45
CA HIS F 55 100.18 1.69 -4.44
C HIS F 55 100.63 2.02 -5.83
N ALA F 56 101.55 1.19 -6.30
CA ALA F 56 102.23 1.44 -7.56
C ALA F 56 101.27 1.31 -8.71
N PHE F 57 100.43 0.27 -8.64
CA PHE F 57 99.31 0.18 -9.58
C PHE F 57 98.62 1.55 -9.68
N LEU F 58 98.26 2.10 -8.52
CA LEU F 58 97.50 3.34 -8.42
C LEU F 58 98.23 4.54 -9.01
N MET F 59 99.49 4.76 -8.64
CA MET F 59 100.28 5.83 -9.25
C MET F 59 100.19 5.73 -10.74
N ASP F 60 100.44 4.54 -11.23
CA ASP F 60 100.47 4.34 -12.66
C ASP F 60 99.23 4.91 -13.33
N PHE F 61 98.05 4.49 -12.89
CA PHE F 61 96.82 4.84 -13.61
C PHE F 61 95.99 6.07 -13.11
N GLN F 62 96.55 6.80 -12.16
CA GLN F 62 95.88 7.90 -11.50
C GLN F 62 95.15 8.84 -12.43
N GLU F 63 95.78 9.22 -13.52
CA GLU F 63 95.15 10.16 -14.42
C GLU F 63 93.77 9.64 -14.77
N TYR F 64 93.68 8.32 -14.98
CA TYR F 64 92.46 7.74 -15.48
C TYR F 64 91.48 7.38 -14.37
N LEU F 65 91.91 6.49 -13.47
CA LEU F 65 91.05 6.13 -12.37
C LEU F 65 90.44 7.38 -11.75
N GLU F 66 91.16 8.51 -11.76
CA GLU F 66 90.64 9.76 -11.19
C GLU F 66 89.26 10.13 -11.75
N GLU F 67 89.16 10.20 -13.08
CA GLU F 67 87.90 10.43 -13.75
C GLU F 67 86.94 9.29 -13.58
N PHE F 68 87.45 8.07 -13.73
CA PHE F 68 86.58 6.92 -13.51
C PHE F 68 85.79 7.25 -12.28
N TYR F 69 86.44 7.26 -11.13
CA TYR F 69 85.74 7.57 -9.89
C TYR F 69 84.98 8.91 -9.91
N ALA F 70 85.36 9.84 -10.78
CA ALA F 70 84.54 11.06 -10.90
C ALA F 70 83.11 10.75 -11.38
N ARG F 71 82.97 9.74 -12.25
CA ARG F 71 81.63 9.32 -12.69
C ARG F 71 80.75 9.00 -11.49
N TYR F 72 81.30 8.32 -10.48
CA TYR F 72 80.55 7.95 -9.26
C TYR F 72 80.49 9.11 -8.27
N ASN F 73 80.97 10.28 -8.69
CA ASN F 73 80.99 11.51 -7.87
C ASN F 73 81.81 11.41 -6.62
N VAL F 74 83.08 11.19 -6.88
CA VAL F 74 84.02 11.00 -5.82
C VAL F 74 85.36 11.38 -6.44
N GLU F 75 86.27 11.85 -5.61
CA GLU F 75 87.54 12.26 -6.13
C GLU F 75 88.55 11.30 -5.60
N LEU F 76 89.39 10.82 -6.49
CA LEU F 76 90.52 10.01 -6.08
C LEU F 76 91.55 11.04 -5.69
N ILE F 77 92.15 10.87 -4.53
CA ILE F 77 93.05 11.90 -4.06
C ILE F 77 94.35 11.34 -3.54
N ARG F 78 95.44 12.05 -3.83
CA ARG F 78 96.70 11.69 -3.19
C ARG F 78 97.21 12.74 -2.20
N ALA F 79 97.28 12.38 -0.91
CA ALA F 79 97.74 13.31 0.10
C ALA F 79 99.14 13.78 -0.28
N PRO F 80 99.59 14.91 0.27
CA PRO F 80 101.00 15.23 0.10
C PRO F 80 101.96 14.07 0.44
N GLU F 81 101.79 13.39 1.57
CA GLU F 81 102.72 12.36 2.05
C GLU F 81 102.69 11.15 1.17
N GLY F 82 101.87 11.23 0.12
CA GLY F 82 101.85 10.29 -0.99
C GLY F 82 101.12 8.99 -0.86
N PHE F 83 99.92 9.05 -0.29
CA PHE F 83 98.99 7.91 -0.23
C PHE F 83 97.67 8.30 -0.84
N PHE F 84 96.89 7.29 -1.23
CA PHE F 84 95.65 7.54 -1.98
C PHE F 84 94.40 7.22 -1.19
N TYR F 85 93.33 7.98 -1.41
CA TYR F 85 92.02 7.57 -0.90
C TYR F 85 90.88 8.12 -1.73
N LEU F 86 89.70 7.54 -1.51
CA LEU F 86 88.49 8.00 -2.17
C LEU F 86 87.77 9.08 -1.33
N ARG F 87 87.60 10.27 -1.90
CA ARG F 87 86.89 11.31 -1.18
C ARG F 87 85.56 11.67 -1.82
N PRO F 88 84.46 11.30 -1.13
CA PRO F 88 83.09 11.33 -1.64
C PRO F 88 82.62 12.74 -1.83
N ARG F 89 82.10 13.11 -2.98
CA ARG F 89 81.52 14.45 -3.11
C ARG F 89 80.23 14.48 -2.32
N SER F 90 79.51 15.60 -2.37
CA SER F 90 78.23 15.75 -1.65
C SER F 90 77.14 14.89 -2.32
N THR F 91 77.27 14.81 -3.63
CA THR F 91 76.38 14.13 -4.53
C THR F 91 76.83 12.67 -4.81
N THR F 92 77.71 12.14 -3.97
CA THR F 92 78.28 10.81 -4.14
C THR F 92 77.23 9.76 -4.42
N LEU F 93 77.48 8.99 -5.48
CA LEU F 93 76.66 7.85 -5.90
C LEU F 93 77.08 6.61 -5.12
N ILE F 94 77.97 6.78 -4.15
CA ILE F 94 78.58 5.70 -3.39
C ILE F 94 78.20 5.82 -1.94
N PRO F 95 77.56 4.80 -1.37
CA PRO F 95 77.07 4.89 0.02
C PRO F 95 78.12 5.53 0.90
N ARG F 96 77.71 6.39 1.81
CA ARG F 96 78.68 7.11 2.61
C ARG F 96 78.37 6.93 4.07
N SER F 97 79.38 6.69 4.90
CA SER F 97 79.17 6.63 6.34
C SER F 97 80.07 7.64 7.01
N VAL F 98 79.98 7.81 8.33
CA VAL F 98 80.90 8.70 9.05
C VAL F 98 81.45 8.09 10.33
N LEU F 99 82.65 8.53 10.72
CA LEU F 99 83.28 8.02 11.94
C LEU F 99 82.74 8.62 13.26
N SER F 100 82.68 7.79 14.29
CA SER F 100 82.24 8.30 15.58
C SER F 100 83.17 9.42 16.05
N GLU F 101 82.71 10.30 16.92
CA GLU F 101 83.64 11.24 17.54
C GLU F 101 84.85 10.50 18.09
N LEU F 102 84.63 9.33 18.70
CA LEU F 102 85.74 8.52 19.26
C LEU F 102 86.65 7.93 18.18
N ASP F 103 86.11 7.57 17.03
CA ASP F 103 86.94 7.17 15.90
C ASP F 103 87.92 8.28 15.65
N MET F 104 87.42 9.43 15.22
CA MET F 104 88.27 10.60 15.05
C MET F 104 89.21 10.91 16.22
N MET F 105 88.78 10.77 17.47
CA MET F 105 89.75 11.04 18.52
C MET F 105 90.91 10.08 18.35
N VAL F 106 90.58 8.79 18.31
CA VAL F 106 91.60 7.76 18.20
C VAL F 106 92.56 7.99 17.01
N GLY F 107 92.01 8.21 15.82
CA GLY F 107 92.78 8.62 14.66
C GLY F 107 93.69 9.81 14.96
N LYS F 108 93.16 10.88 15.53
CA LYS F 108 93.99 12.05 15.86
C LYS F 108 95.18 11.69 16.75
N ILE F 109 94.94 10.81 17.72
CA ILE F 109 96.00 10.31 18.59
C ILE F 109 97.00 9.36 17.90
N LEU F 110 96.54 8.43 17.08
CA LEU F 110 97.46 7.64 16.26
C LEU F 110 98.32 8.55 15.40
N CYS F 111 97.85 9.73 15.07
CA CYS F 111 98.74 10.69 14.46
C CYS F 111 99.72 11.26 15.47
N TYR F 112 99.27 11.69 16.64
CA TYR F 112 100.25 12.21 17.59
C TYR F 112 101.32 11.19 17.91
N LEU F 113 100.94 9.91 17.92
CA LEU F 113 101.89 8.84 18.16
C LEU F 113 102.81 8.58 16.98
N TYR F 114 102.25 8.47 15.79
CA TYR F 114 103.08 8.34 14.62
C TYR F 114 104.17 9.39 14.60
N LEU F 115 103.86 10.59 15.09
CA LEU F 115 104.88 11.65 15.08
C LEU F 115 105.93 11.48 16.16
N SER F 116 105.53 11.09 17.36
CA SER F 116 106.43 11.17 18.50
C SER F 116 107.76 10.45 18.23
N PRO F 117 108.78 10.79 19.03
CA PRO F 117 110.03 10.03 19.07
C PRO F 117 109.80 8.57 19.48
N GLU F 118 108.86 8.38 20.39
CA GLU F 118 108.56 7.06 20.93
C GLU F 118 108.50 6.03 19.80
N ARG F 119 107.95 6.43 18.66
CA ARG F 119 107.79 5.53 17.52
C ARG F 119 109.11 5.17 16.91
N LEU F 120 109.92 6.18 16.63
CA LEU F 120 111.25 5.87 16.12
C LEU F 120 112.04 4.92 17.06
N ALA F 121 111.82 5.00 18.38
CA ALA F 121 112.46 4.01 19.29
C ALA F 121 111.84 2.63 19.09
N ASN F 122 110.56 2.48 19.45
CA ASN F 122 109.87 1.19 19.40
C ASN F 122 110.01 0.48 18.06
N GLU F 123 110.48 1.20 17.05
CA GLU F 123 110.75 0.57 15.78
C GLU F 123 109.47 0.19 15.02
N GLY F 124 108.51 1.12 15.08
CA GLY F 124 107.27 1.07 14.35
C GLY F 124 106.04 0.72 15.19
N ILE F 125 106.28 0.04 16.30
CA ILE F 125 105.25 -0.73 16.99
C ILE F 125 104.74 -0.13 18.31
N PHE F 126 103.41 -0.10 18.45
CA PHE F 126 102.75 0.38 19.66
C PHE F 126 101.79 -0.67 20.23
N THR F 127 101.37 -0.45 21.47
CA THR F 127 100.42 -1.34 22.14
C THR F 127 99.08 -0.67 22.42
N GLN F 128 98.01 -1.46 22.47
CA GLN F 128 96.69 -0.88 22.70
C GLN F 128 96.80 0.03 23.90
N GLN F 129 97.55 -0.46 24.88
CA GLN F 129 97.80 0.27 26.09
C GLN F 129 98.23 1.71 25.79
N GLU F 130 99.39 1.89 25.19
CA GLU F 130 99.92 3.23 24.96
C GLU F 130 98.91 4.07 24.23
N LEU F 131 98.14 3.41 23.37
CA LEU F 131 97.10 4.08 22.61
C LEU F 131 96.07 4.66 23.56
N TYR F 132 95.72 3.90 24.58
CA TYR F 132 94.83 4.36 25.63
C TYR F 132 95.42 5.48 26.48
N ASP F 133 96.55 5.20 27.09
CA ASP F 133 97.19 6.14 28.00
C ASP F 133 97.29 7.49 27.34
N GLU F 134 97.86 7.56 26.14
CA GLU F 134 98.03 8.86 25.48
C GLU F 134 96.67 9.52 25.20
N LEU F 135 95.61 8.70 25.23
CA LEU F 135 94.23 9.20 25.08
C LEU F 135 93.67 9.85 26.37
N LEU F 136 93.87 9.19 27.51
CA LEU F 136 93.51 9.84 28.77
C LEU F 136 94.41 11.07 29.01
N THR F 137 95.64 11.04 28.49
CA THR F 137 96.58 12.15 28.67
C THR F 137 96.33 13.39 27.81
N LEU F 138 96.42 13.24 26.49
CA LEU F 138 96.36 14.38 25.57
C LEU F 138 94.94 14.85 25.27
N ALA F 139 93.98 14.23 25.94
CA ALA F 139 92.58 14.61 25.83
C ALA F 139 91.91 14.68 27.22
N ASP F 140 90.68 15.18 27.26
CA ASP F 140 89.92 15.35 28.49
C ASP F 140 89.14 14.08 28.87
N GLU F 141 89.50 13.48 29.99
CA GLU F 141 88.87 12.26 30.49
C GLU F 141 87.37 12.44 30.63
N ALA F 142 86.98 13.69 30.88
CA ALA F 142 85.59 14.03 31.12
C ALA F 142 84.73 13.55 29.97
N LYS F 143 84.80 14.28 28.83
CA LYS F 143 83.96 13.95 27.69
C LYS F 143 84.19 12.48 27.29
N LEU F 144 85.43 12.04 27.43
CA LEU F 144 85.78 10.67 27.15
C LEU F 144 84.79 9.72 27.80
N LEU F 145 84.78 9.67 29.13
CA LEU F 145 83.86 8.80 29.84
C LEU F 145 82.39 9.21 29.61
N LYS F 146 82.16 10.51 29.45
CA LYS F 146 80.81 11.06 29.24
C LYS F 146 80.12 10.32 28.09
N LEU F 147 80.88 10.05 27.03
CA LEU F 147 80.37 9.37 25.83
C LEU F 147 79.94 7.92 26.07
N VAL F 148 80.48 7.28 27.10
CA VAL F 148 80.02 5.93 27.41
C VAL F 148 78.71 5.96 28.18
N ASN F 149 78.58 6.89 29.13
CA ASN F 149 77.42 6.96 30.03
C ASN F 149 77.17 8.38 30.56
N SER F 155 83.21 6.22 37.91
CA SER F 155 82.74 4.90 37.48
C SER F 155 83.86 3.97 36.98
N ASP F 156 84.01 2.79 37.56
CA ASP F 156 84.97 1.82 37.06
C ASP F 156 84.46 1.00 35.87
N VAL F 157 83.14 0.87 35.76
CA VAL F 157 82.53 0.08 34.71
C VAL F 157 82.50 0.80 33.37
N ASP F 158 82.45 2.13 33.41
CA ASP F 158 82.43 2.91 32.18
C ASP F 158 83.84 3.02 31.57
N ARG F 159 84.88 2.96 32.41
CA ARG F 159 86.26 2.96 31.90
C ARG F 159 86.60 1.75 31.00
N GLN F 160 86.13 0.58 31.37
CA GLN F 160 86.33 -0.60 30.52
C GLN F 160 85.60 -0.48 29.20
N LYS F 161 84.36 -0.04 29.25
CA LYS F 161 83.62 0.26 28.04
C LYS F 161 84.42 1.22 27.16
N LEU F 162 85.05 2.23 27.79
CA LEU F 162 85.88 3.15 27.00
C LEU F 162 87.02 2.38 26.35
N GLN F 163 87.77 1.63 27.14
CA GLN F 163 88.87 0.81 26.62
C GLN F 163 88.42 -0.04 25.41
N GLU F 164 87.34 -0.79 25.56
CA GLU F 164 86.84 -1.69 24.50
C GLU F 164 86.38 -0.92 23.28
N LYS F 165 85.80 0.25 23.53
CA LYS F 165 85.36 1.16 22.48
C LYS F 165 86.53 1.74 21.68
N VAL F 166 87.65 2.00 22.35
CA VAL F 166 88.88 2.40 21.65
C VAL F 166 89.36 1.22 20.82
N ARG F 167 89.54 0.06 21.44
CA ARG F 167 89.95 -1.11 20.69
C ARG F 167 89.14 -1.22 19.38
N SER F 168 87.82 -1.02 19.44
CA SER F 168 87.00 -1.15 18.23
C SER F 168 87.04 0.05 17.27
N SER F 169 87.46 1.21 17.78
CA SER F 169 87.84 2.31 16.91
C SER F 169 89.12 1.93 16.17
N LEU F 170 90.05 1.33 16.91
CA LEU F 170 91.32 0.92 16.34
C LEU F 170 90.92 0.13 15.15
N ASN F 171 90.09 -0.87 15.40
CA ASN F 171 89.58 -1.67 14.29
C ASN F 171 88.97 -0.89 13.14
N ARG F 172 88.00 -0.02 13.38
CA ARG F 172 87.44 0.64 12.19
C ARG F 172 88.61 1.23 11.41
N LEU F 173 89.58 1.73 12.16
CA LEU F 173 90.76 2.36 11.55
C LEU F 173 91.75 1.42 10.81
N ARG F 174 92.01 0.21 11.32
CA ARG F 174 92.83 -0.72 10.60
C ARG F 174 92.21 -0.89 9.24
N ARG F 175 90.90 -1.11 9.21
CA ARG F 175 90.20 -1.38 7.96
C ARG F 175 90.38 -0.25 6.98
N LEU F 176 90.71 0.91 7.52
CA LEU F 176 90.86 2.13 6.72
C LEU F 176 92.29 2.36 6.20
N GLY F 177 93.19 1.46 6.58
CA GLY F 177 94.58 1.58 6.19
C GLY F 177 95.38 2.45 7.13
N MET F 178 94.88 2.60 8.34
CA MET F 178 95.54 3.46 9.31
C MET F 178 96.51 2.70 10.21
N VAL F 179 96.45 1.39 10.22
CA VAL F 179 97.25 0.62 11.16
C VAL F 179 97.39 -0.80 10.59
N TRP F 180 98.34 -1.60 11.08
CA TRP F 180 98.37 -3.05 10.82
C TRP F 180 98.60 -3.71 12.16
N PHE F 181 97.88 -4.79 12.43
CA PHE F 181 98.10 -5.49 13.67
C PHE F 181 99.33 -6.35 13.51
N MET F 182 99.95 -6.70 14.61
CA MET F 182 101.14 -7.53 14.52
C MET F 182 100.93 -8.99 14.92
N ASP F 185 96.50 -12.02 16.64
CA ASP F 185 96.74 -11.14 17.79
C ASP F 185 96.51 -9.67 17.45
N SER F 186 95.65 -8.99 18.19
CA SER F 186 95.55 -7.53 18.11
C SER F 186 96.30 -6.73 19.20
N SER F 187 97.16 -7.36 20.00
CA SER F 187 97.83 -6.61 21.07
C SER F 187 98.79 -5.45 20.64
N LYS F 188 99.48 -5.61 19.52
CA LYS F 188 100.45 -4.61 19.05
C LYS F 188 100.26 -4.28 17.57
N PHE F 189 100.61 -3.05 17.18
CA PHE F 189 100.32 -2.53 15.84
C PHE F 189 101.27 -1.47 15.24
N ARG F 190 101.28 -1.39 13.92
CA ARG F 190 102.04 -0.42 13.16
C ARG F 190 101.15 0.68 12.68
N ILE F 191 101.67 1.88 12.64
CA ILE F 191 100.93 3.02 12.12
C ILE F 191 101.40 3.50 10.76
N THR F 192 100.51 3.78 9.83
CA THR F 192 100.92 4.19 8.51
C THR F 192 101.07 5.69 8.37
N GLU F 193 101.53 6.10 7.18
CA GLU F 193 101.54 7.49 6.76
C GLU F 193 100.14 7.96 6.42
N SER F 194 99.26 7.04 6.06
CA SER F 194 97.88 7.42 5.81
C SER F 194 97.25 8.20 7.00
N VAL F 195 97.74 7.94 8.22
CA VAL F 195 97.32 8.66 9.43
C VAL F 195 97.48 10.16 9.37
N PHE F 196 98.27 10.68 8.44
CA PHE F 196 98.34 12.13 8.32
C PHE F 196 97.02 12.74 7.91
N ARG F 197 96.02 11.90 7.64
CA ARG F 197 94.69 12.46 7.40
C ARG F 197 94.19 13.10 8.67
N PHE F 198 94.46 12.48 9.80
CA PHE F 198 94.08 12.97 11.11
C PHE F 198 95.08 14.01 11.64
N GLY F 199 96.02 14.43 10.80
CA GLY F 199 97.02 15.39 11.21
C GLY F 199 96.55 16.81 11.08
N ALA F 200 97.08 17.71 11.93
CA ALA F 200 96.56 19.08 12.11
C ALA F 200 96.95 19.97 10.94
N ASP F 201 96.79 21.28 11.07
CA ASP F 201 97.27 22.14 10.01
C ASP F 201 98.74 22.49 10.31
N VAL F 202 99.67 22.01 9.49
CA VAL F 202 101.05 22.32 9.76
C VAL F 202 101.36 23.69 9.14
N ARG F 203 102.03 24.52 9.93
CA ARG F 203 102.15 25.92 9.56
C ARG F 203 103.40 26.26 8.75
N ALA F 204 104.01 25.28 8.06
CA ALA F 204 105.30 25.45 7.39
C ALA F 204 106.49 25.56 8.37
N GLY F 205 106.75 24.40 8.97
CA GLY F 205 107.91 24.22 9.79
C GLY F 205 107.70 24.54 11.25
N ASP F 206 106.46 24.46 11.73
CA ASP F 206 106.21 24.44 13.15
C ASP F 206 106.44 22.96 13.50
N ASP F 207 106.86 22.68 14.71
CA ASP F 207 106.97 21.29 15.13
C ASP F 207 105.59 20.70 15.11
N PRO F 208 105.34 19.71 14.24
CA PRO F 208 104.00 19.08 14.20
C PRO F 208 103.39 18.72 15.57
N ARG F 209 104.20 18.31 16.53
CA ARG F 209 103.70 18.03 17.87
C ARG F 209 102.75 19.12 18.37
N GLU F 210 103.25 20.35 18.50
CA GLU F 210 102.42 21.42 19.07
C GLU F 210 101.07 21.52 18.37
N ALA F 211 101.11 21.75 17.07
CA ALA F 211 99.89 21.84 16.27
C ALA F 211 98.92 20.69 16.59
N GLN F 212 99.46 19.47 16.71
CA GLN F 212 98.64 18.27 16.90
C GLN F 212 98.01 18.22 18.27
N ARG F 213 98.71 18.57 19.33
CA ARG F 213 97.95 18.52 20.57
C ARG F 213 97.00 19.72 20.67
N ARG F 214 97.20 20.69 19.77
CA ARG F 214 96.23 21.80 19.64
C ARG F 214 94.95 21.33 18.96
N LEU F 215 95.07 20.51 17.92
CA LEU F 215 93.90 19.94 17.23
C LEU F 215 93.12 19.03 18.18
N ILE F 216 93.84 18.26 18.99
CA ILE F 216 93.25 17.36 19.99
C ILE F 216 92.50 18.09 21.11
N ARG F 217 92.85 19.36 21.34
CA ARG F 217 92.33 20.17 22.44
C ARG F 217 91.24 21.12 21.95
N VAL G 28 -66.98 -29.75 -7.74
CA VAL G 28 -66.79 -28.39 -8.25
C VAL G 28 -67.77 -28.00 -9.38
N PRO G 29 -67.82 -28.81 -10.46
CA PRO G 29 -68.68 -28.44 -11.61
C PRO G 29 -70.14 -28.54 -11.23
N GLU G 30 -70.40 -29.38 -10.24
CA GLU G 30 -71.73 -29.71 -9.84
C GLU G 30 -72.38 -28.55 -9.09
N LEU G 31 -71.55 -27.70 -8.50
CA LEU G 31 -72.04 -26.56 -7.72
C LEU G 31 -72.77 -25.57 -8.63
N VAL G 32 -72.19 -25.29 -9.79
CA VAL G 32 -72.80 -24.37 -10.76
C VAL G 32 -74.22 -24.81 -11.11
N ALA G 33 -74.43 -26.13 -11.06
CA ALA G 33 -75.76 -26.75 -11.21
C ALA G 33 -76.62 -26.37 -10.02
N TRP G 34 -76.08 -26.55 -8.82
CA TRP G 34 -76.79 -26.16 -7.61
C TRP G 34 -77.32 -24.72 -7.74
N ALA G 35 -76.54 -23.87 -8.41
CA ALA G 35 -76.92 -22.46 -8.64
C ALA G 35 -77.86 -22.21 -9.84
N ARG G 36 -77.76 -23.02 -10.88
CA ARG G 36 -78.66 -22.82 -12.02
C ARG G 36 -80.06 -23.37 -11.71
N LYS G 37 -80.09 -24.47 -10.96
CA LYS G 37 -81.34 -25.10 -10.50
C LYS G 37 -82.23 -24.08 -9.75
N ASN G 38 -81.68 -23.49 -8.68
CA ASN G 38 -82.33 -22.41 -7.88
C ASN G 38 -82.45 -21.08 -8.65
N ASP G 39 -81.73 -20.96 -9.76
CA ASP G 39 -81.67 -19.73 -10.57
C ASP G 39 -81.15 -18.52 -9.77
N PHE G 40 -79.90 -18.60 -9.30
CA PHE G 40 -79.31 -17.49 -8.55
C PHE G 40 -78.85 -16.43 -9.52
N SER G 41 -79.44 -15.25 -9.43
CA SER G 41 -79.22 -14.23 -10.44
C SER G 41 -79.37 -12.84 -9.86
N ILE G 42 -78.49 -11.92 -10.18
CA ILE G 42 -78.65 -10.57 -9.63
C ILE G 42 -78.66 -9.49 -10.69
N SER G 43 -79.81 -8.86 -10.89
CA SER G 43 -79.85 -7.77 -11.84
C SER G 43 -80.08 -6.45 -11.12
N LEU G 44 -79.06 -5.61 -11.13
CA LEU G 44 -79.13 -4.29 -10.50
C LEU G 44 -78.65 -3.15 -11.37
N PRO G 45 -79.35 -2.92 -12.49
CA PRO G 45 -79.00 -1.75 -13.30
C PRO G 45 -79.03 -0.48 -12.44
N VAL G 46 -78.40 0.59 -12.89
CA VAL G 46 -78.29 1.81 -12.06
C VAL G 46 -79.61 2.28 -11.41
N ASP G 47 -80.73 2.04 -12.09
CA ASP G 47 -82.02 2.30 -11.47
C ASP G 47 -82.29 1.35 -10.29
N ARG G 48 -82.22 0.03 -10.54
CA ARG G 48 -82.44 -0.99 -9.50
C ARG G 48 -81.53 -0.76 -8.31
N LEU G 49 -80.25 -0.51 -8.58
CA LEU G 49 -79.28 -0.25 -7.53
C LEU G 49 -79.49 1.11 -6.84
N SER G 50 -80.02 2.10 -7.55
CA SER G 50 -80.32 3.43 -6.98
C SER G 50 -81.53 3.35 -6.05
N PHE G 51 -82.46 2.46 -6.40
CA PHE G 51 -83.55 2.03 -5.53
C PHE G 51 -83.01 1.31 -4.27
N LEU G 52 -82.28 0.21 -4.45
CA LEU G 52 -81.74 -0.52 -3.30
C LEU G 52 -81.04 0.44 -2.37
N LEU G 53 -80.23 1.33 -2.94
CA LEU G 53 -79.45 2.29 -2.18
C LEU G 53 -80.28 3.42 -1.56
N ALA G 54 -81.43 3.70 -2.17
CA ALA G 54 -82.33 4.71 -1.64
C ALA G 54 -83.15 4.14 -0.46
N VAL G 55 -83.32 2.82 -0.49
CA VAL G 55 -84.04 1.99 0.51
C VAL G 55 -83.19 1.71 1.74
N ALA G 56 -81.90 1.41 1.51
CA ALA G 56 -80.95 1.18 2.59
C ALA G 56 -80.67 2.49 3.35
N THR G 57 -80.98 3.62 2.75
CA THR G 57 -80.82 4.94 3.39
C THR G 57 -81.75 5.11 4.62
N LEU G 58 -83.00 4.71 4.46
CA LEU G 58 -83.99 4.79 5.53
C LEU G 58 -83.92 3.61 6.53
N ASN G 59 -83.53 2.45 6.02
CA ASN G 59 -83.28 1.23 6.81
C ASN G 59 -81.81 1.32 7.22
N GLY G 60 -81.61 1.63 8.50
CA GLY G 60 -80.33 2.16 8.97
C GLY G 60 -80.42 3.67 9.08
N GLU G 66 -89.44 -0.65 11.58
CA GLU G 66 -89.21 -1.40 10.34
C GLU G 66 -89.57 -0.60 9.09
N MET G 67 -89.88 -1.31 8.00
CA MET G 67 -90.31 -0.64 6.78
C MET G 67 -91.38 -1.37 5.93
N SER G 68 -92.46 -0.65 5.65
CA SER G 68 -93.62 -1.19 4.92
C SER G 68 -93.44 -1.19 3.41
N GLU G 69 -94.49 -1.59 2.68
CA GLU G 69 -94.49 -1.55 1.21
C GLU G 69 -94.94 -0.19 0.68
N GLY G 70 -95.56 0.56 1.57
CA GLY G 70 -96.03 1.89 1.22
C GLY G 70 -94.81 2.75 1.07
N GLU G 71 -93.96 2.71 2.08
CA GLU G 71 -92.73 3.48 2.10
C GLU G 71 -91.82 3.11 0.94
N LEU G 72 -91.72 1.82 0.62
CA LEU G 72 -90.99 1.32 -0.57
C LEU G 72 -91.55 1.95 -1.83
N VAL G 73 -92.88 2.04 -1.89
CA VAL G 73 -93.57 2.65 -3.02
C VAL G 73 -93.27 4.16 -3.08
N ASP G 74 -93.20 4.81 -1.92
CA ASP G 74 -92.87 6.23 -1.82
C ASP G 74 -91.46 6.48 -2.32
N ALA G 75 -90.56 5.64 -1.85
CA ALA G 75 -89.15 5.67 -2.20
C ALA G 75 -89.00 5.53 -3.70
N PHE G 76 -89.53 4.44 -4.23
CA PHE G 76 -89.52 4.23 -5.67
C PHE G 76 -90.07 5.44 -6.39
N ARG G 77 -91.07 6.10 -5.79
CA ARG G 77 -91.60 7.36 -6.35
C ARG G 77 -90.46 8.38 -6.45
N HIS G 78 -89.81 8.66 -5.33
CA HIS G 78 -88.67 9.56 -5.34
C HIS G 78 -87.65 9.14 -6.41
N VAL G 79 -87.52 7.83 -6.67
CA VAL G 79 -86.56 7.26 -7.65
C VAL G 79 -86.91 7.37 -9.14
N SER G 80 -88.14 7.07 -9.52
CA SER G 80 -88.54 7.32 -10.88
C SER G 80 -88.54 8.83 -11.13
N ASP G 81 -88.87 9.63 -10.10
CA ASP G 81 -88.84 11.11 -10.20
C ASP G 81 -87.41 11.65 -10.42
N ALA G 82 -86.43 11.08 -9.72
CA ALA G 82 -85.02 11.41 -10.00
C ALA G 82 -84.68 11.22 -11.49
N PHE G 83 -85.01 10.05 -12.05
CA PHE G 83 -84.77 9.75 -13.48
C PHE G 83 -85.74 10.53 -14.38
N THR G 89 -96.81 5.52 -14.76
CA THR G 89 -96.35 4.14 -14.87
C THR G 89 -95.66 3.68 -13.58
N ILE G 90 -95.73 4.54 -12.56
CA ILE G 90 -95.10 4.32 -11.26
C ILE G 90 -95.57 3.09 -10.50
N GLY G 91 -96.87 2.98 -10.25
CA GLY G 91 -97.39 1.84 -9.50
C GLY G 91 -96.93 0.51 -10.06
N VAL G 92 -97.20 0.30 -11.35
CA VAL G 92 -96.80 -0.94 -12.02
C VAL G 92 -95.28 -1.18 -11.98
N ARG G 93 -94.47 -0.16 -12.27
CA ARG G 93 -93.01 -0.30 -12.35
C ARG G 93 -92.37 -0.47 -10.97
N ALA G 94 -93.06 0.06 -9.96
CA ALA G 94 -92.67 -0.04 -8.56
C ALA G 94 -92.92 -1.45 -8.09
N ASN G 95 -94.09 -2.01 -8.46
CA ASN G 95 -94.36 -3.41 -8.17
C ASN G 95 -93.41 -4.33 -8.99
N ASN G 96 -93.16 -4.05 -10.26
CA ASN G 96 -92.22 -4.86 -11.07
C ASN G 96 -90.86 -4.91 -10.39
N ALA G 97 -90.33 -3.72 -10.15
CA ALA G 97 -89.10 -3.55 -9.39
C ALA G 97 -89.14 -4.41 -8.13
N ILE G 98 -89.99 -4.07 -7.16
CA ILE G 98 -90.04 -4.82 -5.88
C ILE G 98 -90.11 -6.37 -6.04
N ASN G 99 -91.05 -6.87 -6.84
CA ASN G 99 -91.11 -8.30 -7.16
C ASN G 99 -89.77 -8.89 -7.61
N ASP G 100 -89.09 -8.26 -8.57
CA ASP G 100 -87.77 -8.78 -8.95
C ASP G 100 -86.68 -8.54 -7.88
N MET G 101 -86.92 -7.64 -6.94
CA MET G 101 -86.01 -7.49 -5.81
C MET G 101 -86.10 -8.79 -5.03
N VAL G 102 -87.33 -9.28 -4.80
CA VAL G 102 -87.53 -10.51 -4.00
C VAL G 102 -87.33 -11.85 -4.76
N ARG G 103 -87.42 -11.88 -6.08
CA ARG G 103 -87.11 -13.16 -6.72
C ARG G 103 -85.61 -13.40 -6.59
N GLN G 104 -84.86 -12.28 -6.69
CA GLN G 104 -83.38 -12.23 -6.71
C GLN G 104 -82.72 -12.46 -5.34
N ARG G 105 -83.54 -12.49 -4.30
CA ARG G 105 -83.11 -12.64 -2.90
C ARG G 105 -82.34 -11.49 -2.23
N LEU G 106 -82.62 -10.24 -2.65
CA LEU G 106 -82.09 -9.03 -2.01
C LEU G 106 -82.98 -8.43 -0.92
N LEU G 107 -84.24 -8.89 -0.87
CA LEU G 107 -85.28 -8.33 0.00
C LEU G 107 -86.06 -9.47 0.66
N ASN G 108 -86.27 -9.39 1.98
CA ASN G 108 -87.11 -10.37 2.66
C ASN G 108 -88.46 -9.74 2.99
N ARG G 109 -89.51 -10.56 2.90
CA ARG G 109 -90.87 -10.09 2.89
C ARG G 109 -91.68 -10.82 3.92
N PHE G 110 -92.29 -10.06 4.82
CA PHE G 110 -93.24 -10.61 5.77
C PHE G 110 -94.51 -9.81 5.58
N THR G 111 -95.69 -10.43 5.71
CA THR G 111 -96.93 -9.67 5.52
C THR G 111 -97.56 -9.28 6.85
N SER G 112 -97.55 -8.00 7.17
CA SER G 112 -98.18 -7.49 8.38
C SER G 112 -99.43 -6.68 8.03
N GLU G 113 -100.59 -7.05 8.58
CA GLU G 113 -101.86 -6.41 8.23
C GLU G 113 -102.04 -5.05 8.91
N GLN G 114 -101.52 -4.93 10.13
CA GLN G 114 -101.58 -3.69 10.90
C GLN G 114 -100.74 -2.60 10.26
N ALA G 115 -99.74 -3.01 9.48
CA ALA G 115 -98.87 -2.09 8.75
C ALA G 115 -99.54 -1.56 7.50
N GLU G 116 -98.81 -0.78 6.73
CA GLU G 116 -99.37 -0.14 5.55
C GLU G 116 -98.97 -0.88 4.30
N GLY G 117 -99.83 -0.88 3.28
CA GLY G 117 -99.58 -1.64 2.06
C GLY G 117 -99.72 -3.15 2.30
N ASN G 118 -100.01 -3.47 3.57
CA ASN G 118 -100.14 -4.82 4.14
C ASN G 118 -98.91 -5.74 3.95
N ALA G 119 -97.78 -5.25 4.42
CA ALA G 119 -96.50 -5.89 4.25
C ALA G 119 -95.37 -5.03 4.86
N ILE G 120 -94.26 -5.66 5.19
CA ILE G 120 -93.05 -4.94 5.54
C ILE G 120 -91.89 -5.70 4.88
N TYR G 121 -90.90 -4.92 4.42
CA TYR G 121 -89.71 -5.44 3.76
C TYR G 121 -88.42 -5.05 4.48
N ARG G 122 -87.62 -6.07 4.80
CA ARG G 122 -86.28 -5.86 5.40
C ARG G 122 -85.21 -6.30 4.41
N LEU G 123 -84.06 -5.61 4.37
CA LEU G 123 -83.02 -6.04 3.43
C LEU G 123 -82.52 -7.40 3.84
N THR G 124 -81.89 -8.13 2.93
CA THR G 124 -81.29 -9.39 3.36
C THR G 124 -79.78 -9.29 3.65
N PRO G 125 -79.19 -10.42 4.09
CA PRO G 125 -77.75 -10.44 4.19
C PRO G 125 -77.20 -9.97 2.86
N LEU G 126 -77.80 -10.47 1.77
CA LEU G 126 -77.34 -10.18 0.41
C LEU G 126 -77.56 -8.71 0.00
N GLY G 127 -78.77 -8.25 0.18
CA GLY G 127 -79.04 -6.89 -0.20
C GLY G 127 -78.25 -6.00 0.72
N ILE G 128 -77.96 -6.53 1.91
CA ILE G 128 -77.17 -5.74 2.85
C ILE G 128 -75.70 -5.60 2.40
N GLY G 129 -75.03 -6.71 2.08
CA GLY G 129 -73.67 -6.64 1.58
C GLY G 129 -73.61 -5.61 0.48
N ILE G 130 -74.50 -5.78 -0.50
CA ILE G 130 -74.50 -4.87 -1.66
C ILE G 130 -74.82 -3.42 -1.32
N THR G 131 -75.74 -3.21 -0.41
CA THR G 131 -76.18 -1.85 -0.20
C THR G 131 -74.99 -1.18 0.44
N ASP G 132 -74.39 -1.96 1.36
CA ASP G 132 -73.39 -1.49 2.30
C ASP G 132 -72.12 -1.10 1.58
N TYR G 133 -71.68 -1.94 0.66
CA TYR G 133 -70.44 -1.65 0.00
C TYR G 133 -70.36 -0.17 -0.46
N TYR G 134 -71.47 0.38 -0.97
CA TYR G 134 -71.54 1.78 -1.44
C TYR G 134 -72.00 2.73 -0.35
N ILE G 135 -73.18 2.45 0.16
CA ILE G 135 -73.81 3.23 1.22
C ILE G 135 -72.88 3.34 2.44
N ARG G 136 -72.35 2.19 2.89
CA ARG G 136 -71.53 2.14 4.10
C ARG G 136 -70.24 2.91 3.90
N GLN G 137 -69.82 3.62 4.95
CA GLN G 137 -68.53 4.26 4.89
C GLN G 137 -67.57 3.24 5.42
N ARG G 138 -66.81 2.66 4.51
CA ARG G 138 -65.88 1.65 4.90
C ARG G 138 -64.60 2.41 4.95
N GLU G 139 -64.15 2.66 6.17
CA GLU G 139 -62.94 3.44 6.38
C GLU G 139 -61.93 2.65 7.19
N PHE G 140 -60.66 2.80 6.82
CA PHE G 140 -59.65 1.95 7.37
C PHE G 140 -58.73 2.63 8.41
N SER G 141 -58.69 2.08 9.63
CA SER G 141 -57.87 2.60 10.74
C SER G 141 -56.99 1.53 11.38
N THR G 142 -55.72 1.88 11.59
CA THR G 142 -54.76 0.97 12.18
C THR G 142 -55.27 0.53 13.53
N LEU G 143 -55.66 1.52 14.30
CA LEU G 143 -56.21 1.32 15.61
C LEU G 143 -57.25 0.19 15.57
N ARG G 144 -58.17 0.30 14.61
CA ARG G 144 -59.24 -0.70 14.42
C ARG G 144 -58.64 -2.10 14.38
N LEU G 145 -57.68 -2.28 13.48
CA LEU G 145 -56.97 -3.53 13.36
C LEU G 145 -56.49 -3.97 14.73
N SER G 146 -55.80 -3.06 15.40
CA SER G 146 -55.17 -3.36 16.68
C SER G 146 -56.20 -3.97 17.61
N MET G 147 -57.32 -3.26 17.73
CA MET G 147 -58.42 -3.63 18.58
C MET G 147 -58.86 -5.07 18.24
N GLN G 148 -59.04 -5.33 16.94
CA GLN G 148 -59.47 -6.66 16.48
C GLN G 148 -58.52 -7.75 16.93
N LEU G 149 -57.24 -7.49 16.75
CA LEU G 149 -56.21 -8.48 17.04
C LEU G 149 -56.14 -8.72 18.55
N SER G 150 -56.14 -7.63 19.32
CA SER G 150 -56.28 -7.72 20.76
C SER G 150 -57.37 -8.74 21.10
N ILE G 151 -58.62 -8.39 20.76
CA ILE G 151 -59.76 -9.27 21.02
C ILE G 151 -59.49 -10.74 20.60
N VAL G 152 -58.84 -10.92 19.43
CA VAL G 152 -58.58 -12.29 18.97
C VAL G 152 -57.61 -12.99 19.90
N ALA G 153 -56.45 -12.38 20.15
CA ALA G 153 -55.46 -12.93 21.05
C ALA G 153 -56.18 -13.43 22.30
N GLY G 154 -57.09 -12.61 22.79
CA GLY G 154 -57.88 -12.97 23.96
C GLY G 154 -58.72 -14.24 23.79
N GLU G 155 -59.57 -14.28 22.77
CA GLU G 155 -60.43 -15.47 22.63
C GLU G 155 -59.60 -16.72 22.32
N LEU G 156 -58.48 -16.48 21.66
CA LEU G 156 -57.60 -17.53 21.18
C LEU G 156 -56.86 -18.20 22.32
N LYS G 157 -56.01 -17.44 23.00
CA LYS G 157 -55.40 -17.97 24.22
C LYS G 157 -56.50 -18.61 25.08
N ARG G 158 -57.62 -17.92 25.31
CA ARG G 158 -58.64 -18.54 26.18
C ARG G 158 -58.82 -19.99 25.71
N ALA G 159 -59.13 -20.17 24.43
CA ALA G 159 -59.39 -21.53 23.89
C ALA G 159 -58.17 -22.47 23.79
N ALA G 160 -56.97 -21.91 23.87
CA ALA G 160 -55.73 -22.67 23.84
C ALA G 160 -55.45 -23.22 25.22
N ASP G 161 -55.27 -22.31 26.17
CA ASP G 161 -55.12 -22.65 27.56
C ASP G 161 -56.19 -23.66 27.91
N ALA G 162 -57.41 -23.42 27.45
CA ALA G 162 -58.55 -24.33 27.64
C ALA G 162 -58.40 -25.66 26.87
N ALA G 163 -57.73 -25.63 25.71
CA ALA G 163 -57.56 -26.84 24.91
C ALA G 163 -56.58 -27.84 25.54
N GLU G 164 -55.55 -27.32 26.21
CA GLU G 164 -54.53 -28.15 26.84
C GLU G 164 -54.89 -28.73 28.22
N GLU G 165 -55.95 -28.22 28.84
CA GLU G 165 -56.31 -28.63 30.19
C GLU G 165 -57.24 -29.86 30.21
N GLY G 166 -57.45 -30.46 29.05
CA GLY G 166 -58.29 -31.63 28.90
C GLY G 166 -59.74 -31.21 29.04
N GLY G 167 -60.67 -32.13 28.84
CA GLY G 167 -62.09 -31.82 28.92
C GLY G 167 -63.01 -32.92 28.38
N ASP G 168 -64.22 -32.56 28.03
CA ASP G 168 -65.14 -33.54 27.46
C ASP G 168 -65.82 -32.85 26.28
N GLU G 169 -66.93 -33.37 25.81
CA GLU G 169 -67.65 -32.67 24.75
C GLU G 169 -67.85 -31.21 25.06
N PHE G 170 -68.45 -30.91 26.21
CA PHE G 170 -68.74 -29.52 26.52
C PHE G 170 -67.48 -28.68 26.48
N HIS G 171 -66.35 -29.29 26.83
CA HIS G 171 -65.11 -28.55 26.96
C HIS G 171 -64.47 -28.24 25.62
N TRP G 172 -64.42 -29.23 24.73
CA TRP G 172 -63.83 -29.00 23.41
C TRP G 172 -64.77 -28.25 22.46
N HIS G 173 -66.07 -28.42 22.64
CA HIS G 173 -67.04 -27.68 21.85
C HIS G 173 -67.21 -26.26 22.35
N ARG G 174 -67.64 -26.11 23.60
CA ARG G 174 -67.82 -24.76 24.15
C ARG G 174 -66.52 -23.93 24.26
N ASN G 175 -65.49 -24.44 24.92
CA ASN G 175 -64.23 -23.68 25.11
C ASN G 175 -63.15 -23.66 24.00
N VAL G 176 -63.11 -24.70 23.16
CA VAL G 176 -62.03 -24.86 22.18
C VAL G 176 -62.52 -24.56 20.76
N TYR G 177 -63.33 -25.45 20.20
CA TYR G 177 -63.89 -25.30 18.84
C TYR G 177 -64.65 -24.01 18.59
N ALA G 178 -65.65 -23.70 19.41
CA ALA G 178 -66.48 -22.52 19.23
C ALA G 178 -65.77 -21.16 19.28
N PRO G 179 -64.74 -20.98 20.11
CA PRO G 179 -64.10 -19.67 19.86
C PRO G 179 -63.38 -19.63 18.50
N LEU G 180 -62.83 -20.77 18.07
CA LEU G 180 -62.13 -20.80 16.79
C LEU G 180 -63.15 -20.54 15.66
N LYS G 181 -64.20 -21.37 15.62
CA LYS G 181 -65.26 -21.32 14.61
C LYS G 181 -65.95 -19.97 14.53
N TYR G 182 -66.44 -19.49 15.67
CA TYR G 182 -67.28 -18.30 15.72
C TYR G 182 -66.55 -17.00 16.06
N SER G 183 -65.83 -16.93 17.17
CA SER G 183 -65.03 -15.74 17.41
C SER G 183 -63.85 -15.57 16.47
N VAL G 184 -62.96 -16.55 16.45
CA VAL G 184 -61.66 -16.33 15.78
C VAL G 184 -61.76 -16.20 14.28
N ALA G 185 -62.41 -17.18 13.66
CA ALA G 185 -62.60 -17.16 12.23
C ALA G 185 -63.16 -15.81 11.83
N GLU G 186 -64.30 -15.44 12.39
CA GLU G 186 -64.99 -14.27 11.89
C GLU G 186 -64.18 -13.00 12.02
N ILE G 187 -63.35 -12.95 13.05
CA ILE G 187 -62.48 -11.80 13.18
C ILE G 187 -61.35 -11.81 12.18
N PHE G 188 -60.82 -12.99 11.89
CA PHE G 188 -59.81 -13.14 10.85
C PHE G 188 -60.40 -12.63 9.54
N ASP G 189 -61.68 -12.94 9.32
CA ASP G 189 -62.35 -12.57 8.09
C ASP G 189 -62.60 -11.08 8.08
N SER G 190 -62.77 -10.49 9.25
CA SER G 190 -62.95 -9.05 9.37
C SER G 190 -61.65 -8.32 9.09
N ILE G 191 -60.56 -9.03 9.33
CA ILE G 191 -59.23 -8.54 8.97
C ILE G 191 -58.97 -8.73 7.47
N ASP G 192 -59.33 -9.89 6.93
CA ASP G 192 -59.30 -10.14 5.48
C ASP G 192 -59.97 -8.95 4.80
N LEU G 193 -61.18 -8.67 5.27
CA LEU G 193 -62.04 -7.64 4.72
C LEU G 193 -61.42 -6.29 4.96
N THR G 194 -60.75 -6.12 6.08
CA THR G 194 -60.11 -4.84 6.34
C THR G 194 -58.98 -4.62 5.32
N GLN G 195 -58.34 -5.71 4.91
CA GLN G 195 -57.20 -5.66 3.98
C GLN G 195 -57.72 -5.37 2.60
N ARG G 196 -58.81 -6.06 2.22
CA ARG G 196 -59.48 -5.87 0.94
C ARG G 196 -59.95 -4.44 0.84
N LEU G 197 -60.34 -3.86 1.96
CA LEU G 197 -60.71 -2.45 1.93
C LEU G 197 -59.45 -1.60 1.77
N MET G 198 -58.33 -2.06 2.31
CA MET G 198 -57.03 -1.48 1.93
C MET G 198 -56.81 -1.48 0.40
N ASP G 199 -56.91 -2.66 -0.24
CA ASP G 199 -56.78 -2.80 -1.70
C ASP G 199 -57.62 -1.75 -2.39
N GLU G 200 -58.90 -1.67 -2.01
CA GLU G 200 -59.79 -0.68 -2.60
C GLU G 200 -59.20 0.71 -2.50
N GLN G 201 -58.75 1.06 -1.29
CA GLN G 201 -58.11 2.37 -1.16
C GLN G 201 -56.97 2.55 -2.18
N GLN G 202 -56.04 1.60 -2.24
CA GLN G 202 -54.93 1.67 -3.19
C GLN G 202 -55.45 2.04 -4.58
N GLN G 203 -56.23 1.14 -5.19
CA GLN G 203 -56.72 1.38 -6.56
C GLN G 203 -57.26 2.79 -6.72
N GLN G 204 -57.91 3.26 -5.67
CA GLN G 204 -58.31 4.66 -5.67
C GLN G 204 -57.10 5.59 -5.83
N VAL G 205 -56.11 5.49 -4.95
CA VAL G 205 -54.95 6.39 -5.02
C VAL G 205 -54.37 6.41 -6.42
N LYS G 206 -54.18 5.21 -6.98
CA LYS G 206 -53.68 5.06 -8.35
C LYS G 206 -54.48 5.96 -9.30
N ASP G 207 -55.81 5.88 -9.22
CA ASP G 207 -56.67 6.72 -10.07
C ASP G 207 -56.58 8.20 -9.77
N ASP G 208 -56.31 8.53 -8.52
CA ASP G 208 -56.18 9.92 -8.13
C ASP G 208 -55.00 10.53 -8.81
N ILE G 209 -53.87 9.84 -8.70
CA ILE G 209 -52.60 10.21 -9.39
C ILE G 209 -52.76 10.30 -10.89
N ALA G 210 -53.22 9.24 -11.53
CA ALA G 210 -53.51 9.35 -12.95
C ALA G 210 -54.37 10.60 -13.32
N GLN G 211 -55.47 10.90 -12.64
CA GLN G 211 -56.26 12.04 -13.13
C GLN G 211 -55.66 13.36 -12.71
N LEU G 212 -54.93 13.33 -11.61
CA LEU G 212 -54.14 14.46 -11.12
C LEU G 212 -53.13 14.92 -12.17
N LEU G 213 -52.28 13.98 -12.58
CA LEU G 213 -51.31 14.11 -13.69
C LEU G 213 -52.03 14.61 -14.96
N ASN G 214 -53.05 13.88 -15.39
CA ASN G 214 -53.90 14.41 -16.46
C ASN G 214 -54.38 15.88 -16.38
N LYS G 215 -54.74 16.41 -15.22
CA LYS G 215 -55.07 17.86 -15.23
C LYS G 215 -53.92 18.82 -15.03
N ASP G 216 -53.09 18.54 -14.05
CA ASP G 216 -52.04 19.46 -13.67
C ASP G 216 -50.80 18.75 -14.03
N TRP G 217 -50.09 19.24 -15.02
CA TRP G 217 -49.08 18.37 -15.56
C TRP G 217 -47.89 18.33 -14.57
N ARG G 218 -47.04 19.34 -14.59
CA ARG G 218 -45.80 19.30 -13.79
C ARG G 218 -46.15 19.42 -12.30
N ALA G 219 -47.30 20.03 -12.04
CA ALA G 219 -47.70 20.42 -10.68
C ALA G 219 -47.92 19.21 -9.78
N ALA G 220 -48.76 18.32 -10.28
CA ALA G 220 -49.22 17.17 -9.54
C ALA G 220 -48.05 16.31 -9.07
N ILE G 221 -46.85 16.60 -9.52
CA ILE G 221 -45.75 15.77 -9.08
C ILE G 221 -45.62 15.76 -7.56
N SER G 222 -45.65 16.95 -6.97
CA SER G 222 -45.57 17.12 -5.53
C SER G 222 -46.67 16.32 -4.86
N SER G 223 -47.91 16.65 -5.23
CA SER G 223 -49.08 15.99 -4.67
C SER G 223 -48.95 14.45 -4.74
N CYS G 224 -48.76 13.91 -5.95
CA CYS G 224 -48.70 12.47 -6.18
C CYS G 224 -47.59 11.81 -5.40
N GLU G 225 -46.48 12.53 -5.27
CA GLU G 225 -45.36 12.03 -4.47
C GLU G 225 -45.83 11.87 -3.03
N LEU G 226 -46.53 12.88 -2.53
CA LEU G 226 -47.14 12.74 -1.22
C LEU G 226 -48.04 11.50 -1.15
N LEU G 227 -49.08 11.46 -2.00
CA LEU G 227 -50.10 10.40 -2.01
C LEU G 227 -49.49 9.02 -2.11
N LEU G 228 -48.26 8.98 -2.60
CA LEU G 228 -47.50 7.76 -2.78
C LEU G 228 -46.88 7.40 -1.44
N SER G 229 -46.00 8.28 -1.02
CA SER G 229 -45.27 8.12 0.22
C SER G 229 -46.23 7.66 1.32
N GLU G 230 -47.38 8.32 1.38
CA GLU G 230 -48.28 8.14 2.49
C GLU G 230 -48.86 6.73 2.56
N THR G 231 -49.38 6.25 1.43
CA THR G 231 -49.93 4.90 1.39
C THR G 231 -48.81 3.87 1.59
N SER G 232 -47.58 4.25 1.25
CA SER G 232 -46.42 3.38 1.52
C SER G 232 -46.25 3.20 3.02
N GLY G 233 -46.17 4.31 3.73
CA GLY G 233 -46.16 4.26 5.18
C GLY G 233 -47.32 3.48 5.77
N THR G 234 -48.54 3.74 5.28
CA THR G 234 -49.71 3.06 5.83
C THR G 234 -49.60 1.55 5.69
N LEU G 235 -49.32 1.09 4.47
CA LEU G 235 -49.17 -0.33 4.22
C LEU G 235 -48.08 -0.90 5.12
N ARG G 236 -47.05 -0.07 5.36
CA ARG G 236 -46.04 -0.44 6.34
C ARG G 236 -46.69 -0.73 7.69
N GLU G 237 -47.32 0.25 8.35
CA GLU G 237 -47.88 -0.04 9.67
C GLU G 237 -48.86 -1.19 9.74
N LEU G 238 -49.70 -1.32 8.72
CA LEU G 238 -50.49 -2.54 8.53
C LEU G 238 -49.66 -3.81 8.69
N GLN G 239 -48.72 -4.02 7.77
CA GLN G 239 -47.98 -5.26 7.76
C GLN G 239 -47.20 -5.42 9.06
N ASP G 240 -46.78 -4.30 9.63
CA ASP G 240 -46.08 -4.35 10.90
C ASP G 240 -46.98 -4.89 11.99
N THR G 241 -48.20 -4.38 12.08
CA THR G 241 -49.09 -4.84 13.13
C THR G 241 -49.44 -6.32 12.93
N LEU G 242 -49.73 -6.68 11.69
CA LEU G 242 -50.03 -8.06 11.42
C LEU G 242 -48.86 -8.94 11.88
N GLU G 243 -47.66 -8.71 11.32
CA GLU G 243 -46.50 -9.54 11.62
C GLU G 243 -46.27 -9.54 13.11
N ALA G 244 -46.55 -8.40 13.73
CA ALA G 244 -46.35 -8.16 15.15
C ALA G 244 -47.18 -9.05 16.06
N ALA G 245 -48.41 -9.35 15.66
CA ALA G 245 -49.17 -10.34 16.42
C ALA G 245 -49.08 -11.75 15.81
N GLY G 246 -48.42 -11.85 14.65
CA GLY G 246 -48.55 -13.01 13.80
C GLY G 246 -48.11 -14.33 14.37
N ASP G 247 -46.85 -14.38 14.79
CA ASP G 247 -46.26 -15.61 15.28
C ASP G 247 -46.82 -15.96 16.65
N LYS G 248 -47.31 -14.96 17.39
CA LYS G 248 -47.91 -15.26 18.68
C LYS G 248 -49.16 -16.05 18.40
N LEU G 249 -50.01 -15.44 17.58
CA LEU G 249 -51.28 -16.08 17.19
C LEU G 249 -51.03 -17.50 16.67
N GLN G 250 -50.02 -17.62 15.81
CA GLN G 250 -49.60 -18.88 15.18
C GLN G 250 -49.16 -19.88 16.23
N ALA G 251 -48.58 -19.33 17.29
CA ALA G 251 -48.05 -20.09 18.40
C ALA G 251 -49.19 -20.74 19.15
N ASN G 252 -50.16 -19.93 19.59
CA ASN G 252 -51.33 -20.47 20.29
C ASN G 252 -52.09 -21.51 19.49
N LEU G 253 -52.34 -21.17 18.22
CA LEU G 253 -52.93 -22.10 17.28
C LEU G 253 -52.17 -23.41 17.21
N LEU G 254 -50.83 -23.29 17.27
CA LEU G 254 -49.97 -24.46 17.23
C LEU G 254 -50.08 -25.27 18.51
N ARG G 255 -50.23 -24.61 19.65
CA ARG G 255 -50.37 -25.30 20.94
C ARG G 255 -51.60 -26.16 20.85
N ILE G 256 -52.67 -25.53 20.38
CA ILE G 256 -53.89 -26.25 20.05
C ILE G 256 -53.59 -27.42 19.09
N GLN G 257 -52.75 -27.18 18.09
CA GLN G 257 -52.55 -28.14 17.02
C GLN G 257 -51.87 -29.41 17.53
N ASP G 258 -50.94 -29.22 18.47
CA ASP G 258 -50.16 -30.29 19.10
C ASP G 258 -50.97 -31.06 20.15
N ALA G 259 -51.60 -30.32 21.07
CA ALA G 259 -52.49 -30.96 22.05
C ALA G 259 -53.65 -31.65 21.33
N THR G 260 -53.93 -31.19 20.12
CA THR G 260 -55.01 -31.68 19.27
C THR G 260 -54.66 -32.92 18.47
N MET G 261 -53.44 -32.93 17.91
CA MET G 261 -52.94 -34.05 17.08
C MET G 261 -52.33 -35.18 17.92
N THR G 262 -52.16 -34.91 19.22
CA THR G 262 -51.84 -35.95 20.22
C THR G 262 -53.04 -36.85 20.52
N HIS G 263 -54.15 -36.24 20.95
CA HIS G 263 -55.40 -36.97 21.22
C HIS G 263 -56.08 -37.31 19.89
N ASP G 264 -56.29 -38.60 19.67
CA ASP G 264 -56.62 -39.11 18.34
C ASP G 264 -57.97 -38.66 17.78
N ASP G 265 -58.91 -38.26 18.64
CA ASP G 265 -60.28 -37.94 18.14
C ASP G 265 -60.71 -36.49 17.91
N LEU G 266 -59.84 -35.50 18.11
CA LEU G 266 -60.29 -34.17 17.74
C LEU G 266 -59.74 -33.90 16.37
N HIS G 267 -60.55 -34.25 15.38
CA HIS G 267 -60.23 -33.98 13.99
C HIS G 267 -60.79 -32.69 13.54
N PHE G 268 -62.03 -32.46 13.93
CA PHE G 268 -62.76 -31.31 13.43
C PHE G 268 -62.06 -30.10 13.97
N VAL G 269 -61.61 -30.24 15.21
CA VAL G 269 -60.81 -29.20 15.85
C VAL G 269 -59.46 -28.98 15.17
N ASP G 270 -58.81 -30.06 14.74
CA ASP G 270 -57.54 -29.90 14.05
C ASP G 270 -57.77 -29.18 12.73
N ARG G 271 -58.65 -29.72 11.91
CA ARG G 271 -59.01 -29.12 10.63
C ARG G 271 -59.32 -27.62 10.78
N LEU G 272 -60.14 -27.25 11.76
CA LEU G 272 -60.38 -25.83 12.02
C LEU G 272 -59.08 -25.05 12.37
N VAL G 273 -58.20 -25.66 13.18
CA VAL G 273 -56.92 -25.00 13.49
C VAL G 273 -56.11 -24.76 12.22
N PHE G 274 -56.13 -25.76 11.33
CA PHE G 274 -55.44 -25.70 10.04
C PHE G 274 -55.95 -24.57 9.15
N ASP G 275 -57.24 -24.59 8.83
CA ASP G 275 -57.85 -23.53 8.03
C ASP G 275 -57.46 -22.18 8.60
N LEU G 276 -57.59 -22.02 9.91
CA LEU G 276 -57.28 -20.72 10.54
C LEU G 276 -55.80 -20.33 10.40
N GLN G 277 -54.93 -21.33 10.43
CA GLN G 277 -53.52 -21.04 10.22
C GLN G 277 -53.33 -20.59 8.76
N SER G 278 -53.91 -21.34 7.83
CA SER G 278 -53.84 -21.01 6.42
C SER G 278 -54.26 -19.57 6.30
N LYS G 279 -55.48 -19.31 6.77
CA LYS G 279 -56.09 -18.00 6.69
C LYS G 279 -55.25 -16.90 7.37
N LEU G 280 -54.33 -17.28 8.25
CA LEU G 280 -53.35 -16.29 8.75
C LEU G 280 -52.16 -16.10 7.79
N ASP G 281 -51.72 -17.19 7.18
CA ASP G 281 -50.54 -17.13 6.35
C ASP G 281 -50.87 -16.40 5.07
N ARG G 282 -51.99 -16.79 4.48
CA ARG G 282 -52.59 -16.10 3.37
C ARG G 282 -52.64 -14.60 3.65
N ILE G 283 -53.12 -14.24 4.84
CA ILE G 283 -53.25 -12.84 5.23
C ILE G 283 -51.95 -12.07 5.30
N ILE G 284 -50.96 -12.60 6.03
CA ILE G 284 -49.69 -11.89 6.20
C ILE G 284 -48.91 -11.87 4.87
N SER G 285 -49.01 -12.99 4.17
CA SER G 285 -48.49 -13.17 2.82
C SER G 285 -48.94 -12.05 1.91
N TRP G 286 -50.24 -11.99 1.65
CA TRP G 286 -50.75 -10.94 0.79
C TRP G 286 -50.39 -9.56 1.33
N GLY G 287 -50.22 -9.41 2.63
CA GLY G 287 -49.79 -8.10 3.10
C GLY G 287 -48.41 -7.71 2.58
N GLN G 288 -47.40 -8.51 2.92
CA GLN G 288 -46.04 -8.18 2.49
C GLN G 288 -46.11 -7.97 0.99
N GLN G 289 -46.74 -8.91 0.31
CA GLN G 289 -46.91 -8.88 -1.14
C GLN G 289 -47.59 -7.63 -1.74
N SER G 290 -48.54 -7.02 -1.03
CA SER G 290 -49.17 -5.80 -1.52
C SER G 290 -48.21 -4.67 -1.33
N ILE G 291 -47.38 -4.75 -0.29
CA ILE G 291 -46.32 -3.76 -0.19
C ILE G 291 -45.35 -3.80 -1.38
N ASP G 292 -44.89 -4.99 -1.74
CA ASP G 292 -43.96 -5.07 -2.86
C ASP G 292 -44.61 -4.59 -4.18
N LEU G 293 -45.85 -5.01 -4.45
CA LEU G 293 -46.57 -4.46 -5.60
C LEU G 293 -46.70 -2.93 -5.56
N TRP G 294 -46.85 -2.38 -4.35
CA TRP G 294 -46.97 -0.92 -4.21
C TRP G 294 -45.65 -0.24 -4.50
N ILE G 295 -44.55 -0.85 -4.08
CA ILE G 295 -43.25 -0.33 -4.47
C ILE G 295 -43.14 -0.34 -6.00
N GLY G 296 -43.59 -1.43 -6.63
CA GLY G 296 -43.62 -1.48 -8.07
C GLY G 296 -44.33 -0.25 -8.66
N TYR G 297 -45.55 0.00 -8.20
CA TYR G 297 -46.30 1.19 -8.65
C TYR G 297 -45.43 2.45 -8.49
N ASP G 298 -44.98 2.70 -7.27
CA ASP G 298 -44.11 3.83 -7.01
C ASP G 298 -43.06 4.00 -8.11
N ARG G 299 -42.16 3.02 -8.17
CA ARG G 299 -41.01 3.11 -9.06
C ARG G 299 -41.54 3.54 -10.41
N HIS G 300 -42.53 2.84 -10.90
CA HIS G 300 -43.06 3.12 -12.24
C HIS G 300 -43.61 4.56 -12.41
N VAL G 301 -44.32 5.10 -11.42
CA VAL G 301 -44.84 6.48 -11.52
C VAL G 301 -43.68 7.47 -11.63
N HIS G 302 -42.65 7.26 -10.82
CA HIS G 302 -41.46 8.11 -10.97
C HIS G 302 -40.89 7.96 -12.37
N LYS G 303 -40.78 6.72 -12.84
CA LYS G 303 -40.30 6.44 -14.20
C LYS G 303 -41.13 7.27 -15.19
N PHE G 304 -42.40 7.54 -14.85
CA PHE G 304 -43.26 8.32 -15.76
C PHE G 304 -42.85 9.77 -15.72
N ILE G 305 -42.81 10.30 -14.50
CA ILE G 305 -42.45 11.68 -14.31
C ILE G 305 -41.19 11.90 -15.12
N ARG G 306 -40.29 10.92 -15.05
CA ARG G 306 -38.93 11.07 -15.56
C ARG G 306 -38.85 10.96 -17.06
N THR G 307 -39.58 9.99 -17.60
CA THR G 307 -39.64 9.71 -19.03
C THR G 307 -40.58 10.61 -19.79
N ALA G 308 -41.86 10.55 -19.43
CA ALA G 308 -42.90 11.24 -20.20
C ALA G 308 -43.14 12.72 -19.85
N ILE G 309 -42.88 13.11 -18.60
CA ILE G 309 -43.21 14.45 -18.15
C ILE G 309 -41.98 15.33 -18.16
N ASP G 310 -40.95 14.95 -17.41
CA ASP G 310 -39.70 15.69 -17.36
C ASP G 310 -39.19 16.00 -18.75
N MET G 311 -39.42 15.06 -19.67
CA MET G 311 -39.02 15.21 -21.07
C MET G 311 -39.96 16.01 -21.95
N ASP G 312 -41.21 16.13 -21.52
CA ASP G 312 -42.15 17.11 -22.07
C ASP G 312 -42.71 17.89 -20.88
N LYS G 313 -42.32 19.15 -20.71
CA LYS G 313 -42.86 19.93 -19.62
C LYS G 313 -44.17 20.63 -19.93
N ASN G 314 -44.29 21.18 -21.13
CA ASN G 314 -45.44 22.00 -21.47
C ASN G 314 -46.42 21.11 -22.17
N ARG G 315 -46.06 19.84 -22.19
CA ARG G 315 -46.89 18.81 -22.78
C ARG G 315 -47.31 19.15 -24.22
N VAL G 316 -46.39 19.85 -24.89
CA VAL G 316 -46.54 20.29 -26.27
C VAL G 316 -46.22 19.17 -27.22
N PHE G 317 -45.15 18.45 -26.92
CA PHE G 317 -44.71 17.39 -27.82
C PHE G 317 -45.87 16.41 -27.98
N ALA G 318 -46.48 15.97 -26.88
CA ALA G 318 -47.65 15.09 -26.95
C ALA G 318 -48.76 15.60 -27.89
N GLN G 319 -49.07 16.88 -27.78
CA GLN G 319 -50.05 17.45 -28.70
C GLN G 319 -49.61 17.36 -30.17
N ARG G 320 -48.33 17.66 -30.43
CA ARG G 320 -47.89 17.82 -31.81
C ARG G 320 -47.71 16.44 -32.44
N LEU G 321 -47.44 15.46 -31.57
CA LEU G 321 -47.30 14.07 -31.93
C LEU G 321 -48.69 13.63 -32.36
N ARG G 322 -49.69 13.92 -31.53
CA ARG G 322 -51.03 13.58 -31.96
C ARG G 322 -51.44 14.27 -33.24
N GLN G 323 -51.27 15.56 -33.28
CA GLN G 323 -51.72 16.31 -34.44
C GLN G 323 -51.10 15.66 -35.64
N SER G 324 -49.83 15.25 -35.46
CA SER G 324 -49.02 14.57 -36.46
C SER G 324 -49.55 13.20 -36.88
N VAL G 325 -50.40 12.58 -36.04
CA VAL G 325 -50.89 11.25 -36.42
C VAL G 325 -51.98 11.32 -37.45
N GLN G 326 -52.79 12.37 -37.38
CA GLN G 326 -53.89 12.48 -38.34
C GLN G 326 -53.30 13.05 -39.58
N THR G 327 -52.29 13.86 -39.36
CA THR G 327 -51.70 14.64 -40.40
C THR G 327 -50.57 13.87 -41.14
N TYR G 328 -50.29 12.65 -40.68
CA TYR G 328 -49.21 11.84 -41.25
C TYR G 328 -49.36 11.69 -42.74
N PHE G 329 -50.56 11.37 -43.21
CA PHE G 329 -50.75 11.02 -44.61
C PHE G 329 -50.63 12.13 -45.63
N ASP G 330 -50.61 13.36 -45.15
CA ASP G 330 -50.41 14.54 -45.96
C ASP G 330 -48.99 14.71 -46.47
N GLU G 331 -48.03 14.28 -45.66
CA GLU G 331 -46.65 14.19 -46.09
C GLU G 331 -45.85 13.11 -45.38
N PRO G 332 -46.04 11.83 -45.73
CA PRO G 332 -45.47 10.73 -44.94
C PRO G 332 -43.96 10.71 -44.95
N TRP G 333 -43.38 9.98 -44.01
CA TRP G 333 -41.96 9.73 -43.99
C TRP G 333 -41.76 8.46 -43.17
N ALA G 334 -40.67 7.75 -43.39
CA ALA G 334 -40.42 6.58 -42.58
C ALA G 334 -39.11 6.68 -41.83
N LEU G 335 -38.95 5.82 -40.84
CA LEU G 335 -37.76 5.82 -40.05
C LEU G 335 -36.92 4.76 -40.67
N THR G 336 -35.61 4.95 -40.61
CA THR G 336 -34.61 4.00 -41.09
C THR G 336 -34.07 3.05 -40.00
N TYR G 337 -33.38 1.99 -40.37
CA TYR G 337 -32.68 1.26 -39.35
C TYR G 337 -31.65 0.28 -39.86
N ALA G 338 -30.68 -0.03 -39.02
CA ALA G 338 -29.63 -0.97 -39.39
C ALA G 338 -30.31 -2.31 -39.64
N ASN G 339 -30.06 -2.88 -40.80
CA ASN G 339 -30.58 -4.21 -41.04
C ASN G 339 -29.56 -5.15 -41.64
N ALA G 340 -28.99 -6.01 -40.81
CA ALA G 340 -27.84 -6.75 -41.28
C ALA G 340 -28.31 -7.78 -42.29
N ASP G 341 -27.45 -8.19 -43.19
CA ASP G 341 -27.85 -9.28 -44.01
C ASP G 341 -27.53 -10.46 -43.14
N ARG G 342 -28.52 -11.32 -42.99
CA ARG G 342 -28.38 -12.48 -42.14
C ARG G 342 -27.48 -13.43 -42.85
N LEU G 343 -27.01 -14.39 -42.11
CA LEU G 343 -26.04 -15.29 -42.66
C LEU G 343 -26.72 -16.47 -43.32
N LEU G 344 -26.63 -16.56 -44.65
CA LEU G 344 -27.14 -17.73 -45.43
C LEU G 344 -26.52 -19.09 -45.12
N ASP G 345 -27.32 -20.13 -45.01
CA ASP G 345 -26.77 -21.42 -44.68
C ASP G 345 -27.30 -22.54 -45.62
N MET G 346 -27.01 -23.81 -45.32
CA MET G 346 -27.36 -24.90 -46.26
C MET G 346 -28.48 -25.90 -45.80
N ARG G 347 -29.23 -26.43 -46.79
CA ARG G 347 -30.48 -27.22 -46.62
C ARG G 347 -31.73 -26.29 -46.70
N HIS H 20 -5.67 2.81 -35.78
CA HIS H 20 -5.24 1.93 -34.68
C HIS H 20 -6.15 1.93 -33.41
N MET H 21 -6.33 0.70 -32.89
CA MET H 21 -7.30 0.28 -31.85
C MET H 21 -6.98 0.48 -30.36
N PRO H 22 -7.69 1.43 -29.72
CA PRO H 22 -7.72 1.85 -28.32
C PRO H 22 -7.84 0.75 -27.27
N VAL H 23 -7.34 0.99 -26.05
CA VAL H 23 -7.36 -0.03 -24.99
C VAL H 23 -8.71 -0.14 -24.32
N LYS H 24 -9.39 0.99 -24.25
CA LYS H 24 -10.68 0.91 -23.63
C LYS H 24 -11.60 0.19 -24.60
N LEU H 25 -11.46 0.45 -25.90
CA LEU H 25 -12.24 -0.29 -26.92
C LEU H 25 -12.01 -1.79 -26.89
N ALA H 26 -10.74 -2.19 -26.86
CA ALA H 26 -10.38 -3.58 -26.76
C ALA H 26 -11.06 -4.16 -25.53
N GLN H 27 -10.98 -3.43 -24.43
CA GLN H 27 -11.68 -3.86 -23.24
C GLN H 27 -13.17 -4.11 -23.49
N ALA H 28 -13.77 -3.22 -24.28
CA ALA H 28 -15.19 -3.29 -24.62
C ALA H 28 -15.53 -4.52 -25.45
N LEU H 29 -14.73 -4.75 -26.50
CA LEU H 29 -14.89 -5.85 -27.43
C LEU H 29 -14.66 -7.15 -26.70
N ALA H 30 -14.00 -7.08 -25.56
CA ALA H 30 -13.76 -8.28 -24.78
C ALA H 30 -14.89 -8.60 -23.79
N ASN H 31 -15.74 -7.62 -23.53
CA ASN H 31 -16.89 -7.84 -22.66
C ASN H 31 -17.77 -8.91 -23.25
N PRO H 32 -18.39 -9.75 -22.40
CA PRO H 32 -19.29 -10.87 -22.77
C PRO H 32 -20.58 -10.45 -23.45
N LEU H 33 -21.05 -9.25 -23.16
CA LEU H 33 -22.28 -8.78 -23.76
C LEU H 33 -22.05 -8.49 -25.22
N PHE H 34 -20.90 -7.89 -25.52
CA PHE H 34 -20.65 -7.26 -26.80
C PHE H 34 -21.12 -8.05 -28.02
N PRO H 35 -20.76 -9.36 -28.13
CA PRO H 35 -21.22 -10.07 -29.33
C PRO H 35 -22.74 -10.05 -29.61
N ALA H 36 -23.50 -10.41 -28.61
CA ALA H 36 -24.92 -10.55 -28.79
C ALA H 36 -25.54 -9.16 -29.00
N LEU H 37 -24.96 -8.19 -28.29
CA LEU H 37 -25.41 -6.81 -28.33
C LEU H 37 -25.12 -6.27 -29.71
N ASP H 38 -24.03 -6.77 -30.31
CA ASP H 38 -23.56 -6.31 -31.60
C ASP H 38 -24.52 -6.84 -32.67
N SER H 39 -24.81 -8.14 -32.70
CA SER H 39 -25.77 -8.64 -33.72
C SER H 39 -27.08 -7.88 -33.61
N ALA H 40 -27.50 -7.70 -32.36
CA ALA H 40 -28.68 -6.93 -32.03
C ALA H 40 -28.66 -5.62 -32.78
N LEU H 41 -27.69 -4.82 -32.39
CA LEU H 41 -27.57 -3.43 -32.78
C LEU H 41 -27.46 -3.29 -34.28
N ARG H 42 -26.71 -4.24 -34.84
CA ARG H 42 -26.44 -4.31 -36.26
C ARG H 42 -27.71 -4.64 -36.99
N SER H 43 -28.65 -5.27 -36.27
CA SER H 43 -29.98 -5.59 -36.85
C SER H 43 -31.06 -4.56 -36.53
N GLY H 44 -30.68 -3.49 -35.85
CA GLY H 44 -31.48 -2.30 -35.82
C GLY H 44 -32.25 -2.23 -34.54
N ARG H 45 -31.99 -3.19 -33.66
CA ARG H 45 -32.60 -3.13 -32.35
C ARG H 45 -32.17 -1.82 -31.74
N HIS H 46 -33.13 -0.97 -31.36
CA HIS H 46 -32.78 0.22 -30.58
C HIS H 46 -32.64 -0.21 -29.12
N ILE H 47 -31.66 0.35 -28.41
CA ILE H 47 -31.32 -0.09 -27.06
C ILE H 47 -31.56 0.90 -25.92
N GLY H 48 -32.56 0.58 -25.11
CA GLY H 48 -33.00 1.49 -24.08
C GLY H 48 -32.72 1.12 -22.63
N LEU H 49 -33.53 1.67 -21.72
CA LEU H 49 -33.23 1.61 -20.30
C LEU H 49 -33.43 0.25 -19.73
N ASP H 50 -34.52 -0.35 -20.15
CA ASP H 50 -34.98 -1.61 -19.64
C ASP H 50 -33.95 -2.70 -19.74
N GLU H 51 -32.95 -2.50 -20.61
CA GLU H 51 -31.91 -3.51 -20.75
C GLU H 51 -30.75 -3.04 -19.91
N LEU H 52 -30.62 -3.57 -18.70
CA LEU H 52 -29.82 -2.85 -17.71
C LEU H 52 -28.40 -3.07 -18.08
N ASP H 53 -28.04 -4.33 -18.27
CA ASP H 53 -26.65 -4.62 -18.50
C ASP H 53 -26.12 -4.01 -19.81
N ASN H 54 -26.94 -4.09 -20.87
CA ASN H 54 -26.54 -3.53 -22.16
C ASN H 54 -26.41 -2.04 -22.10
N HIS H 55 -27.46 -1.34 -21.69
CA HIS H 55 -27.41 0.11 -21.64
C HIS H 55 -26.24 0.63 -20.81
N ALA H 56 -25.95 -0.07 -19.71
CA ALA H 56 -24.75 0.25 -18.93
C ALA H 56 -23.57 0.14 -19.85
N PHE H 57 -23.43 -1.03 -20.43
CA PHE H 57 -22.27 -1.31 -21.27
C PHE H 57 -22.03 -0.21 -22.30
N LEU H 58 -23.06 0.11 -23.08
CA LEU H 58 -23.01 1.20 -24.03
C LEU H 58 -22.69 2.53 -23.35
N MET H 59 -22.98 2.65 -22.08
CA MET H 59 -22.69 3.93 -21.48
C MET H 59 -21.21 4.03 -21.16
N ASP H 60 -20.66 2.96 -20.59
CA ASP H 60 -19.29 2.92 -20.12
C ASP H 60 -18.35 3.06 -21.31
N PHE H 61 -18.72 2.46 -22.45
CA PHE H 61 -17.87 2.48 -23.62
C PHE H 61 -18.24 3.40 -24.79
N GLN H 62 -19.21 4.26 -24.60
CA GLN H 62 -19.74 5.04 -25.70
C GLN H 62 -18.69 5.72 -26.56
N GLU H 63 -17.77 6.45 -25.99
CA GLU H 63 -16.88 7.21 -26.86
C GLU H 63 -16.20 6.29 -27.85
N TYR H 64 -15.78 5.13 -27.37
CA TYR H 64 -15.06 4.14 -28.15
C TYR H 64 -15.90 3.27 -29.09
N LEU H 65 -16.98 2.69 -28.57
CA LEU H 65 -17.96 1.99 -29.43
C LEU H 65 -18.48 2.89 -30.51
N GLU H 66 -18.48 4.20 -30.28
CA GLU H 66 -18.90 5.19 -31.24
C GLU H 66 -18.03 5.19 -32.48
N GLU H 67 -16.71 5.03 -32.30
CA GLU H 67 -15.74 4.93 -33.40
C GLU H 67 -15.77 3.57 -33.99
N PHE H 68 -15.76 2.55 -33.13
CA PHE H 68 -15.83 1.19 -33.63
C PHE H 68 -16.90 1.04 -34.66
N TYR H 69 -18.10 1.55 -34.39
CA TYR H 69 -19.16 1.46 -35.39
C TYR H 69 -18.98 2.38 -36.56
N ALA H 70 -18.36 3.54 -36.40
CA ALA H 70 -18.23 4.34 -37.60
C ALA H 70 -17.25 3.70 -38.55
N ARG H 71 -16.47 2.74 -38.07
CA ARG H 71 -15.56 1.98 -38.97
C ARG H 71 -16.32 1.32 -40.13
N TYR H 72 -17.61 1.07 -39.90
CA TYR H 72 -18.57 0.53 -40.84
C TYR H 72 -19.41 1.57 -41.59
N ASN H 73 -19.18 2.84 -41.34
CA ASN H 73 -20.00 3.87 -41.94
C ASN H 73 -21.43 4.03 -41.45
N VAL H 74 -21.60 3.83 -40.17
CA VAL H 74 -22.87 3.76 -39.55
C VAL H 74 -22.59 4.55 -38.29
N GLU H 75 -23.35 5.61 -37.96
CA GLU H 75 -23.11 6.30 -36.68
C GLU H 75 -23.76 5.52 -35.54
N LEU H 76 -23.11 5.42 -34.39
CA LEU H 76 -23.81 4.89 -33.18
C LEU H 76 -24.39 6.02 -32.29
N ILE H 77 -25.72 6.08 -32.30
CA ILE H 77 -26.48 7.27 -31.87
C ILE H 77 -27.16 7.18 -30.48
N ARG H 78 -27.04 8.25 -29.73
CA ARG H 78 -27.76 8.29 -28.51
C ARG H 78 -28.79 9.40 -28.63
N ALA H 79 -30.06 9.05 -28.51
CA ALA H 79 -31.11 10.06 -28.65
C ALA H 79 -31.10 10.84 -27.37
N PRO H 80 -31.51 12.11 -27.42
CA PRO H 80 -31.67 12.86 -26.17
C PRO H 80 -32.41 12.07 -25.07
N GLU H 81 -33.35 11.22 -25.42
CA GLU H 81 -34.09 10.44 -24.43
C GLU H 81 -33.33 9.17 -23.96
N GLY H 82 -32.08 9.03 -24.37
CA GLY H 82 -31.21 8.10 -23.70
C GLY H 82 -30.95 6.79 -24.42
N PHE H 83 -31.81 6.43 -25.36
CA PHE H 83 -31.64 5.16 -26.09
C PHE H 83 -30.59 5.23 -27.23
N PHE H 84 -29.95 4.09 -27.51
CA PHE H 84 -28.94 3.92 -28.56
C PHE H 84 -29.47 3.15 -29.78
N TYR H 85 -29.13 3.60 -30.97
CA TYR H 85 -29.49 2.83 -32.18
C TYR H 85 -28.40 3.00 -33.27
N LEU H 86 -28.31 2.10 -34.25
CA LEU H 86 -27.28 2.30 -35.29
C LEU H 86 -27.94 3.09 -36.38
N ARG H 87 -27.24 4.09 -36.88
CA ARG H 87 -27.84 4.97 -37.88
C ARG H 87 -26.89 5.17 -39.06
N PRO H 88 -26.97 4.17 -39.97
CA PRO H 88 -26.26 3.80 -41.18
C PRO H 88 -26.27 4.98 -42.11
N ARG H 89 -25.09 5.33 -42.67
CA ARG H 89 -24.91 6.46 -43.61
C ARG H 89 -25.06 6.11 -45.07
N SER H 90 -24.92 7.15 -45.89
CA SER H 90 -25.04 7.08 -47.35
C SER H 90 -24.29 5.87 -47.88
N THR H 91 -23.12 5.66 -47.29
CA THR H 91 -22.02 4.75 -47.65
C THR H 91 -22.01 3.43 -46.84
N THR H 92 -23.10 3.08 -46.18
CA THR H 92 -22.94 2.11 -45.10
C THR H 92 -22.54 0.75 -45.57
N LEU H 93 -21.65 0.14 -44.78
CA LEU H 93 -21.28 -1.28 -44.92
C LEU H 93 -22.34 -2.23 -44.44
N ILE H 94 -23.13 -1.76 -43.48
CA ILE H 94 -24.29 -2.49 -43.01
C ILE H 94 -25.54 -1.94 -43.66
N PRO H 95 -26.30 -2.82 -44.30
CA PRO H 95 -27.48 -2.55 -45.13
C PRO H 95 -28.60 -1.86 -44.36
N ARG H 96 -29.24 -0.89 -44.98
CA ARG H 96 -30.19 -0.10 -44.24
C ARG H 96 -31.57 -0.19 -44.78
N SER H 97 -32.52 -0.47 -43.89
CA SER H 97 -33.94 -0.62 -44.28
C SER H 97 -34.82 0.55 -43.80
N VAL H 98 -36.08 0.53 -44.21
CA VAL H 98 -37.02 1.58 -43.85
C VAL H 98 -38.36 0.96 -43.37
N LEU H 99 -39.10 1.65 -42.50
CA LEU H 99 -40.40 1.15 -41.98
C LEU H 99 -41.56 1.37 -42.98
N SER H 100 -42.63 0.59 -42.80
CA SER H 100 -43.86 0.68 -43.61
C SER H 100 -44.77 1.79 -43.07
N GLU H 101 -45.53 2.48 -43.92
CA GLU H 101 -46.28 3.59 -43.37
C GLU H 101 -47.20 3.09 -42.26
N LEU H 102 -47.66 1.85 -42.37
CA LEU H 102 -48.40 1.23 -41.27
C LEU H 102 -47.60 1.19 -39.96
N ASP H 103 -46.32 0.82 -40.03
CA ASP H 103 -45.53 0.68 -38.83
C ASP H 103 -45.30 2.05 -38.28
N MET H 104 -45.30 3.04 -39.16
CA MET H 104 -45.07 4.41 -38.74
C MET H 104 -46.27 4.86 -37.93
N MET H 105 -47.46 4.54 -38.40
CA MET H 105 -48.66 4.80 -37.61
C MET H 105 -48.60 4.09 -36.26
N VAL H 106 -48.59 2.76 -36.30
CA VAL H 106 -48.51 1.94 -35.11
C VAL H 106 -47.49 2.52 -34.16
N GLY H 107 -46.39 2.97 -34.72
CA GLY H 107 -45.32 3.56 -33.94
C GLY H 107 -45.67 4.88 -33.30
N LYS H 108 -46.10 5.85 -34.09
CA LYS H 108 -46.41 7.18 -33.56
C LYS H 108 -47.40 7.03 -32.41
N ILE H 109 -48.31 6.08 -32.59
CA ILE H 109 -49.32 5.79 -31.57
C ILE H 109 -48.69 5.14 -30.36
N LEU H 110 -47.87 4.12 -30.57
CA LEU H 110 -47.03 3.55 -29.51
C LEU H 110 -46.42 4.67 -28.64
N CYS H 111 -46.02 5.76 -29.30
CA CYS H 111 -45.47 6.90 -28.58
C CYS H 111 -46.55 7.59 -27.80
N TYR H 112 -47.67 7.90 -28.46
CA TYR H 112 -48.77 8.51 -27.74
C TYR H 112 -49.11 7.77 -26.45
N LEU H 113 -49.31 6.48 -26.55
CA LEU H 113 -49.50 5.70 -25.34
C LEU H 113 -48.30 5.79 -24.41
N TYR H 114 -47.07 6.02 -24.90
CA TYR H 114 -45.97 6.09 -23.93
C TYR H 114 -46.09 7.31 -23.08
N LEU H 115 -46.72 8.32 -23.65
CA LEU H 115 -46.95 9.63 -23.01
C LEU H 115 -48.36 9.89 -22.31
N SER H 116 -49.27 8.91 -22.39
CA SER H 116 -50.54 9.05 -21.67
C SER H 116 -50.45 8.46 -20.28
N PRO H 117 -51.27 9.00 -19.36
CA PRO H 117 -51.45 8.45 -18.03
C PRO H 117 -52.11 7.07 -18.09
N GLU H 118 -52.73 6.77 -19.24
CA GLU H 118 -53.18 5.42 -19.49
C GLU H 118 -52.01 4.48 -19.09
N ARG H 119 -50.76 4.85 -19.40
CA ARG H 119 -49.54 4.04 -19.03
C ARG H 119 -49.52 3.83 -17.55
N LEU H 120 -49.97 4.85 -16.81
CA LEU H 120 -49.87 4.92 -15.35
C LEU H 120 -50.74 3.88 -14.66
N ALA H 121 -52.01 3.88 -15.08
CA ALA H 121 -52.96 2.85 -14.71
C ALA H 121 -52.46 1.48 -15.19
N ASN H 122 -52.19 1.37 -16.50
CA ASN H 122 -51.93 0.08 -17.14
C ASN H 122 -50.78 -0.68 -16.48
N GLU H 123 -50.08 0.03 -15.60
CA GLU H 123 -48.85 -0.45 -14.97
C GLU H 123 -47.82 -0.74 -16.06
N GLY H 124 -48.02 -0.07 -17.18
CA GLY H 124 -47.09 -0.09 -18.29
C GLY H 124 -47.52 -0.98 -19.43
N ILE H 125 -48.31 -1.98 -19.09
CA ILE H 125 -48.74 -2.98 -20.05
C ILE H 125 -50.00 -2.63 -20.81
N PHE H 126 -49.91 -2.79 -22.13
CA PHE H 126 -51.05 -2.59 -22.98
C PHE H 126 -51.37 -3.89 -23.73
N THR H 127 -52.57 -3.93 -24.33
CA THR H 127 -53.06 -5.07 -25.11
C THR H 127 -53.20 -4.73 -26.59
N GLN H 128 -53.09 -5.74 -27.43
CA GLN H 128 -53.21 -5.57 -28.87
C GLN H 128 -54.39 -4.71 -29.23
N GLN H 129 -55.51 -5.02 -28.60
CA GLN H 129 -56.73 -4.28 -28.85
C GLN H 129 -56.47 -2.78 -28.60
N GLU H 130 -55.90 -2.42 -27.46
CA GLU H 130 -55.78 -1.01 -27.10
C GLU H 130 -55.13 -0.22 -28.22
N LEU H 131 -54.02 -0.79 -28.70
CA LEU H 131 -53.24 -0.29 -29.82
C LEU H 131 -54.16 -0.07 -31.01
N TYR H 132 -54.85 -1.14 -31.41
CA TYR H 132 -55.75 -1.06 -32.58
C TYR H 132 -56.84 0.00 -32.42
N ASP H 133 -57.27 0.17 -31.18
CA ASP H 133 -58.35 1.06 -30.88
C ASP H 133 -57.84 2.47 -31.04
N GLU H 134 -56.91 2.86 -30.18
CA GLU H 134 -56.34 4.20 -30.17
C GLU H 134 -56.00 4.62 -31.59
N LEU H 135 -55.39 3.66 -32.28
CA LEU H 135 -55.08 3.81 -33.70
C LEU H 135 -56.31 4.30 -34.46
N LEU H 136 -57.31 3.42 -34.59
CA LEU H 136 -58.49 3.71 -35.43
C LEU H 136 -59.22 5.01 -35.06
N THR H 137 -59.17 5.34 -33.76
CA THR H 137 -59.59 6.65 -33.25
C THR H 137 -58.88 7.76 -34.03
N LEU H 138 -57.55 7.83 -33.83
CA LEU H 138 -56.65 8.88 -34.35
C LEU H 138 -56.41 8.89 -35.89
N ALA H 139 -56.25 7.70 -36.45
CA ALA H 139 -55.99 7.51 -37.87
C ALA H 139 -57.23 7.74 -38.73
N ASP H 140 -57.04 7.99 -40.02
CA ASP H 140 -58.17 8.03 -40.93
C ASP H 140 -58.35 6.59 -41.25
N GLU H 141 -59.37 5.99 -40.68
CA GLU H 141 -59.58 4.56 -40.81
C GLU H 141 -59.77 4.36 -42.30
N ALA H 142 -60.18 5.46 -42.92
CA ALA H 142 -60.34 5.61 -44.36
C ALA H 142 -59.05 5.27 -45.04
N LYS H 143 -58.07 6.15 -44.86
CA LYS H 143 -56.81 6.02 -45.57
C LYS H 143 -55.93 4.93 -44.93
N LEU H 144 -56.23 4.59 -43.68
CA LEU H 144 -55.60 3.46 -42.99
C LEU H 144 -55.98 2.10 -43.58
N LEU H 145 -57.11 2.03 -44.26
CA LEU H 145 -57.47 0.80 -44.94
C LEU H 145 -56.78 0.73 -46.29
N LYS H 146 -56.59 1.89 -46.91
CA LYS H 146 -55.99 1.92 -48.23
C LYS H 146 -54.57 1.34 -48.23
N LEU H 147 -54.00 1.14 -47.05
CA LEU H 147 -52.73 0.43 -46.93
C LEU H 147 -52.93 -1.09 -46.91
N VAL H 148 -54.04 -1.52 -46.32
CA VAL H 148 -54.39 -2.94 -46.36
C VAL H 148 -54.87 -3.39 -47.74
N ASN H 149 -55.70 -2.55 -48.37
CA ASN H 149 -56.10 -2.81 -49.74
C ASN H 149 -56.27 -1.53 -50.55
N ASN H 150 -55.67 -1.46 -51.75
CA ASN H 150 -55.61 -0.21 -52.52
C ASN H 150 -56.93 0.59 -52.59
N ARG H 151 -58.03 -0.10 -52.85
CA ARG H 151 -59.33 0.52 -52.63
C ARG H 151 -60.23 -0.50 -51.96
N SER H 152 -60.61 -0.27 -50.72
CA SER H 152 -61.72 -1.00 -50.14
C SER H 152 -62.52 -0.18 -49.13
N THR H 153 -63.82 -0.06 -49.35
CA THR H 153 -64.62 0.76 -48.45
C THR H 153 -65.33 -0.09 -47.41
N GLY H 154 -64.95 0.13 -46.15
CA GLY H 154 -65.64 -0.47 -45.03
C GLY H 154 -65.77 -1.99 -45.08
N SER H 155 -64.96 -2.66 -45.89
CA SER H 155 -65.05 -4.12 -45.97
C SER H 155 -64.87 -4.71 -44.57
N ASP H 156 -65.34 -5.92 -44.36
CA ASP H 156 -65.06 -6.63 -43.10
C ASP H 156 -63.79 -7.48 -43.09
N VAL H 157 -63.47 -8.05 -44.24
CA VAL H 157 -62.31 -8.89 -44.38
C VAL H 157 -61.10 -7.99 -44.27
N ASP H 158 -61.15 -6.92 -45.05
CA ASP H 158 -60.08 -5.94 -45.07
C ASP H 158 -59.81 -5.42 -43.67
N ARG H 159 -60.87 -5.19 -42.93
CA ARG H 159 -60.75 -4.77 -41.55
C ARG H 159 -60.07 -5.84 -40.66
N GLN H 160 -60.08 -7.09 -41.07
CA GLN H 160 -59.28 -8.04 -40.33
C GLN H 160 -57.84 -7.96 -40.75
N LYS H 161 -57.61 -7.84 -42.07
CA LYS H 161 -56.24 -7.70 -42.56
C LYS H 161 -55.53 -6.53 -41.86
N LEU H 162 -56.22 -5.40 -41.66
CA LEU H 162 -55.61 -4.30 -40.92
C LEU H 162 -55.28 -4.75 -39.51
N GLN H 163 -56.00 -5.72 -38.98
CA GLN H 163 -55.67 -6.11 -37.62
C GLN H 163 -54.49 -7.07 -37.57
N GLU H 164 -54.36 -7.92 -38.57
CA GLU H 164 -53.18 -8.76 -38.64
C GLU H 164 -51.96 -7.94 -38.96
N LYS H 165 -52.04 -7.13 -40.01
CA LYS H 165 -50.98 -6.21 -40.39
C LYS H 165 -50.51 -5.31 -39.22
N VAL H 166 -51.44 -4.71 -38.47
CA VAL H 166 -51.07 -4.02 -37.21
C VAL H 166 -50.40 -4.98 -36.20
N ARG H 167 -50.84 -6.24 -36.19
CA ARG H 167 -50.18 -7.26 -35.37
C ARG H 167 -48.71 -7.42 -35.75
N SER H 168 -48.46 -7.46 -37.06
CA SER H 168 -47.11 -7.63 -37.59
C SER H 168 -46.24 -6.44 -37.32
N SER H 169 -46.69 -5.27 -37.76
CA SER H 169 -46.01 -4.03 -37.49
C SER H 169 -45.58 -4.01 -36.02
N LEU H 170 -46.51 -4.31 -35.14
CA LEU H 170 -46.16 -4.35 -33.73
C LEU H 170 -45.08 -5.38 -33.47
N ASN H 171 -45.11 -6.48 -34.22
CA ASN H 171 -44.11 -7.51 -34.01
C ASN H 171 -42.69 -7.08 -34.38
N ARG H 172 -42.54 -6.66 -35.63
CA ARG H 172 -41.31 -6.08 -36.12
C ARG H 172 -40.82 -5.00 -35.17
N LEU H 173 -41.64 -4.00 -34.89
CA LEU H 173 -41.31 -3.00 -33.89
C LEU H 173 -40.91 -3.63 -32.56
N ARG H 174 -41.34 -4.84 -32.26
CA ARG H 174 -40.78 -5.42 -31.04
C ARG H 174 -39.36 -5.91 -31.27
N ARG H 175 -39.08 -6.41 -32.47
CA ARG H 175 -37.70 -6.83 -32.77
C ARG H 175 -36.76 -5.67 -32.76
N LEU H 176 -37.27 -4.51 -33.11
CA LEU H 176 -36.52 -3.28 -33.15
C LEU H 176 -36.33 -2.66 -31.75
N GLY H 177 -36.79 -3.35 -30.69
CA GLY H 177 -36.67 -2.88 -29.33
C GLY H 177 -37.69 -1.81 -28.92
N MET H 178 -38.61 -1.50 -29.81
CA MET H 178 -39.58 -0.46 -29.50
C MET H 178 -40.37 -0.92 -28.31
N VAL H 179 -40.62 -2.22 -28.25
CA VAL H 179 -41.70 -2.80 -27.43
C VAL H 179 -41.24 -4.16 -26.88
N TRP H 180 -41.54 -4.48 -25.63
CA TRP H 180 -41.23 -5.81 -25.10
C TRP H 180 -42.52 -6.64 -25.13
N PHE H 181 -42.48 -7.89 -25.58
CA PHE H 181 -43.67 -8.75 -25.42
C PHE H 181 -43.71 -9.43 -24.07
N MET H 182 -44.93 -9.64 -23.58
CA MET H 182 -45.15 -10.18 -22.25
C MET H 182 -45.48 -11.67 -22.31
N GLY H 183 -44.61 -12.49 -21.73
CA GLY H 183 -44.87 -13.92 -21.63
C GLY H 183 -44.92 -14.71 -22.94
N HIS H 184 -45.48 -15.91 -22.89
CA HIS H 184 -45.51 -16.78 -24.06
C HIS H 184 -46.46 -16.28 -25.13
N ASP H 185 -47.43 -15.45 -24.75
CA ASP H 185 -48.38 -14.94 -25.73
C ASP H 185 -48.02 -13.54 -26.23
N SER H 186 -48.70 -13.12 -27.29
CA SER H 186 -48.45 -11.83 -27.91
C SER H 186 -49.47 -10.77 -27.51
N SER H 187 -50.41 -11.12 -26.65
CA SER H 187 -51.56 -10.25 -26.42
C SER H 187 -51.22 -8.93 -25.71
N LYS H 188 -50.27 -9.00 -24.77
CA LYS H 188 -49.89 -7.86 -23.92
C LYS H 188 -48.39 -7.52 -24.10
N PHE H 189 -48.08 -6.22 -24.23
CA PHE H 189 -46.71 -5.76 -24.47
C PHE H 189 -46.44 -4.44 -23.72
N ARG H 190 -45.16 -4.12 -23.50
CA ARG H 190 -44.72 -2.91 -22.81
C ARG H 190 -44.04 -2.00 -23.78
N ILE H 191 -44.01 -0.72 -23.44
CA ILE H 191 -43.53 0.29 -24.38
C ILE H 191 -42.19 0.96 -23.93
N THR H 192 -41.27 1.27 -24.85
CA THR H 192 -39.92 1.75 -24.49
C THR H 192 -39.62 3.13 -25.01
N GLU H 193 -38.74 3.84 -24.31
CA GLU H 193 -38.41 5.22 -24.66
C GLU H 193 -38.07 5.39 -26.11
N SER H 194 -37.57 4.31 -26.72
CA SER H 194 -37.08 4.30 -28.10
C SER H 194 -38.19 4.82 -28.99
N VAL H 195 -39.40 4.68 -28.49
CA VAL H 195 -40.54 5.02 -29.29
C VAL H 195 -40.50 6.49 -29.66
N PHE H 196 -39.82 7.29 -28.87
CA PHE H 196 -39.73 8.72 -29.12
C PHE H 196 -39.28 9.01 -30.55
N ARG H 197 -38.79 7.97 -31.18
CA ARG H 197 -38.20 8.20 -32.48
C ARG H 197 -39.34 8.54 -33.44
N PHE H 198 -40.48 7.96 -33.17
CA PHE H 198 -41.54 8.08 -34.10
C PHE H 198 -42.04 9.47 -33.95
N GLY H 199 -41.47 10.17 -32.99
CA GLY H 199 -41.96 11.50 -32.73
C GLY H 199 -41.11 12.52 -33.42
N ALA H 200 -40.04 12.03 -34.02
CA ALA H 200 -38.96 12.84 -34.52
C ALA H 200 -39.34 14.10 -35.29
N ASP H 201 -40.23 13.93 -36.26
CA ASP H 201 -40.62 15.01 -37.17
C ASP H 201 -41.11 16.20 -36.39
N VAL H 202 -41.70 15.86 -35.27
CA VAL H 202 -42.31 16.80 -34.41
C VAL H 202 -41.59 17.14 -33.11
N ARG H 203 -40.49 16.45 -32.79
CA ARG H 203 -39.95 16.55 -31.43
C ARG H 203 -39.50 17.98 -31.06
N ALA H 204 -38.88 18.68 -32.00
CA ALA H 204 -38.52 20.10 -31.82
C ALA H 204 -39.65 20.95 -32.28
N GLY H 205 -39.52 22.26 -32.13
CA GLY H 205 -40.65 23.19 -32.18
C GLY H 205 -41.03 23.57 -33.59
N ASP H 206 -40.76 22.64 -34.49
CA ASP H 206 -40.44 23.02 -35.83
C ASP H 206 -41.53 22.70 -36.80
N ASP H 207 -41.60 23.50 -37.87
CA ASP H 207 -42.50 23.25 -38.97
C ASP H 207 -42.33 21.78 -39.28
N PRO H 208 -43.41 21.06 -39.58
CA PRO H 208 -43.20 19.61 -39.75
C PRO H 208 -42.41 19.28 -41.01
N ARG H 209 -42.31 20.27 -41.90
CA ARG H 209 -41.60 20.14 -43.15
C ARG H 209 -40.09 20.31 -42.92
N GLU H 210 -39.65 21.48 -42.44
CA GLU H 210 -38.23 21.65 -42.17
C GLU H 210 -37.64 20.46 -41.46
N ALA H 211 -38.33 19.99 -40.46
CA ALA H 211 -37.86 18.86 -39.68
C ALA H 211 -37.86 17.51 -40.40
N GLN H 212 -38.61 17.37 -41.47
CA GLN H 212 -38.43 16.16 -42.24
C GLN H 212 -37.25 16.28 -43.18
N ARG H 213 -37.09 17.42 -43.85
CA ARG H 213 -36.06 17.51 -44.87
C ARG H 213 -34.76 17.29 -44.16
N ARG H 214 -34.73 17.76 -42.92
CA ARG H 214 -33.56 17.54 -42.11
C ARG H 214 -33.47 16.14 -41.55
N LEU H 215 -34.55 15.54 -41.08
CA LEU H 215 -34.40 14.16 -40.61
C LEU H 215 -34.03 13.21 -41.71
N ILE H 216 -34.24 13.64 -42.95
CA ILE H 216 -33.88 12.89 -44.14
C ILE H 216 -32.41 13.09 -44.44
N ARG H 217 -32.03 14.36 -44.41
CA ARG H 217 -30.68 14.76 -44.56
C ARG H 217 -29.77 14.12 -43.51
N ASP H 218 -30.29 13.84 -42.34
CA ASP H 218 -29.40 13.29 -41.32
C ASP H 218 -29.55 11.79 -41.21
N GLY H 219 -30.34 11.21 -42.10
CA GLY H 219 -30.38 9.76 -42.23
C GLY H 219 -31.21 9.07 -41.17
N GLU H 220 -32.02 9.87 -40.52
CA GLU H 220 -33.02 9.36 -39.57
C GLU H 220 -34.16 8.68 -40.32
N ALA H 221 -34.43 9.22 -41.51
CA ALA H 221 -35.65 8.90 -42.26
C ALA H 221 -35.52 9.08 -43.76
N MET H 222 -36.37 8.36 -44.50
CA MET H 222 -36.45 8.38 -45.96
C MET H 222 -37.88 8.70 -46.25
N PRO H 223 -38.12 9.36 -47.37
CA PRO H 223 -39.45 9.67 -47.90
C PRO H 223 -40.11 8.44 -48.53
N ILE H 224 -41.41 8.56 -48.78
CA ILE H 224 -42.21 7.46 -49.29
C ILE H 224 -42.98 7.83 -50.56
N MET I 21 -7.45 -9.75 -24.64
CA MET I 21 -7.29 -9.77 -26.10
C MET I 21 -5.82 -9.67 -26.61
N PRO I 22 -5.36 -10.73 -27.32
CA PRO I 22 -4.03 -10.94 -27.92
C PRO I 22 -3.71 -9.88 -28.91
N VAL I 23 -2.45 -9.66 -29.20
CA VAL I 23 -2.14 -8.52 -30.01
C VAL I 23 -2.53 -8.70 -31.44
N LYS I 24 -2.13 -9.79 -32.04
CA LYS I 24 -2.36 -9.86 -33.46
C LYS I 24 -3.83 -9.72 -33.76
N LEU I 25 -4.70 -10.21 -32.88
CA LEU I 25 -6.15 -10.09 -33.12
C LEU I 25 -6.64 -8.64 -33.21
N ALA I 26 -6.14 -7.80 -32.31
CA ALA I 26 -6.44 -6.38 -32.39
C ALA I 26 -5.83 -5.84 -33.69
N GLN I 27 -4.75 -6.46 -34.12
CA GLN I 27 -4.20 -6.12 -35.43
C GLN I 27 -5.17 -6.40 -36.59
N ALA I 28 -5.78 -7.58 -36.57
CA ALA I 28 -6.80 -7.93 -37.55
C ALA I 28 -7.87 -6.88 -37.50
N LEU I 29 -8.47 -6.78 -36.32
CA LEU I 29 -9.61 -5.89 -36.04
C LEU I 29 -9.39 -4.46 -36.50
N ALA I 30 -8.19 -3.96 -36.35
CA ALA I 30 -7.96 -2.62 -36.81
C ALA I 30 -7.56 -2.54 -38.30
N ASN I 31 -7.24 -3.68 -38.89
CA ASN I 31 -6.95 -3.65 -40.32
C ASN I 31 -8.14 -3.07 -41.09
N PRO I 32 -7.89 -2.17 -42.05
CA PRO I 32 -8.84 -1.53 -43.00
C PRO I 32 -9.90 -2.40 -43.67
N LEU I 33 -9.51 -3.63 -43.97
CA LEU I 33 -10.39 -4.59 -44.61
C LEU I 33 -11.35 -5.29 -43.67
N PHE I 34 -11.06 -5.21 -42.38
CA PHE I 34 -11.85 -5.93 -41.44
C PHE I 34 -13.30 -5.52 -41.41
N PRO I 35 -13.60 -4.21 -41.42
CA PRO I 35 -15.03 -3.90 -41.30
C PRO I 35 -15.84 -4.59 -42.37
N ALA I 36 -15.42 -4.46 -43.61
CA ALA I 36 -16.25 -4.96 -44.71
C ALA I 36 -16.18 -6.48 -44.78
N LEU I 37 -15.01 -6.99 -44.46
CA LEU I 37 -14.87 -8.43 -44.48
C LEU I 37 -15.79 -9.00 -43.44
N ASP I 38 -15.71 -8.55 -42.20
CA ASP I 38 -16.63 -8.96 -41.15
C ASP I 38 -18.04 -8.91 -41.71
N SER I 39 -18.43 -7.77 -42.28
CA SER I 39 -19.77 -7.67 -42.85
C SER I 39 -20.12 -8.91 -43.67
N ALA I 40 -19.39 -9.11 -44.77
CA ALA I 40 -19.61 -10.25 -45.68
C ALA I 40 -19.47 -11.62 -45.06
N LEU I 41 -18.47 -11.82 -44.21
CA LEU I 41 -18.18 -13.10 -43.61
C LEU I 41 -19.40 -13.58 -42.94
N ARG I 42 -20.03 -12.58 -42.31
CA ARG I 42 -21.24 -12.72 -41.49
C ARG I 42 -22.47 -12.88 -42.34
N SER I 43 -22.46 -12.39 -43.58
CA SER I 43 -23.64 -12.50 -44.45
C SER I 43 -23.73 -13.87 -45.13
N GLY I 44 -22.73 -14.70 -44.86
CA GLY I 44 -22.68 -16.04 -45.41
C GLY I 44 -21.66 -16.14 -46.51
N ARG I 45 -21.08 -15.01 -46.93
CA ARG I 45 -20.23 -15.01 -48.11
C ARG I 45 -19.11 -15.98 -47.85
N HIS I 46 -18.57 -16.52 -48.95
CA HIS I 46 -17.39 -17.36 -48.88
C HIS I 46 -16.29 -16.59 -49.54
N ILE I 47 -15.09 -16.71 -48.99
CA ILE I 47 -13.97 -15.91 -49.45
C ILE I 47 -12.91 -16.80 -50.08
N GLY I 48 -12.78 -16.67 -51.40
CA GLY I 48 -11.72 -17.38 -52.14
C GLY I 48 -10.61 -16.52 -52.73
N LEU I 49 -9.94 -17.01 -53.74
CA LEU I 49 -8.78 -16.31 -54.27
C LEU I 49 -9.14 -15.20 -55.22
N ASP I 50 -10.43 -14.91 -55.37
CA ASP I 50 -10.77 -13.86 -56.29
C ASP I 50 -10.85 -12.51 -55.59
N GLU I 51 -10.92 -12.59 -54.28
CA GLU I 51 -10.72 -11.45 -53.43
C GLU I 51 -9.40 -11.68 -52.75
N LEU I 52 -8.37 -10.95 -53.16
CA LEU I 52 -7.04 -11.27 -52.70
C LEU I 52 -6.71 -10.69 -51.36
N ASP I 53 -6.73 -9.38 -51.30
CA ASP I 53 -6.46 -8.68 -50.08
C ASP I 53 -7.18 -9.41 -48.95
N ASN I 54 -8.45 -9.74 -49.18
CA ASN I 54 -9.28 -10.43 -48.20
C ASN I 54 -8.88 -11.88 -47.91
N HIS I 55 -8.54 -12.64 -48.95
CA HIS I 55 -8.20 -14.06 -48.78
C HIS I 55 -6.93 -14.16 -48.00
N ALA I 56 -5.91 -13.50 -48.54
CA ALA I 56 -4.63 -13.43 -47.90
C ALA I 56 -4.85 -12.95 -46.46
N PHE I 57 -5.57 -11.85 -46.28
CA PHE I 57 -5.88 -11.29 -44.93
C PHE I 57 -6.39 -12.36 -43.97
N LEU I 58 -7.37 -13.14 -44.40
CA LEU I 58 -7.91 -14.20 -43.56
C LEU I 58 -6.90 -15.28 -43.30
N MET I 59 -5.98 -15.50 -44.23
CA MET I 59 -4.99 -16.52 -44.00
C MET I 59 -4.07 -16.03 -42.93
N ASP I 60 -3.71 -14.76 -43.01
CA ASP I 60 -2.79 -14.15 -42.08
C ASP I 60 -3.31 -14.27 -40.62
N PHE I 61 -4.52 -13.82 -40.38
CA PHE I 61 -5.07 -13.80 -39.04
C PHE I 61 -5.97 -14.97 -38.61
N GLN I 62 -6.07 -15.98 -39.46
CA GLN I 62 -7.00 -17.05 -39.20
C GLN I 62 -6.91 -17.57 -37.77
N GLU I 63 -5.71 -17.71 -37.24
CA GLU I 63 -5.59 -18.34 -35.95
C GLU I 63 -6.40 -17.56 -34.89
N TYR I 64 -6.30 -16.23 -34.91
CA TYR I 64 -7.02 -15.36 -33.99
C TYR I 64 -8.47 -15.06 -34.36
N LEU I 65 -8.67 -14.66 -35.61
CA LEU I 65 -10.03 -14.50 -36.11
C LEU I 65 -10.88 -15.71 -35.75
N GLU I 66 -10.33 -16.90 -35.93
CA GLU I 66 -11.01 -18.14 -35.61
C GLU I 66 -11.57 -18.09 -34.19
N GLU I 67 -10.86 -17.39 -33.29
CA GLU I 67 -11.27 -17.22 -31.88
C GLU I 67 -12.26 -16.12 -31.66
N PHE I 68 -12.02 -14.98 -32.30
CA PHE I 68 -12.92 -13.85 -32.21
C PHE I 68 -14.31 -14.25 -32.65
N TYR I 69 -14.40 -14.81 -33.84
CA TYR I 69 -15.71 -15.23 -34.34
C TYR I 69 -16.43 -16.29 -33.49
N ALA I 70 -15.68 -17.04 -32.70
CA ALA I 70 -16.29 -18.14 -31.92
C ALA I 70 -17.20 -17.63 -30.79
N ARG I 71 -16.94 -16.40 -30.34
CA ARG I 71 -17.64 -15.80 -29.23
C ARG I 71 -19.06 -15.46 -29.64
N TYR I 72 -19.26 -15.32 -30.95
CA TYR I 72 -20.61 -15.28 -31.51
C TYR I 72 -21.06 -16.69 -31.83
N ASN I 73 -20.31 -17.71 -31.39
CA ASN I 73 -20.74 -19.10 -31.58
C ASN I 73 -20.88 -19.51 -33.03
N VAL I 74 -19.74 -19.49 -33.69
CA VAL I 74 -19.65 -19.64 -35.12
C VAL I 74 -18.21 -20.11 -35.37
N GLU I 75 -17.98 -20.81 -36.46
CA GLU I 75 -16.65 -21.28 -36.76
C GLU I 75 -16.26 -20.71 -38.07
N LEU I 76 -15.07 -20.19 -38.11
CA LEU I 76 -14.54 -19.67 -39.34
C LEU I 76 -13.70 -20.76 -39.99
N ILE I 77 -14.24 -21.28 -41.08
CA ILE I 77 -13.69 -22.46 -41.69
C ILE I 77 -12.97 -22.15 -42.98
N ARG I 78 -11.85 -22.87 -43.17
CA ARG I 78 -11.10 -22.84 -44.42
C ARG I 78 -11.23 -24.19 -45.11
N ALA I 79 -11.94 -24.21 -46.23
CA ALA I 79 -12.13 -25.44 -46.96
C ALA I 79 -10.73 -25.85 -47.43
N PRO I 80 -10.49 -27.17 -47.62
CA PRO I 80 -9.20 -27.60 -48.14
C PRO I 80 -8.83 -26.85 -49.41
N GLU I 81 -9.74 -26.71 -50.36
CA GLU I 81 -9.44 -25.95 -51.57
C GLU I 81 -9.12 -24.49 -51.23
N GLY I 82 -9.21 -24.14 -49.97
CA GLY I 82 -8.59 -22.93 -49.47
C GLY I 82 -9.44 -21.71 -49.19
N PHE I 83 -10.75 -21.77 -49.44
CA PHE I 83 -11.63 -20.63 -49.23
C PHE I 83 -12.29 -20.61 -47.84
N PHE I 84 -12.50 -19.40 -47.33
CA PHE I 84 -13.03 -19.18 -46.00
C PHE I 84 -14.52 -18.89 -45.99
N TYR I 85 -15.25 -19.47 -45.04
CA TYR I 85 -16.66 -19.13 -44.80
C TYR I 85 -16.97 -19.27 -43.30
N LEU I 86 -18.09 -18.68 -42.84
CA LEU I 86 -18.55 -18.87 -41.45
C LEU I 86 -19.62 -19.97 -41.28
N ARG I 87 -19.33 -20.97 -40.48
CA ARG I 87 -20.31 -21.98 -40.20
C ARG I 87 -20.88 -21.83 -38.80
N PRO I 88 -22.13 -21.37 -38.72
CA PRO I 88 -22.85 -21.05 -37.52
C PRO I 88 -23.16 -22.30 -36.74
N ARG I 89 -22.85 -22.29 -35.45
CA ARG I 89 -23.24 -23.39 -34.57
C ARG I 89 -24.73 -23.33 -34.37
N SER I 90 -25.21 -24.21 -33.53
CA SER I 90 -26.63 -24.31 -33.32
C SER I 90 -27.06 -23.14 -32.44
N THR I 91 -26.15 -22.77 -31.56
CA THR I 91 -26.36 -21.71 -30.58
C THR I 91 -25.92 -20.34 -31.14
N THR I 92 -25.75 -20.22 -32.46
CA THR I 92 -25.20 -19.00 -33.08
C THR I 92 -25.87 -17.77 -32.57
N LEU I 93 -25.07 -16.82 -32.12
CA LEU I 93 -25.58 -15.51 -31.79
C LEU I 93 -25.70 -14.64 -33.02
N ILE I 94 -25.33 -15.13 -34.20
CA ILE I 94 -25.47 -14.29 -35.40
C ILE I 94 -26.68 -14.72 -36.18
N PRO I 95 -27.51 -13.74 -36.57
CA PRO I 95 -28.79 -14.05 -37.21
C PRO I 95 -28.61 -14.98 -38.40
N ARG I 96 -29.33 -16.10 -38.40
CA ARG I 96 -29.11 -17.17 -39.36
C ARG I 96 -30.29 -17.27 -40.31
N SER I 97 -30.03 -17.73 -41.53
CA SER I 97 -31.07 -17.98 -42.53
C SER I 97 -30.75 -19.28 -43.22
N VAL I 98 -31.58 -19.67 -44.19
CA VAL I 98 -31.29 -20.83 -45.05
C VAL I 98 -31.70 -20.66 -46.54
N LEU I 99 -31.08 -21.46 -47.38
CA LEU I 99 -31.33 -21.39 -48.79
C LEU I 99 -32.47 -22.34 -49.21
N SER I 100 -33.26 -21.90 -50.17
CA SER I 100 -34.34 -22.70 -50.70
C SER I 100 -33.79 -23.97 -51.35
N GLU I 101 -34.61 -25.00 -51.48
CA GLU I 101 -34.16 -26.17 -52.20
C GLU I 101 -33.62 -25.78 -53.57
N LEU I 102 -34.35 -24.92 -54.30
CA LEU I 102 -33.89 -24.40 -55.59
C LEU I 102 -32.48 -23.76 -55.47
N ASP I 103 -32.27 -22.90 -54.48
CA ASP I 103 -30.96 -22.27 -54.37
C ASP I 103 -29.90 -23.39 -54.40
N MET I 104 -30.02 -24.36 -53.49
CA MET I 104 -29.12 -25.52 -53.42
C MET I 104 -28.97 -26.41 -54.66
N MET I 105 -30.06 -26.69 -55.38
CA MET I 105 -29.84 -27.39 -56.62
C MET I 105 -28.88 -26.50 -57.43
N VAL I 106 -29.28 -25.24 -57.65
CA VAL I 106 -28.51 -24.35 -58.52
C VAL I 106 -27.04 -24.38 -58.13
N GLY I 107 -26.75 -24.45 -56.83
CA GLY I 107 -25.39 -24.66 -56.37
C GLY I 107 -24.77 -25.99 -56.76
N LYS I 108 -25.48 -27.11 -56.63
CA LYS I 108 -24.89 -28.42 -56.98
C LYS I 108 -24.60 -28.49 -58.46
N ILE I 109 -25.48 -27.86 -59.21
CA ILE I 109 -25.23 -27.57 -60.60
C ILE I 109 -24.02 -26.64 -60.87
N LEU I 110 -23.93 -25.48 -60.22
CA LEU I 110 -22.76 -24.64 -60.39
C LEU I 110 -21.50 -25.47 -60.14
N CYS I 111 -21.58 -26.41 -59.22
CA CYS I 111 -20.45 -27.28 -58.98
C CYS I 111 -20.12 -28.19 -60.17
N TYR I 112 -21.08 -29.00 -60.63
CA TYR I 112 -20.77 -29.87 -61.78
C TYR I 112 -20.23 -29.01 -62.94
N LEU I 113 -20.95 -27.96 -63.25
CA LEU I 113 -20.46 -26.96 -64.18
C LEU I 113 -19.00 -26.50 -64.01
N TYR I 114 -18.56 -26.37 -62.75
CA TYR I 114 -17.16 -25.99 -62.47
C TYR I 114 -16.28 -27.18 -62.74
N LEU I 115 -16.84 -28.36 -62.56
CA LEU I 115 -16.07 -29.56 -62.81
C LEU I 115 -15.90 -29.86 -64.30
N SER I 116 -16.80 -29.39 -65.15
CA SER I 116 -16.76 -29.83 -66.54
C SER I 116 -15.55 -29.39 -67.35
N PRO I 117 -15.31 -30.11 -68.45
CA PRO I 117 -14.52 -29.63 -69.57
C PRO I 117 -15.05 -28.28 -70.10
N GLU I 118 -16.36 -28.16 -70.24
CA GLU I 118 -16.98 -26.96 -70.78
C GLU I 118 -16.32 -25.72 -70.17
N ARG I 119 -16.00 -25.80 -68.87
CA ARG I 119 -15.48 -24.65 -68.11
C ARG I 119 -14.11 -24.23 -68.61
N LEU I 120 -13.26 -25.22 -68.79
CA LEU I 120 -11.89 -24.93 -69.16
C LEU I 120 -11.83 -24.46 -70.61
N ALA I 121 -12.69 -25.05 -71.45
CA ALA I 121 -12.92 -24.54 -72.81
C ALA I 121 -13.57 -23.15 -72.87
N ASN I 122 -14.64 -22.94 -72.10
CA ASN I 122 -15.34 -21.64 -72.11
C ASN I 122 -14.40 -20.58 -71.59
N GLU I 123 -13.39 -21.03 -70.83
CA GLU I 123 -12.45 -20.16 -70.14
C GLU I 123 -13.09 -19.50 -68.95
N GLY I 124 -13.86 -20.30 -68.22
CA GLY I 124 -14.35 -19.92 -66.91
C GLY I 124 -15.73 -19.34 -66.94
N ILE I 125 -16.17 -19.00 -68.14
CA ILE I 125 -17.32 -18.14 -68.41
C ILE I 125 -18.52 -18.90 -68.97
N PHE I 126 -19.60 -19.00 -68.19
CA PHE I 126 -20.86 -19.55 -68.75
C PHE I 126 -21.93 -18.46 -68.95
N THR I 127 -23.12 -18.89 -69.39
CA THR I 127 -24.31 -18.03 -69.51
C THR I 127 -25.49 -18.63 -68.77
N GLN I 128 -26.45 -17.79 -68.39
CA GLN I 128 -27.62 -18.21 -67.62
C GLN I 128 -28.23 -19.47 -68.19
N GLN I 129 -28.44 -19.41 -69.50
CA GLN I 129 -28.97 -20.50 -70.27
C GLN I 129 -28.21 -21.73 -69.84
N GLU I 130 -26.91 -21.76 -70.12
CA GLU I 130 -26.13 -22.97 -69.91
C GLU I 130 -26.48 -23.55 -68.53
N LEU I 131 -26.67 -22.66 -67.57
CA LEU I 131 -27.04 -23.05 -66.20
C LEU I 131 -28.35 -23.82 -66.16
N TYR I 132 -29.40 -23.13 -66.65
CA TYR I 132 -30.75 -23.66 -66.70
C TYR I 132 -30.77 -25.03 -67.38
N ASP I 133 -30.13 -25.10 -68.54
CA ASP I 133 -30.08 -26.30 -69.37
C ASP I 133 -29.49 -27.47 -68.59
N GLU I 134 -28.30 -27.28 -68.02
CA GLU I 134 -27.73 -28.40 -67.27
C GLU I 134 -28.57 -28.66 -66.00
N LEU I 135 -29.40 -27.67 -65.59
CA LEU I 135 -30.38 -27.84 -64.51
C LEU I 135 -31.49 -28.85 -64.84
N LEU I 136 -32.24 -28.57 -65.91
CA LEU I 136 -33.30 -29.46 -66.39
C LEU I 136 -32.70 -30.82 -66.76
N THR I 137 -31.44 -30.80 -67.19
CA THR I 137 -30.78 -32.04 -67.60
C THR I 137 -30.49 -32.89 -66.38
N LEU I 138 -29.55 -32.46 -65.54
CA LEU I 138 -29.03 -33.30 -64.46
C LEU I 138 -29.96 -33.56 -63.26
N ALA I 139 -31.01 -32.76 -63.17
CA ALA I 139 -31.94 -32.86 -62.06
C ALA I 139 -33.37 -33.04 -62.61
N ASP I 140 -34.29 -33.45 -61.73
CA ASP I 140 -35.66 -33.84 -62.11
C ASP I 140 -36.58 -32.63 -62.50
N GLU I 141 -37.12 -32.67 -63.72
CA GLU I 141 -37.91 -31.58 -64.33
C GLU I 141 -39.24 -31.49 -63.64
N ALA I 142 -39.69 -32.67 -63.22
CA ALA I 142 -40.94 -32.83 -62.50
C ALA I 142 -40.95 -31.96 -61.25
N LYS I 143 -40.19 -32.41 -60.25
CA LYS I 143 -40.19 -31.73 -58.97
C LYS I 143 -39.80 -30.28 -59.16
N LEU I 144 -39.03 -30.02 -60.21
CA LEU I 144 -38.47 -28.69 -60.45
C LEU I 144 -39.55 -27.70 -60.86
N LEU I 145 -40.53 -28.17 -61.63
CA LEU I 145 -41.69 -27.34 -61.96
C LEU I 145 -42.73 -27.38 -60.81
N LYS I 146 -42.72 -28.51 -60.10
CA LYS I 146 -43.51 -28.75 -58.89
C LYS I 146 -43.38 -27.58 -57.91
N LEU I 147 -42.16 -27.05 -57.78
CA LEU I 147 -41.84 -25.88 -56.96
C LEU I 147 -42.08 -24.60 -57.77
N SER I 155 -46.69 -27.20 -68.21
CA SER I 155 -47.05 -25.80 -68.42
C SER I 155 -45.96 -24.95 -69.16
N ASP I 156 -46.35 -23.88 -69.85
CA ASP I 156 -45.37 -22.90 -70.40
C ASP I 156 -44.96 -21.73 -69.45
N VAL I 157 -45.92 -21.14 -68.70
CA VAL I 157 -45.65 -19.99 -67.83
C VAL I 157 -44.89 -20.39 -66.58
N ASP I 158 -45.23 -21.55 -66.02
CA ASP I 158 -44.50 -22.07 -64.88
C ASP I 158 -43.01 -22.31 -65.22
N ARG I 159 -42.70 -22.70 -66.45
CA ARG I 159 -41.30 -22.77 -66.90
C ARG I 159 -40.56 -21.42 -66.81
N GLN I 160 -41.16 -20.33 -67.28
CA GLN I 160 -40.60 -19.00 -67.04
C GLN I 160 -40.45 -18.65 -65.56
N LYS I 161 -41.42 -18.99 -64.72
CA LYS I 161 -41.23 -18.81 -63.28
C LYS I 161 -39.96 -19.56 -62.85
N LEU I 162 -39.72 -20.73 -63.45
CA LEU I 162 -38.52 -21.53 -63.12
C LEU I 162 -37.27 -20.79 -63.54
N GLN I 163 -37.32 -20.10 -64.67
CA GLN I 163 -36.16 -19.32 -65.12
C GLN I 163 -35.88 -18.06 -64.31
N GLU I 164 -36.90 -17.24 -64.05
CA GLU I 164 -36.66 -16.06 -63.22
C GLU I 164 -36.42 -16.43 -61.75
N LYS I 165 -36.75 -17.66 -61.36
CA LYS I 165 -36.40 -18.22 -60.03
C LYS I 165 -34.95 -18.75 -59.95
N VAL I 166 -34.49 -19.32 -61.06
CA VAL I 166 -33.06 -19.60 -61.25
C VAL I 166 -32.21 -18.30 -61.29
N ARG I 167 -32.52 -17.33 -62.14
CA ARG I 167 -31.72 -16.12 -62.13
C ARG I 167 -31.53 -15.56 -60.72
N SER I 168 -32.51 -15.85 -59.86
CA SER I 168 -32.50 -15.40 -58.46
C SER I 168 -31.98 -16.46 -57.47
N SER I 169 -31.59 -17.64 -57.95
CA SER I 169 -30.60 -18.43 -57.21
C SER I 169 -29.12 -18.04 -57.59
N LEU I 170 -29.01 -17.45 -58.78
CA LEU I 170 -27.71 -16.93 -59.21
C LEU I 170 -27.37 -15.79 -58.31
N ASN I 171 -28.33 -14.95 -57.95
CA ASN I 171 -27.96 -13.84 -57.10
C ASN I 171 -27.89 -14.15 -55.64
N ARG I 172 -28.52 -15.21 -55.19
CA ARG I 172 -28.32 -15.47 -53.77
C ARG I 172 -26.93 -16.05 -53.74
N LEU I 173 -26.59 -16.73 -54.82
CA LEU I 173 -25.30 -17.36 -54.83
C LEU I 173 -24.08 -16.48 -55.32
N ARG I 174 -24.36 -15.33 -55.91
CA ARG I 174 -23.32 -14.39 -56.21
C ARG I 174 -22.96 -13.81 -54.87
N ARG I 175 -23.97 -13.27 -54.21
CA ARG I 175 -23.78 -12.64 -52.92
C ARG I 175 -23.01 -13.55 -51.99
N LEU I 176 -23.15 -14.84 -52.19
CA LEU I 176 -22.44 -15.82 -51.37
C LEU I 176 -20.96 -16.18 -51.78
N GLY I 177 -20.47 -15.59 -52.88
CA GLY I 177 -19.10 -15.78 -53.33
C GLY I 177 -18.95 -17.04 -54.16
N MET I 178 -20.03 -17.41 -54.83
CA MET I 178 -20.04 -18.65 -55.61
C MET I 178 -19.86 -18.45 -57.11
N VAL I 179 -19.70 -17.20 -57.53
CA VAL I 179 -19.87 -16.84 -58.92
C VAL I 179 -19.58 -15.34 -59.06
N TRP I 180 -19.20 -14.83 -60.23
CA TRP I 180 -19.02 -13.38 -60.43
C TRP I 180 -19.70 -13.04 -61.73
N PHE I 181 -20.29 -11.85 -61.82
CA PHE I 181 -20.95 -11.47 -63.07
C PHE I 181 -19.97 -10.68 -63.90
N MET I 182 -20.07 -10.80 -65.22
CA MET I 182 -19.21 -10.05 -66.10
C MET I 182 -19.90 -8.82 -66.68
N ASP I 185 -24.34 -6.03 -66.32
CA ASP I 185 -25.04 -7.11 -67.00
C ASP I 185 -24.84 -8.48 -66.34
N SER I 186 -25.94 -9.23 -66.16
CA SER I 186 -25.91 -10.59 -65.62
C SER I 186 -25.90 -11.76 -66.63
N SER I 187 -25.73 -11.45 -67.92
CA SER I 187 -25.77 -12.48 -68.95
C SER I 187 -24.81 -13.67 -68.73
N LYS I 188 -23.55 -13.34 -68.47
CA LYS I 188 -22.44 -14.30 -68.36
C LYS I 188 -21.73 -14.19 -67.02
N PHE I 189 -21.40 -15.32 -66.44
CA PHE I 189 -20.81 -15.32 -65.11
C PHE I 189 -19.69 -16.38 -64.91
N ARG I 190 -18.63 -16.00 -64.18
CA ARG I 190 -17.57 -16.93 -63.73
C ARG I 190 -18.03 -17.71 -62.53
N ILE I 191 -17.43 -18.85 -62.31
CA ILE I 191 -17.63 -19.65 -61.10
C ILE I 191 -16.37 -19.76 -60.21
N THR I 192 -16.53 -20.03 -58.90
CA THR I 192 -15.43 -19.96 -57.92
C THR I 192 -15.19 -21.25 -57.16
N GLU I 193 -14.03 -21.42 -56.54
CA GLU I 193 -13.72 -22.63 -55.75
C GLU I 193 -14.64 -22.76 -54.55
N SER I 194 -15.26 -21.65 -54.20
CA SER I 194 -16.12 -21.61 -53.06
C SER I 194 -17.22 -22.61 -53.36
N VAL I 195 -17.47 -22.76 -54.65
CA VAL I 195 -18.48 -23.69 -55.18
C VAL I 195 -18.31 -25.11 -54.63
N PHE I 196 -17.09 -25.51 -54.30
CA PHE I 196 -16.83 -26.86 -53.77
C PHE I 196 -17.58 -27.13 -52.46
N ARG I 197 -18.21 -26.08 -51.95
CA ARG I 197 -19.16 -26.18 -50.84
C ARG I 197 -20.35 -27.12 -51.19
N PHE I 198 -20.93 -26.94 -52.38
CA PHE I 198 -22.07 -27.71 -52.83
C PHE I 198 -21.63 -29.02 -53.39
N GLY I 199 -20.34 -29.30 -53.33
CA GLY I 199 -19.81 -30.48 -54.00
C GLY I 199 -19.96 -31.78 -53.23
N ALA I 200 -20.10 -32.86 -54.00
CA ALA I 200 -20.40 -34.21 -53.52
C ALA I 200 -19.28 -34.81 -52.67
N ASP I 201 -19.54 -35.88 -51.92
CA ASP I 201 -18.41 -36.57 -51.33
C ASP I 201 -17.73 -37.43 -52.39
N VAL I 202 -16.44 -37.18 -52.61
CA VAL I 202 -15.70 -37.86 -53.66
C VAL I 202 -14.64 -38.81 -53.06
N ARG I 203 -14.56 -40.03 -53.60
CA ARG I 203 -13.57 -40.98 -53.13
C ARG I 203 -12.16 -40.61 -53.61
N ALA I 204 -11.14 -41.14 -52.94
CA ALA I 204 -9.80 -40.64 -53.19
C ALA I 204 -9.42 -40.47 -54.69
N GLY I 205 -9.59 -41.51 -55.52
CA GLY I 205 -9.17 -41.40 -56.89
C GLY I 205 -10.19 -40.92 -57.90
N ASP I 206 -11.46 -41.05 -57.58
CA ASP I 206 -12.51 -40.97 -58.60
C ASP I 206 -12.75 -39.63 -59.27
N ASP I 207 -13.32 -39.70 -60.46
CA ASP I 207 -13.74 -38.52 -61.20
C ASP I 207 -14.75 -37.78 -60.34
N PRO I 208 -14.53 -36.48 -60.12
CA PRO I 208 -15.61 -35.84 -59.39
C PRO I 208 -17.01 -36.14 -59.99
N ARG I 209 -17.12 -36.01 -61.31
CA ARG I 209 -18.43 -35.90 -61.98
C ARG I 209 -19.50 -36.89 -61.55
N GLU I 210 -19.17 -38.18 -61.48
CA GLU I 210 -20.21 -39.19 -61.22
C GLU I 210 -20.81 -39.01 -59.84
N ALA I 211 -19.96 -38.92 -58.83
CA ALA I 211 -20.45 -38.70 -57.46
C ALA I 211 -21.33 -37.45 -57.43
N GLN I 212 -20.87 -36.37 -58.10
CA GLN I 212 -21.68 -35.13 -58.19
C GLN I 212 -23.07 -35.39 -58.77
N ARG I 213 -23.18 -36.05 -59.92
CA ARG I 213 -24.53 -36.19 -60.50
C ARG I 213 -25.37 -37.20 -59.71
N ARG I 214 -24.69 -38.08 -58.97
CA ARG I 214 -25.35 -38.99 -58.04
C ARG I 214 -25.93 -38.24 -56.83
N LEU I 215 -25.29 -37.13 -56.46
CA LEU I 215 -25.81 -36.22 -55.44
C LEU I 215 -26.89 -35.38 -56.05
N ILE I 216 -26.65 -34.92 -57.27
CA ILE I 216 -27.70 -34.16 -57.94
C ILE I 216 -29.07 -34.93 -58.05
N ARG I 217 -29.03 -36.26 -57.89
CA ARG I 217 -30.17 -37.18 -58.08
C ARG I 217 -30.62 -37.70 -56.72
#